data_8FBF
#
_entry.id   8FBF
#
_cell.length_a   106.316
_cell.length_b   83.192
_cell.length_c   108.421
_cell.angle_alpha   90.00
_cell.angle_beta   105.77
_cell.angle_gamma   90.00
#
_symmetry.space_group_name_H-M   'P 1 21 1'
#
loop_
_entity.id
_entity.type
_entity.pdbx_description
1 polymer 'Neurotoxin complex component Orf-X2'
2 non-polymer 'SULFATE ION'
3 water water
#
_entity_poly.entity_id   1
_entity_poly.type   'polypeptide(L)'
_entity_poly.pdbx_seq_one_letter_code
;(MSE)TNLKPYIIYDWKETILKNSKDNYSINESIPKIFSKKICGGRFFNSTLSGNWKSWTLTDEGEGPHPVLKCTIDNGY
LEIYSNTSSEKHSLKDIEIKVC(MSE)SIKPNSDGTHSLCKNSFYIKTNSLKLSEDRLILSHCLDKLILAWFKDNHKYIE
LFINRSRIQTRVEGDLSLLGWDIESSVSYKT(MSE)NEFIKKDNLYEKKFHQY(MSE)EVRRNEYTIDGEFGPWQ(MSE)
TTGADGQNIRFLCPIKSATYKINDDVYIAKPDNFIIIQVDLKYFDSKTTIIDPSGLNNGQQFNLKVKTDSTDEINAVILV
GSRITDVNEDLYPGDDVSLEIVFKTWFNANIQKFTQIFSYILLNETSKIPEYQWLKPTQISYGSASVT(MSE)PDPSNPN
KELSNLDASTFAA(MSE)A(MSE)VENHKNDRPNHAVDNRFLELSKTPAAFAIS(MSE)PEFLKHFLVTGLQA(MSE)QI
DNLDAFEVSSENLVITNKKKINFGKIQDQNRQVDALIEPNNFKLAIQNNQVVVEIVDATWQQVVGVTGHFGYRQAYNLIL
KNENNVYKP(MSE)LEESGDVTISY(MSE)VTEEAWKTTQDAIISATVGLVVGTIIGTAFSKLSDKLYKFLKSKFIVKNK
KASLKISGKDINEVIE(MSE)SDISKPQLLSIKKANAKISTEEVGLISQNGSTSLENLAIFKNKPRPIGERVQILGLKLV
SGLITTFGWSIGFVLPDILKDVINANINNNFEVLPGIQQFTQQCIGSIQWPDNSELKIDFAKLQGVYLLGGNLVKIPESN
;
_entity_poly.pdbx_strand_id   A,B
#
# COMPACT_ATOMS: atom_id res chain seq x y z
N ASN A 3 -11.73 18.69 6.99
CA ASN A 3 -11.80 20.06 6.51
C ASN A 3 -13.25 20.57 6.49
N LEU A 4 -14.09 19.93 5.70
CA LEU A 4 -15.54 20.25 5.64
C LEU A 4 -16.36 19.55 6.70
N LYS A 5 -17.34 20.23 7.29
CA LYS A 5 -18.33 19.54 8.11
C LYS A 5 -19.22 18.75 7.17
N PRO A 6 -19.65 17.55 7.58
CA PRO A 6 -20.45 16.73 6.67
C PRO A 6 -21.86 17.24 6.49
N TYR A 7 -22.45 16.92 5.34
CA TYR A 7 -23.86 17.21 5.10
C TYR A 7 -24.65 15.92 5.23
N ILE A 8 -25.76 16.00 5.93
CA ILE A 8 -26.58 14.82 6.21
C ILE A 8 -27.84 14.80 5.37
N ILE A 9 -27.94 13.81 4.49
CA ILE A 9 -29.14 13.58 3.71
C ILE A 9 -30.13 12.76 4.50
N TYR A 10 -31.36 13.26 4.59
CA TYR A 10 -32.43 12.45 5.15
C TYR A 10 -33.18 11.81 4.01
N ASP A 11 -33.02 10.51 3.87
CA ASP A 11 -33.64 9.81 2.77
C ASP A 11 -34.98 9.22 3.23
N TRP A 12 -36.00 10.05 3.22
CA TRP A 12 -37.34 9.62 3.62
C TRP A 12 -37.89 8.55 2.67
N LYS A 13 -37.66 8.74 1.38
CA LYS A 13 -38.14 7.79 0.40
C LYS A 13 -37.59 6.39 0.65
N GLU A 14 -36.29 6.29 0.91
CA GLU A 14 -35.66 4.99 1.18
C GLU A 14 -36.09 4.44 2.54
N THR A 15 -36.35 5.33 3.50
CA THR A 15 -36.80 4.90 4.82
C THR A 15 -38.07 4.09 4.70
N ILE A 16 -39.03 4.62 3.94
CA ILE A 16 -40.33 3.98 3.78
C ILE A 16 -40.19 2.68 2.98
N LEU A 17 -39.40 2.71 1.91
CA LEU A 17 -39.17 1.54 1.07
C LEU A 17 -38.50 0.41 1.85
N LYS A 18 -37.51 0.76 2.64
CA LYS A 18 -36.78 -0.23 3.41
C LYS A 18 -37.62 -0.78 4.57
N ASN A 19 -38.42 0.07 5.21
CA ASN A 19 -39.25 -0.44 6.31
C ASN A 19 -40.35 -1.35 5.78
N SER A 20 -40.87 -0.99 4.61
CA SER A 20 -41.89 -1.80 3.94
C SER A 20 -41.32 -3.15 3.52
N LYS A 21 -40.14 -3.13 2.91
CA LYS A 21 -39.49 -4.38 2.52
C LYS A 21 -39.25 -5.26 3.75
N ASP A 22 -38.94 -4.62 4.87
CA ASP A 22 -38.61 -5.33 6.11
C ASP A 22 -39.83 -5.71 6.92
N ASN A 23 -40.99 -5.24 6.48
CA ASN A 23 -42.22 -5.37 7.24
C ASN A 23 -42.07 -4.78 8.65
N TYR A 24 -41.32 -3.69 8.73
CA TYR A 24 -41.12 -3.00 10.00
C TYR A 24 -42.08 -1.82 10.12
N SER A 25 -42.90 -1.82 11.16
CA SER A 25 -43.83 -0.71 11.39
C SER A 25 -44.02 -0.49 12.88
N ILE A 26 -44.03 0.77 13.28
CA ILE A 26 -44.38 1.14 14.65
C ILE A 26 -45.60 2.04 14.66
N ASN A 27 -46.34 2.05 13.55
CA ASN A 27 -47.45 3.00 13.36
C ASN A 27 -48.50 2.94 14.45
N GLU A 28 -48.72 1.76 15.01
CA GLU A 28 -49.78 1.60 16.00
C GLU A 28 -49.21 1.47 17.41
N SER A 29 -47.94 1.80 17.57
N SER A 29 -47.96 1.85 17.57
CA SER A 29 -47.27 1.63 18.86
CA SER A 29 -47.26 1.74 18.84
C SER A 29 -47.43 2.85 19.76
C SER A 29 -47.48 2.95 19.75
N ILE A 30 -48.13 3.86 19.26
N ILE A 30 -48.06 4.00 19.20
CA ILE A 30 -48.24 5.15 19.93
CA ILE A 30 -48.20 5.28 19.88
C ILE A 30 -49.18 5.13 21.12
C ILE A 30 -49.18 5.20 21.05
N PRO A 31 -48.98 6.05 22.08
CA PRO A 31 -49.92 6.21 23.18
C PRO A 31 -51.22 6.75 22.61
N LYS A 32 -52.29 5.99 22.75
CA LYS A 32 -53.50 6.26 22.00
C LYS A 32 -54.31 7.40 22.59
N ILE A 33 -54.40 7.45 23.91
CA ILE A 33 -55.20 8.48 24.59
C ILE A 33 -54.59 9.87 24.42
N PHE A 34 -55.36 10.81 23.88
CA PHE A 34 -54.88 12.19 23.85
C PHE A 34 -55.97 13.15 24.29
N SER A 35 -55.55 14.25 24.92
CA SER A 35 -56.49 15.32 25.23
C SER A 35 -55.75 16.64 25.43
N LYS A 36 -56.41 17.75 25.12
CA LYS A 36 -55.81 19.06 25.29
C LYS A 36 -56.87 20.12 25.49
N LYS A 37 -56.57 21.09 26.34
CA LYS A 37 -57.46 22.24 26.52
C LYS A 37 -56.73 23.55 26.25
N ILE A 38 -57.41 24.46 25.57
CA ILE A 38 -56.91 25.82 25.44
C ILE A 38 -57.93 26.77 26.04
N CYS A 39 -57.59 27.39 27.16
CA CYS A 39 -58.51 28.25 27.89
C CYS A 39 -57.97 29.67 28.02
N GLY A 40 -58.83 30.60 28.44
CA GLY A 40 -58.41 31.98 28.65
C GLY A 40 -58.75 32.92 27.49
N GLY A 41 -59.31 32.36 26.43
CA GLY A 41 -59.62 33.13 25.23
C GLY A 41 -60.70 34.18 25.41
N ARG A 42 -60.65 35.22 24.57
CA ARG A 42 -61.59 36.32 24.68
C ARG A 42 -63.05 35.88 24.52
N PHE A 43 -63.34 35.12 23.47
CA PHE A 43 -64.72 34.72 23.20
C PHE A 43 -65.02 33.26 23.52
N PHE A 44 -64.03 32.38 23.39
CA PHE A 44 -64.25 30.97 23.66
C PHE A 44 -63.00 30.20 24.07
N ASN A 45 -63.22 29.05 24.70
CA ASN A 45 -62.15 28.07 24.96
C ASN A 45 -62.38 26.86 24.07
N SER A 46 -61.40 25.98 24.01
CA SER A 46 -61.55 24.81 23.16
C SER A 46 -60.89 23.59 23.81
N THR A 47 -61.43 22.44 23.46
CA THR A 47 -61.03 21.20 24.09
C THR A 47 -61.02 20.12 23.02
N LEU A 48 -60.05 19.22 23.11
N LEU A 48 -60.03 19.25 23.03
CA LEU A 48 -59.96 18.08 22.21
CA LEU A 48 -60.18 18.04 22.26
C LEU A 48 -59.70 16.83 23.04
C LEU A 48 -59.85 16.87 23.13
N SER A 49 -60.40 15.73 22.75
CA SER A 49 -60.20 14.50 23.48
C SER A 49 -60.47 13.35 22.53
N GLY A 50 -59.65 12.33 22.59
CA GLY A 50 -59.85 11.20 21.72
C GLY A 50 -58.77 10.15 21.80
N ASN A 51 -58.73 9.30 20.77
CA ASN A 51 -57.79 8.21 20.68
C ASN A 51 -57.16 8.15 19.30
N TRP A 52 -55.83 8.13 19.25
CA TRP A 52 -55.15 7.95 17.97
C TRP A 52 -55.45 6.58 17.39
N LYS A 53 -55.48 6.49 16.06
CA LYS A 53 -55.50 5.21 15.39
C LYS A 53 -54.07 4.79 15.05
N SER A 54 -53.28 5.77 14.61
CA SER A 54 -51.92 5.52 14.11
C SER A 54 -51.16 6.81 13.81
N TRP A 55 -49.84 6.74 13.93
CA TRP A 55 -48.98 7.77 13.36
C TRP A 55 -48.18 7.12 12.24
N THR A 56 -48.04 7.81 11.12
CA THR A 56 -47.30 7.26 10.00
C THR A 56 -46.30 8.28 9.50
N LEU A 57 -45.01 7.92 9.55
CA LEU A 57 -43.99 8.72 8.89
C LEU A 57 -44.16 8.60 7.39
N THR A 58 -44.29 9.73 6.69
CA THR A 58 -44.42 9.67 5.23
C THR A 58 -43.08 9.93 4.55
N ASP A 59 -43.03 9.68 3.25
CA ASP A 59 -41.78 9.88 2.52
C ASP A 59 -41.72 11.28 1.91
N GLU A 60 -42.53 12.17 2.44
CA GLU A 60 -42.73 13.51 1.85
C GLU A 60 -41.71 14.54 2.32
N GLY A 61 -40.97 14.21 3.36
CA GLY A 61 -40.12 15.19 4.02
C GLY A 61 -39.17 15.92 3.09
N GLU A 62 -38.99 17.21 3.33
CA GLU A 62 -38.06 18.03 2.54
C GLU A 62 -36.95 18.48 3.47
N GLY A 63 -35.84 17.77 3.47
CA GLY A 63 -34.78 18.06 4.42
C GLY A 63 -35.02 17.37 5.75
N PRO A 64 -34.40 17.91 6.84
CA PRO A 64 -34.50 17.33 8.18
C PRO A 64 -35.85 17.67 8.82
N HIS A 65 -36.91 17.38 8.10
CA HIS A 65 -38.24 17.81 8.49
C HIS A 65 -39.24 16.68 8.27
N PRO A 66 -39.27 15.70 9.18
CA PRO A 66 -40.18 14.56 9.02
C PRO A 66 -41.64 14.97 9.01
N VAL A 67 -42.41 14.31 8.15
CA VAL A 67 -43.84 14.54 8.09
C VAL A 67 -44.56 13.34 8.69
N LEU A 68 -45.36 13.59 9.73
CA LEU A 68 -46.12 12.54 10.37
C LEU A 68 -47.59 12.64 10.01
N LYS A 69 -48.11 11.61 9.35
CA LYS A 69 -49.55 11.54 9.12
C LYS A 69 -50.18 10.89 10.32
N CYS A 70 -50.96 11.66 11.08
CA CYS A 70 -51.55 11.16 12.33
C CYS A 70 -53.06 11.03 12.16
N THR A 71 -53.56 9.82 12.36
CA THR A 71 -54.96 9.52 12.14
C THR A 71 -55.70 9.28 13.45
N ILE A 72 -56.78 10.02 13.63
CA ILE A 72 -57.62 9.92 14.83
C ILE A 72 -58.62 8.78 14.66
N ASP A 73 -58.69 7.89 15.64
CA ASP A 73 -59.63 6.78 15.60
C ASP A 73 -61.04 7.29 15.96
N ASN A 74 -61.11 8.00 17.09
CA ASN A 74 -62.34 8.59 17.55
C ASN A 74 -62.00 9.75 18.46
N GLY A 75 -62.99 10.59 18.72
CA GLY A 75 -62.76 11.73 19.59
C GLY A 75 -63.62 12.90 19.21
N TYR A 76 -63.53 13.96 19.98
CA TYR A 76 -64.33 15.15 19.72
C TYR A 76 -63.50 16.41 19.88
N LEU A 77 -63.89 17.44 19.15
CA LEU A 77 -63.41 18.79 19.38
C LEU A 77 -64.59 19.60 19.91
N GLU A 78 -64.41 20.27 21.03
CA GLU A 78 -65.47 21.13 21.58
C GLU A 78 -64.98 22.57 21.69
N ILE A 79 -65.83 23.50 21.26
CA ILE A 79 -65.57 24.93 21.39
C ILE A 79 -66.69 25.49 22.25
N TYR A 80 -66.35 26.22 23.31
CA TYR A 80 -67.38 26.66 24.24
C TYR A 80 -67.07 28.02 24.85
N SER A 81 -68.12 28.83 24.97
CA SER A 81 -68.09 30.04 25.77
C SER A 81 -68.88 29.78 27.04
N ASN A 82 -69.08 30.82 27.82
CA ASN A 82 -69.88 30.71 29.03
C ASN A 82 -71.36 30.45 28.73
N THR A 83 -71.80 30.73 27.50
CA THR A 83 -73.22 30.61 27.19
C THR A 83 -73.57 29.69 26.00
N SER A 84 -72.55 29.19 25.30
CA SER A 84 -72.80 28.25 24.21
C SER A 84 -71.62 27.31 23.96
N SER A 85 -71.90 26.20 23.28
CA SER A 85 -70.85 25.25 22.93
C SER A 85 -71.27 24.42 21.73
N GLU A 86 -70.30 23.89 21.01
CA GLU A 86 -70.58 22.93 19.96
C GLU A 86 -69.57 21.80 20.01
N LYS A 87 -70.01 20.62 19.58
CA LYS A 87 -69.18 19.44 19.63
C LYS A 87 -69.07 18.84 18.22
N HIS A 88 -67.87 18.41 17.84
CA HIS A 88 -67.65 17.81 16.53
C HIS A 88 -66.80 16.54 16.62
N SER A 89 -67.27 15.46 16.00
CA SER A 89 -66.52 14.20 15.95
C SER A 89 -65.21 14.33 15.19
N LEU A 90 -64.16 13.67 15.69
CA LEU A 90 -62.88 13.66 15.02
C LEU A 90 -62.57 12.30 14.39
N LYS A 91 -63.58 11.44 14.30
CA LYS A 91 -63.41 10.10 13.74
C LYS A 91 -62.76 10.09 12.36
N ASP A 92 -61.69 9.30 12.22
CA ASP A 92 -60.98 9.11 10.95
C ASP A 92 -60.32 10.36 10.39
N ILE A 93 -60.22 11.41 11.19
CA ILE A 93 -59.54 12.62 10.74
C ILE A 93 -58.03 12.38 10.66
N GLU A 94 -57.40 12.88 9.59
CA GLU A 94 -55.96 12.73 9.42
C GLU A 94 -55.30 14.10 9.42
N ILE A 95 -54.28 14.26 10.25
CA ILE A 95 -53.53 15.51 10.28
C ILE A 95 -52.06 15.23 9.98
N LYS A 96 -51.52 15.97 9.03
CA LYS A 96 -50.10 15.88 8.72
C LYS A 96 -49.32 16.96 9.44
N VAL A 97 -48.50 16.51 10.39
CA VAL A 97 -47.73 17.41 11.23
C VAL A 97 -46.30 17.35 10.77
N CYS A 98 -45.65 18.51 10.67
CA CYS A 98 -44.25 18.55 10.27
C CYS A 98 -43.44 19.18 11.40
N SER A 100 -38.90 19.84 12.89
CA SER A 100 -37.49 19.91 12.52
C SER A 100 -36.65 19.04 13.45
N ILE A 101 -35.74 18.27 12.87
CA ILE A 101 -34.86 17.44 13.68
C ILE A 101 -33.41 17.77 13.37
N LYS A 102 -32.53 17.34 14.25
CA LYS A 102 -31.10 17.49 13.99
C LYS A 102 -30.38 16.25 14.46
N PRO A 103 -29.37 15.82 13.69
CA PRO A 103 -28.69 14.56 14.01
C PRO A 103 -27.73 14.68 15.18
N ASN A 104 -27.55 13.57 15.87
CA ASN A 104 -26.51 13.45 16.88
C ASN A 104 -25.47 12.45 16.39
N SER A 105 -24.22 12.64 16.78
CA SER A 105 -23.16 11.69 16.42
C SER A 105 -23.38 10.41 17.22
N ASP A 106 -24.32 10.52 18.16
CA ASP A 106 -24.87 9.41 18.91
C ASP A 106 -25.55 8.40 17.98
N GLY A 107 -26.08 8.90 16.87
CA GLY A 107 -26.87 8.08 15.97
C GLY A 107 -28.33 8.44 16.11
N THR A 108 -28.65 9.22 17.14
CA THR A 108 -30.03 9.62 17.40
C THR A 108 -30.34 10.98 16.81
N HIS A 109 -31.63 11.31 16.77
CA HIS A 109 -32.12 12.59 16.29
C HIS A 109 -32.72 13.42 17.41
N SER A 110 -32.39 14.70 17.46
CA SER A 110 -33.00 15.60 18.43
C SER A 110 -34.13 16.36 17.78
N LEU A 111 -35.30 16.27 18.40
CA LEU A 111 -36.47 16.94 17.89
C LEU A 111 -36.54 18.35 18.43
N CYS A 112 -36.59 19.33 17.53
CA CYS A 112 -36.72 20.72 17.94
C CYS A 112 -38.11 20.97 18.52
N LYS A 113 -38.17 21.52 19.73
CA LYS A 113 -39.41 21.54 20.51
C LYS A 113 -40.47 22.49 19.95
N ASN A 114 -40.03 23.65 19.47
CA ASN A 114 -40.95 24.65 18.95
C ASN A 114 -41.09 24.61 17.44
N SER A 115 -40.89 23.45 16.84
CA SER A 115 -40.76 23.39 15.39
C SER A 115 -42.00 22.84 14.69
N PHE A 116 -42.99 22.41 15.47
CA PHE A 116 -44.15 21.75 14.88
C PHE A 116 -45.00 22.71 14.05
N TYR A 117 -45.46 22.25 12.89
CA TYR A 117 -46.50 22.97 12.17
C TYR A 117 -47.42 22.00 11.45
N ILE A 118 -48.61 22.47 11.09
CA ILE A 118 -49.59 21.64 10.42
C ILE A 118 -49.54 21.85 8.92
N LYS A 119 -49.34 20.77 8.18
CA LYS A 119 -49.26 20.85 6.72
C LYS A 119 -50.65 20.81 6.13
N THR A 120 -51.45 19.88 6.62
CA THR A 120 -52.81 19.65 6.15
C THR A 120 -53.62 18.96 7.24
N ASN A 121 -54.93 19.04 7.16
CA ASN A 121 -55.80 18.12 7.89
C ASN A 121 -57.00 17.82 7.00
N SER A 122 -57.62 16.67 7.19
CA SER A 122 -58.61 16.17 6.25
C SER A 122 -60.03 16.68 6.51
N LEU A 123 -60.17 17.60 7.45
CA LEU A 123 -61.47 18.10 7.87
C LEU A 123 -62.19 18.74 6.67
N LYS A 124 -61.39 19.25 5.73
CA LYS A 124 -61.85 19.85 4.48
C LYS A 124 -62.62 21.14 4.71
N ARG A 129 -66.16 24.06 8.50
CA ARG A 129 -65.91 25.49 8.60
C ARG A 129 -64.44 25.78 8.87
N LEU A 130 -64.07 27.05 8.77
CA LEU A 130 -62.70 27.50 8.97
C LEU A 130 -62.24 27.31 10.41
N ILE A 131 -63.12 27.72 11.33
CA ILE A 131 -62.76 27.83 12.74
C ILE A 131 -62.51 26.46 13.39
N LEU A 132 -63.29 25.45 13.02
CA LEU A 132 -63.08 24.10 13.54
C LEU A 132 -61.70 23.58 13.16
N SER A 133 -61.33 23.78 11.90
CA SER A 133 -60.04 23.33 11.40
C SER A 133 -58.91 24.09 12.10
N HIS A 134 -59.09 25.40 12.25
CA HIS A 134 -58.15 26.23 12.99
C HIS A 134 -58.00 25.75 14.43
N CYS A 135 -59.11 25.63 15.14
CA CYS A 135 -59.06 25.19 16.55
C CYS A 135 -58.39 23.82 16.70
N LEU A 136 -58.71 22.90 15.81
CA LEU A 136 -58.10 21.56 15.82
C LEU A 136 -56.59 21.64 15.63
N ASP A 137 -56.15 22.50 14.71
CA ASP A 137 -54.73 22.66 14.47
C ASP A 137 -54.03 23.19 15.72
N LYS A 138 -54.65 24.17 16.37
CA LYS A 138 -54.05 24.77 17.55
C LYS A 138 -53.95 23.76 18.69
N LEU A 139 -55.00 22.97 18.87
CA LEU A 139 -55.00 21.94 19.91
C LEU A 139 -53.98 20.83 19.63
N ILE A 140 -53.95 20.33 18.40
CA ILE A 140 -52.98 19.30 18.01
C ILE A 140 -51.54 19.78 18.20
N LEU A 141 -51.28 21.04 17.83
CA LEU A 141 -49.94 21.60 17.97
C LEU A 141 -49.54 21.72 19.43
N ALA A 142 -50.48 22.14 20.27
CA ALA A 142 -50.21 22.32 21.68
C ALA A 142 -49.90 20.97 22.30
N TRP A 143 -50.64 19.96 21.86
CA TRP A 143 -50.44 18.60 22.35
C TRP A 143 -49.07 18.05 21.94
N PHE A 144 -48.71 18.25 20.67
CA PHE A 144 -47.42 17.77 20.19
C PHE A 144 -46.30 18.41 21.01
N LYS A 145 -46.39 19.70 21.27
CA LYS A 145 -45.40 20.39 22.10
C LYS A 145 -45.34 19.80 23.51
N ASP A 146 -46.50 19.59 24.13
CA ASP A 146 -46.53 18.97 25.45
C ASP A 146 -45.94 17.55 25.42
N ASN A 147 -46.15 16.85 24.31
CA ASN A 147 -45.74 15.45 24.24
C ASN A 147 -44.51 15.21 23.39
N HIS A 148 -43.67 16.24 23.24
CA HIS A 148 -42.55 16.17 22.31
C HIS A 148 -41.59 15.02 22.62
N LYS A 149 -41.44 14.68 23.90
CA LYS A 149 -40.58 13.57 24.31
C LYS A 149 -40.98 12.27 23.62
N TYR A 150 -42.28 12.03 23.51
N TYR A 150 -42.29 12.04 23.52
CA TYR A 150 -42.68 10.83 22.80
CA TYR A 150 -42.83 10.87 22.80
C TYR A 150 -42.46 10.94 21.29
C TYR A 150 -42.53 10.94 21.32
N ILE A 151 -42.73 12.12 20.74
CA ILE A 151 -42.55 12.33 19.31
C ILE A 151 -41.11 12.02 18.91
N GLU A 152 -40.18 12.42 19.77
CA GLU A 152 -38.76 12.19 19.54
C GLU A 152 -38.46 10.69 19.60
N LEU A 153 -39.09 9.98 20.54
CA LEU A 153 -38.97 8.52 20.63
C LEU A 153 -39.46 7.86 19.33
N PHE A 154 -40.66 8.26 18.91
CA PHE A 154 -41.22 7.76 17.66
C PHE A 154 -40.23 7.93 16.51
N ILE A 155 -39.79 9.16 16.34
CA ILE A 155 -38.82 9.49 15.30
C ILE A 155 -37.57 8.61 15.40
N ASN A 156 -37.06 8.44 16.63
CA ASN A 156 -35.83 7.68 16.82
C ASN A 156 -36.03 6.17 16.74
N ARG A 157 -37.28 5.74 16.53
CA ARG A 157 -37.57 4.33 16.38
C ARG A 157 -38.06 4.04 14.97
N SER A 158 -37.97 5.04 14.09
CA SER A 158 -38.45 4.92 12.72
C SER A 158 -37.41 4.36 11.75
N ARG A 159 -36.21 4.09 12.26
CA ARG A 159 -35.11 3.62 11.42
C ARG A 159 -34.87 4.53 10.22
N ILE A 160 -34.79 5.82 10.50
CA ILE A 160 -34.63 6.81 9.46
C ILE A 160 -33.30 6.60 8.77
N GLN A 161 -33.36 6.51 7.46
CA GLN A 161 -32.19 6.29 6.60
C GLN A 161 -31.51 7.60 6.28
N THR A 162 -30.26 7.73 6.68
CA THR A 162 -29.51 8.94 6.41
C THR A 162 -28.29 8.62 5.59
N ARG A 163 -27.75 9.64 4.96
CA ARG A 163 -26.53 9.52 4.15
C ARG A 163 -25.61 10.69 4.47
N VAL A 164 -24.38 10.37 4.83
CA VAL A 164 -23.43 11.38 5.20
C VAL A 164 -22.59 11.69 3.99
N GLU A 165 -22.59 12.94 3.56
CA GLU A 165 -21.72 13.34 2.46
C GLU A 165 -20.53 14.12 3.00
N GLY A 166 -19.36 13.50 2.96
CA GLY A 166 -18.15 14.14 3.44
C GLY A 166 -17.67 15.29 2.56
N ASP A 167 -17.97 15.23 1.27
CA ASP A 167 -17.55 16.26 0.32
C ASP A 167 -18.79 16.84 -0.30
N LEU A 168 -18.64 17.98 -0.96
N LEU A 168 -18.63 17.98 -0.97
CA LEU A 168 -19.77 18.63 -1.63
CA LEU A 168 -19.77 18.63 -1.63
C LEU A 168 -20.45 17.70 -2.62
C LEU A 168 -20.44 17.67 -2.60
N SER A 169 -21.77 17.75 -2.65
CA SER A 169 -22.55 16.89 -3.52
C SER A 169 -23.68 17.63 -4.21
N LEU A 170 -23.95 17.28 -5.47
CA LEU A 170 -25.12 17.77 -6.17
C LEU A 170 -26.28 16.79 -6.05
N LEU A 171 -26.08 15.76 -5.23
CA LEU A 171 -27.15 14.85 -4.85
C LEU A 171 -27.84 14.20 -6.05
N GLY A 172 -27.08 13.94 -7.11
CA GLY A 172 -27.64 13.26 -8.26
C GLY A 172 -27.99 14.21 -9.39
N TRP A 173 -27.93 15.52 -9.14
CA TRP A 173 -28.16 16.50 -10.23
C TRP A 173 -26.85 16.70 -10.98
N ASP A 174 -26.95 17.12 -12.24
CA ASP A 174 -25.77 17.31 -13.11
C ASP A 174 -25.12 18.69 -12.94
N ILE A 175 -25.96 19.71 -12.82
CA ILE A 175 -25.48 21.08 -12.67
C ILE A 175 -26.40 21.81 -11.69
N GLU A 176 -25.88 22.86 -11.07
CA GLU A 176 -26.72 23.68 -10.18
C GLU A 176 -26.26 25.13 -10.15
N SER A 177 -27.22 26.04 -10.34
CA SER A 177 -26.97 27.47 -10.20
C SER A 177 -27.61 27.96 -8.90
N SER A 178 -26.87 28.69 -8.07
CA SER A 178 -27.44 29.11 -6.79
C SER A 178 -27.16 30.58 -6.46
N VAL A 179 -28.00 31.15 -5.61
CA VAL A 179 -27.76 32.46 -5.04
C VAL A 179 -28.06 32.37 -3.54
N SER A 180 -27.43 33.24 -2.75
CA SER A 180 -27.76 33.29 -1.32
C SER A 180 -29.17 33.85 -1.11
N TYR A 181 -29.78 33.57 0.04
CA TYR A 181 -31.06 34.18 0.36
C TYR A 181 -30.95 35.69 0.31
N LYS A 182 -29.81 36.22 0.77
CA LYS A 182 -29.62 37.66 0.78
C LYS A 182 -29.72 38.22 -0.63
N THR A 183 -29.10 37.52 -1.59
CA THR A 183 -29.12 37.93 -2.97
C THR A 183 -30.52 37.86 -3.55
N ASN A 185 -33.20 38.14 -1.88
CA ASN A 185 -33.97 39.20 -1.25
C ASN A 185 -33.74 40.56 -1.87
N GLU A 186 -32.54 40.76 -2.40
CA GLU A 186 -32.27 41.98 -3.16
C GLU A 186 -33.10 41.99 -4.44
N PHE A 187 -33.19 40.85 -5.12
CA PHE A 187 -34.05 40.70 -6.30
C PHE A 187 -35.50 41.06 -5.95
N ILE A 188 -35.98 40.45 -4.88
CA ILE A 188 -37.38 40.64 -4.48
C ILE A 188 -37.67 42.09 -4.16
N LYS A 189 -36.74 42.74 -3.47
CA LYS A 189 -36.93 44.12 -3.11
C LYS A 189 -36.94 45.02 -4.35
N LYS A 190 -36.04 44.74 -5.29
CA LYS A 190 -35.93 45.55 -6.50
C LYS A 190 -37.15 45.41 -7.39
N ASP A 191 -37.59 44.17 -7.58
CA ASP A 191 -38.71 43.89 -8.49
C ASP A 191 -40.03 44.41 -7.93
N ASN A 192 -40.13 44.47 -6.61
CA ASN A 192 -41.27 45.12 -5.96
C ASN A 192 -42.60 44.52 -6.37
N LEU A 193 -42.67 43.20 -6.46
CA LEU A 193 -43.88 42.51 -6.89
C LEU A 193 -44.62 41.89 -5.72
N TYR A 194 -44.12 42.09 -4.52
CA TYR A 194 -44.86 41.64 -3.33
C TYR A 194 -45.95 42.66 -3.06
N GLU A 195 -47.00 42.25 -2.36
CA GLU A 195 -48.06 43.20 -2.07
C GLU A 195 -47.77 43.95 -0.78
N LYS A 196 -48.01 45.26 -0.81
CA LYS A 196 -47.70 46.10 0.33
C LYS A 196 -48.93 46.30 1.22
N LYS A 197 -49.95 46.95 0.68
CA LYS A 197 -51.18 47.21 1.44
C LYS A 197 -52.04 45.95 1.59
N PHE A 198 -52.54 45.70 2.79
CA PHE A 198 -53.45 44.57 2.99
C PHE A 198 -54.68 45.02 3.76
N HIS A 199 -55.82 44.41 3.46
CA HIS A 199 -57.06 44.62 4.20
C HIS A 199 -57.92 43.38 4.14
N GLN A 200 -58.47 42.97 5.28
CA GLN A 200 -59.25 41.76 5.32
C GLN A 200 -60.26 41.81 6.46
N TYR A 201 -61.52 41.56 6.13
CA TYR A 201 -62.58 41.50 7.13
C TYR A 201 -63.07 40.08 7.25
N GLU A 203 -65.75 37.39 9.87
CA GLU A 203 -66.64 37.20 11.00
C GLU A 203 -66.44 35.81 11.61
N VAL A 204 -66.02 35.79 12.88
CA VAL A 204 -65.95 34.55 13.65
C VAL A 204 -67.09 34.55 14.67
N ARG A 205 -67.98 33.56 14.58
CA ARG A 205 -69.22 33.60 15.34
C ARG A 205 -69.95 34.89 15.00
N ARG A 206 -70.35 35.63 16.02
CA ARG A 206 -70.96 36.93 15.80
C ARG A 206 -69.92 38.02 16.04
N ASN A 207 -68.65 37.69 15.84
CA ASN A 207 -67.57 38.60 16.16
C ASN A 207 -66.76 39.03 14.93
N GLU A 208 -66.50 40.33 14.84
CA GLU A 208 -65.92 40.93 13.65
C GLU A 208 -64.43 41.19 13.81
N TYR A 209 -63.64 40.69 12.87
CA TYR A 209 -62.21 40.94 12.86
C TYR A 209 -61.82 41.65 11.59
N THR A 210 -61.01 42.69 11.73
N THR A 210 -61.04 42.72 11.73
CA THR A 210 -60.48 43.42 10.58
CA THR A 210 -60.49 43.42 10.57
C THR A 210 -59.01 43.69 10.76
C THR A 210 -59.00 43.67 10.76
N ILE A 211 -58.23 43.45 9.71
CA ILE A 211 -56.83 43.80 9.73
C ILE A 211 -56.62 44.80 8.61
N ASP A 212 -55.71 45.72 8.81
CA ASP A 212 -55.48 46.76 7.84
C ASP A 212 -54.11 47.37 8.02
N GLY A 213 -53.25 47.27 7.01
CA GLY A 213 -51.95 47.88 7.12
C GLY A 213 -51.11 47.74 5.87
N GLU A 214 -49.78 47.79 6.07
CA GLU A 214 -48.84 47.71 4.95
C GLU A 214 -47.67 46.78 5.30
N PHE A 215 -47.35 45.89 4.37
CA PHE A 215 -46.17 45.05 4.52
C PHE A 215 -44.90 45.77 4.03
N GLY A 216 -43.78 45.50 4.69
CA GLY A 216 -42.48 45.88 4.17
C GLY A 216 -42.08 44.84 3.11
N PRO A 217 -40.88 45.00 2.53
CA PRO A 217 -40.48 44.02 1.51
C PRO A 217 -40.49 42.60 2.04
N TRP A 218 -41.12 41.68 1.32
CA TRP A 218 -41.12 40.27 1.75
C TRP A 218 -39.73 39.71 1.56
N GLN A 219 -39.30 38.90 2.51
CA GLN A 219 -37.95 38.34 2.46
C GLN A 219 -37.99 36.83 2.53
N THR A 221 -36.76 33.59 3.94
CA THR A 221 -36.17 33.39 5.24
C THR A 221 -35.96 31.90 5.54
N THR A 222 -35.33 31.62 6.68
CA THR A 222 -34.99 30.25 7.05
C THR A 222 -36.14 29.54 7.77
N GLY A 223 -35.92 28.30 8.18
CA GLY A 223 -36.91 27.57 8.97
C GLY A 223 -37.37 26.28 8.33
N ALA A 224 -37.28 26.22 7.01
CA ALA A 224 -37.66 25.07 6.22
C ALA A 224 -36.54 24.76 5.22
N ASP A 225 -36.76 23.77 4.35
CA ASP A 225 -35.73 23.39 3.39
C ASP A 225 -36.32 22.80 2.12
N GLY A 226 -35.47 22.54 1.13
CA GLY A 226 -35.94 21.93 -0.09
C GLY A 226 -36.91 22.84 -0.83
N GLN A 227 -38.00 22.26 -1.33
CA GLN A 227 -38.97 23.02 -2.09
C GLN A 227 -39.88 23.87 -1.21
N ASN A 228 -39.89 23.62 0.09
CA ASN A 228 -40.66 24.46 1.01
C ASN A 228 -39.95 25.80 1.20
N ILE A 229 -40.54 26.88 0.70
CA ILE A 229 -39.97 28.21 0.82
C ILE A 229 -40.69 29.06 1.87
N ARG A 230 -39.95 29.77 2.71
CA ARG A 230 -40.60 30.66 3.67
C ARG A 230 -40.32 32.13 3.39
N PHE A 231 -41.35 32.96 3.52
CA PHE A 231 -41.20 34.41 3.38
C PHE A 231 -41.56 35.15 4.66
N LEU A 232 -40.61 35.94 5.17
CA LEU A 232 -40.88 36.89 6.24
C LEU A 232 -41.56 38.12 5.65
N CYS A 233 -42.78 38.40 6.12
CA CYS A 233 -43.52 39.58 5.71
C CYS A 233 -43.66 40.57 6.85
N PRO A 234 -42.69 41.49 6.96
CA PRO A 234 -42.71 42.47 8.05
C PRO A 234 -43.93 43.36 7.96
N ILE A 235 -44.56 43.67 9.08
CA ILE A 235 -45.66 44.59 9.07
C ILE A 235 -45.11 45.98 9.34
N LYS A 236 -45.10 46.82 8.30
CA LYS A 236 -44.61 48.18 8.40
C LYS A 236 -45.47 48.97 9.38
N SER A 237 -46.78 48.87 9.18
CA SER A 237 -47.75 49.47 10.09
C SER A 237 -49.08 48.76 9.92
N ALA A 238 -49.91 48.77 10.97
CA ALA A 238 -51.21 48.13 10.87
C ALA A 238 -52.13 48.53 12.01
N THR A 239 -53.42 48.39 11.77
CA THR A 239 -54.41 48.44 12.83
C THR A 239 -55.14 47.10 12.86
N TYR A 240 -55.43 46.62 14.07
CA TYR A 240 -56.23 45.42 14.26
C TYR A 240 -57.51 45.82 14.98
N LYS A 241 -58.65 45.39 14.46
CA LYS A 241 -59.92 45.71 15.08
C LYS A 241 -60.71 44.45 15.41
N ILE A 242 -61.21 44.38 16.62
CA ILE A 242 -62.04 43.29 17.10
C ILE A 242 -63.34 43.91 17.66
N ASN A 243 -64.39 43.76 16.90
CA ASN A 243 -65.65 44.41 17.14
C ASN A 243 -65.28 45.87 17.27
N ASP A 244 -65.49 46.47 18.43
CA ASP A 244 -65.33 47.90 18.59
C ASP A 244 -63.93 48.27 18.99
N ASP A 245 -63.15 47.31 19.46
CA ASP A 245 -61.79 47.59 19.90
C ASP A 245 -60.81 47.69 18.73
N VAL A 246 -60.21 48.86 18.55
CA VAL A 246 -59.20 48.98 17.52
C VAL A 246 -57.83 49.11 18.18
N TYR A 247 -56.88 48.33 17.66
CA TYR A 247 -55.55 48.26 18.23
C TYR A 247 -54.51 48.72 17.23
N ILE A 248 -53.47 49.39 17.73
CA ILE A 248 -52.36 49.78 16.90
C ILE A 248 -51.22 48.78 17.02
N ALA A 249 -50.92 48.13 15.90
CA ALA A 249 -49.81 47.18 15.84
C ALA A 249 -48.50 47.84 16.26
N LYS A 250 -47.69 47.11 17.01
CA LYS A 250 -46.33 47.55 17.33
C LYS A 250 -45.52 47.54 16.03
N PRO A 251 -44.48 48.38 15.93
CA PRO A 251 -43.71 48.46 14.68
C PRO A 251 -42.98 47.16 14.30
N ASP A 252 -42.84 46.26 15.25
CA ASP A 252 -42.03 45.06 15.07
C ASP A 252 -42.85 43.81 14.70
N ASN A 253 -44.12 44.00 14.37
CA ASN A 253 -45.00 42.91 13.96
C ASN A 253 -44.63 42.30 12.61
N PHE A 254 -44.92 41.01 12.44
CA PHE A 254 -44.63 40.31 11.19
C PHE A 254 -45.42 39.03 11.03
N ILE A 255 -45.45 38.52 9.80
CA ILE A 255 -46.02 37.21 9.48
C ILE A 255 -44.96 36.40 8.73
N ILE A 256 -44.85 35.11 9.01
CA ILE A 256 -44.00 34.25 8.21
C ILE A 256 -44.89 33.23 7.52
N ILE A 257 -44.78 33.14 6.20
CA ILE A 257 -45.57 32.19 5.45
C ILE A 257 -44.69 31.12 4.84
N GLN A 258 -45.29 29.98 4.53
CA GLN A 258 -44.60 28.93 3.81
C GLN A 258 -45.40 28.63 2.56
N VAL A 259 -44.71 28.58 1.42
CA VAL A 259 -45.33 28.21 0.17
C VAL A 259 -44.43 27.23 -0.57
N ASP A 260 -44.96 26.64 -1.63
CA ASP A 260 -44.14 25.92 -2.59
C ASP A 260 -44.11 26.70 -3.89
N LEU A 261 -43.11 26.42 -4.72
CA LEU A 261 -42.97 27.06 -6.01
C LEU A 261 -43.14 26.03 -7.13
N LYS A 262 -43.37 26.50 -8.36
CA LYS A 262 -43.48 25.61 -9.51
C LYS A 262 -42.90 26.25 -10.78
N TYR A 263 -42.24 25.44 -11.61
CA TYR A 263 -41.81 25.92 -12.91
C TYR A 263 -42.97 25.90 -13.89
N PHE A 264 -43.47 27.08 -14.27
CA PHE A 264 -44.60 27.18 -15.18
C PHE A 264 -44.10 27.43 -16.58
N ASP A 265 -44.71 26.76 -17.56
N ASP A 265 -44.74 26.75 -17.55
CA ASP A 265 -44.31 26.96 -18.95
CA ASP A 265 -44.50 27.01 -18.96
C ASP A 265 -44.67 28.36 -19.38
C ASP A 265 -44.61 28.49 -19.24
N SER A 266 -43.76 29.01 -20.12
CA SER A 266 -43.86 30.42 -20.42
C SER A 266 -43.40 30.70 -21.83
N LYS A 267 -43.93 31.78 -22.41
CA LYS A 267 -43.37 32.22 -23.68
C LYS A 267 -41.92 32.65 -23.43
N THR A 268 -41.05 32.43 -24.42
CA THR A 268 -39.63 32.73 -24.24
C THR A 268 -39.40 34.24 -24.19
N THR A 269 -38.72 34.70 -23.15
CA THR A 269 -38.42 36.12 -23.00
C THR A 269 -36.95 36.36 -22.71
N ILE A 270 -36.26 35.36 -22.17
CA ILE A 270 -34.88 35.59 -21.78
C ILE A 270 -33.97 35.47 -23.01
N ILE A 271 -32.82 36.13 -22.96
CA ILE A 271 -31.84 36.06 -24.03
C ILE A 271 -30.66 35.22 -23.58
N ASP A 272 -30.40 34.14 -24.30
CA ASP A 272 -29.26 33.29 -24.02
C ASP A 272 -28.24 33.47 -25.14
N PRO A 273 -27.17 34.25 -24.89
CA PRO A 273 -26.14 34.51 -25.89
C PRO A 273 -25.46 33.23 -26.35
N SER A 274 -25.38 32.22 -25.47
CA SER A 274 -24.72 30.97 -25.81
C SER A 274 -25.58 30.02 -26.65
N GLY A 275 -26.86 30.34 -26.83
CA GLY A 275 -27.77 29.42 -27.48
C GLY A 275 -28.54 30.01 -28.66
N LEU A 276 -29.27 29.12 -29.35
CA LEU A 276 -30.15 29.53 -30.44
C LEU A 276 -31.41 30.22 -29.91
N ASN A 277 -31.62 30.13 -28.59
CA ASN A 277 -32.79 30.70 -27.90
C ASN A 277 -34.09 29.92 -28.21
N ASN A 278 -33.93 28.73 -28.77
CA ASN A 278 -35.06 27.82 -28.95
C ASN A 278 -35.28 27.06 -27.65
N GLY A 279 -36.08 26.01 -27.69
CA GLY A 279 -36.43 25.29 -26.49
C GLY A 279 -37.62 25.94 -25.82
N GLN A 280 -37.93 25.48 -24.62
CA GLN A 280 -39.13 25.94 -23.91
C GLN A 280 -38.74 26.64 -22.63
N GLN A 281 -39.28 27.85 -22.43
CA GLN A 281 -38.96 28.59 -21.21
C GLN A 281 -39.86 28.16 -20.03
N PHE A 282 -39.26 28.09 -18.85
CA PHE A 282 -40.00 27.84 -17.61
C PHE A 282 -39.67 28.92 -16.59
N ASN A 283 -40.72 29.46 -15.98
CA ASN A 283 -40.61 30.52 -14.99
C ASN A 283 -41.02 30.00 -13.64
N LEU A 284 -40.12 30.12 -12.66
CA LEU A 284 -40.39 29.62 -11.32
C LEU A 284 -41.22 30.63 -10.53
N LYS A 285 -42.47 30.26 -10.20
CA LYS A 285 -43.38 31.15 -9.50
C LYS A 285 -44.03 30.44 -8.30
N VAL A 286 -44.71 31.19 -7.44
CA VAL A 286 -45.40 30.58 -6.31
C VAL A 286 -46.57 29.75 -6.81
N LYS A 287 -46.75 28.56 -6.24
CA LYS A 287 -47.97 27.78 -6.46
C LYS A 287 -49.07 28.44 -5.64
N THR A 288 -50.14 28.91 -6.29
CA THR A 288 -51.12 29.75 -5.61
C THR A 288 -52.48 29.08 -5.48
N ASP A 289 -52.67 27.95 -6.16
CA ASP A 289 -53.93 27.20 -6.06
C ASP A 289 -54.08 26.53 -4.71
N SER A 290 -55.23 26.74 -4.07
CA SER A 290 -55.59 25.99 -2.89
C SER A 290 -56.58 24.90 -3.28
N THR A 291 -56.57 23.80 -2.53
N THR A 291 -56.60 23.80 -2.55
CA THR A 291 -57.56 22.74 -2.69
CA THR A 291 -57.64 22.80 -2.73
C THR A 291 -58.46 22.71 -1.46
C THR A 291 -58.46 22.71 -1.46
N ASP A 292 -59.29 21.67 -1.36
CA ASP A 292 -60.19 21.55 -0.22
C ASP A 292 -59.45 21.19 1.07
N GLU A 293 -58.33 20.49 0.95
CA GLU A 293 -57.58 20.05 2.12
C GLU A 293 -56.20 20.70 2.25
N ILE A 294 -55.76 21.39 1.20
CA ILE A 294 -54.42 21.98 1.20
C ILE A 294 -54.44 23.47 0.85
N ASN A 295 -54.13 24.31 1.83
CA ASN A 295 -53.98 25.74 1.59
C ASN A 295 -52.75 25.99 0.75
N ALA A 296 -52.80 26.95 -0.17
CA ALA A 296 -51.60 27.32 -0.93
C ALA A 296 -50.55 27.90 0.00
N VAL A 297 -51.03 28.64 0.99
CA VAL A 297 -50.19 29.36 1.93
C VAL A 297 -50.52 28.91 3.34
N ILE A 298 -49.51 28.48 4.08
CA ILE A 298 -49.70 28.26 5.50
C ILE A 298 -48.89 29.29 6.27
N LEU A 299 -49.36 29.60 7.46
CA LEU A 299 -48.75 30.60 8.32
C LEU A 299 -47.92 29.88 9.35
N VAL A 300 -46.62 30.06 9.32
CA VAL A 300 -45.75 29.30 10.21
C VAL A 300 -45.12 30.14 11.32
N GLY A 301 -45.39 31.44 11.31
CA GLY A 301 -44.92 32.29 12.39
C GLY A 301 -45.57 33.64 12.35
N SER A 302 -45.61 34.31 13.50
CA SER A 302 -46.12 35.66 13.54
C SER A 302 -45.68 36.38 14.81
N ARG A 303 -45.75 37.70 14.76
CA ARG A 303 -45.74 38.53 15.94
C ARG A 303 -46.85 39.55 15.71
N ILE A 304 -47.92 39.39 16.49
CA ILE A 304 -49.10 40.23 16.37
C ILE A 304 -49.42 40.78 17.74
N THR A 305 -49.02 42.02 17.96
CA THR A 305 -49.10 42.65 19.27
C THR A 305 -49.50 44.10 19.10
N ASP A 306 -50.13 44.68 20.12
CA ASP A 306 -50.50 46.08 20.05
C ASP A 306 -49.58 46.92 20.93
N VAL A 307 -49.55 48.22 20.66
CA VAL A 307 -48.69 49.15 21.37
C VAL A 307 -48.98 49.17 22.88
N ASN A 308 -50.25 48.98 23.24
CA ASN A 308 -50.64 48.99 24.65
C ASN A 308 -50.49 47.62 25.34
N GLU A 309 -50.13 46.60 24.58
CA GLU A 309 -49.99 45.24 25.08
C GLU A 309 -51.27 44.77 25.78
N ASP A 310 -52.41 45.18 25.23
CA ASP A 310 -53.70 44.95 25.88
C ASP A 310 -54.59 44.04 25.03
N LEU A 311 -53.99 43.38 24.05
N LEU A 311 -54.01 43.39 24.03
CA LEU A 311 -54.68 42.34 23.30
CA LEU A 311 -54.75 42.38 23.30
C LEU A 311 -54.99 41.20 24.26
C LEU A 311 -55.00 41.23 24.26
N TYR A 312 -56.18 40.62 24.15
CA TYR A 312 -56.53 39.48 24.99
C TYR A 312 -55.62 38.31 24.70
N PRO A 313 -55.38 37.46 25.72
CA PRO A 313 -54.58 36.26 25.47
C PRO A 313 -55.21 35.43 24.36
N GLY A 314 -54.46 35.20 23.30
CA GLY A 314 -54.93 34.40 22.17
C GLY A 314 -55.57 35.19 21.06
N ASP A 315 -55.70 36.51 21.22
CA ASP A 315 -56.22 37.37 20.16
C ASP A 315 -55.27 37.39 18.96
N ASP A 316 -53.97 37.24 19.23
CA ASP A 316 -52.99 37.14 18.16
C ASP A 316 -53.29 35.96 17.25
N VAL A 317 -53.68 34.83 17.85
CA VAL A 317 -53.97 33.63 17.07
C VAL A 317 -55.27 33.80 16.28
N SER A 318 -56.25 34.49 16.87
CA SER A 318 -57.46 34.87 16.14
C SER A 318 -57.17 35.75 14.93
N LEU A 319 -56.28 36.71 15.09
CA LEU A 319 -55.90 37.58 13.99
C LEU A 319 -55.07 36.82 12.97
N GLU A 320 -54.38 35.78 13.44
CA GLU A 320 -53.60 34.92 12.57
C GLU A 320 -54.50 34.29 11.49
N ILE A 321 -55.70 33.88 11.89
CA ILE A 321 -56.64 33.28 10.94
C ILE A 321 -56.99 34.27 9.82
N VAL A 322 -57.14 35.53 10.20
CA VAL A 322 -57.52 36.58 9.26
C VAL A 322 -56.40 36.80 8.26
N PHE A 323 -55.17 36.91 8.76
CA PHE A 323 -54.01 37.01 7.89
C PHE A 323 -53.90 35.82 6.94
N LYS A 324 -54.10 34.61 7.47
CA LYS A 324 -53.95 33.40 6.66
C LYS A 324 -54.96 33.41 5.52
N THR A 325 -56.18 33.83 5.84
CA THR A 325 -57.24 33.98 4.85
C THR A 325 -56.89 35.01 3.78
N TRP A 326 -56.40 36.16 4.22
CA TRP A 326 -55.94 37.19 3.28
C TRP A 326 -54.88 36.62 2.34
N PHE A 327 -53.87 35.96 2.91
CA PHE A 327 -52.78 35.44 2.09
C PHE A 327 -53.28 34.48 1.03
N ASN A 328 -54.20 33.60 1.40
CA ASN A 328 -54.66 32.59 0.46
C ASN A 328 -55.58 33.17 -0.61
N ALA A 329 -56.12 34.36 -0.35
CA ALA A 329 -56.98 35.05 -1.32
C ALA A 329 -56.21 36.07 -2.16
N ASN A 330 -54.95 36.28 -1.82
CA ASN A 330 -54.17 37.33 -2.47
C ASN A 330 -52.80 36.92 -2.96
N ILE A 331 -52.39 35.70 -2.62
CA ILE A 331 -51.02 35.29 -2.87
C ILE A 331 -50.71 35.26 -4.37
N GLN A 332 -51.76 35.17 -5.19
CA GLN A 332 -51.57 35.18 -6.64
C GLN A 332 -51.07 36.54 -7.13
N LYS A 333 -51.13 37.55 -6.27
CA LYS A 333 -50.63 38.88 -6.65
C LYS A 333 -49.11 39.02 -6.47
N PHE A 334 -48.49 38.03 -5.84
CA PHE A 334 -47.05 37.99 -5.67
C PHE A 334 -46.44 37.38 -6.94
N THR A 335 -46.29 38.20 -7.96
CA THR A 335 -45.98 37.67 -9.30
C THR A 335 -44.49 37.54 -9.55
N GLN A 336 -43.70 37.59 -8.48
CA GLN A 336 -42.27 37.36 -8.58
C GLN A 336 -41.92 36.09 -9.35
N ILE A 337 -40.93 36.18 -10.24
CA ILE A 337 -40.34 35.00 -10.85
C ILE A 337 -38.98 34.77 -10.20
N PHE A 338 -38.74 33.55 -9.74
CA PHE A 338 -37.56 33.26 -8.92
C PHE A 338 -36.41 32.68 -9.73
N SER A 339 -36.74 32.24 -10.94
CA SER A 339 -35.79 31.55 -11.82
C SER A 339 -36.36 31.49 -13.22
N TYR A 340 -35.51 31.69 -14.22
CA TYR A 340 -35.92 31.56 -15.62
C TYR A 340 -35.01 30.53 -16.26
N ILE A 341 -35.58 29.49 -16.86
CA ILE A 341 -34.72 28.50 -17.52
C ILE A 341 -35.25 28.17 -18.91
N LEU A 342 -34.36 28.11 -19.90
CA LEU A 342 -34.73 27.58 -21.21
C LEU A 342 -34.39 26.09 -21.23
N LEU A 343 -35.41 25.26 -21.42
CA LEU A 343 -35.25 23.82 -21.43
C LEU A 343 -35.12 23.32 -22.86
N ASN A 344 -34.29 22.30 -23.07
CA ASN A 344 -34.10 21.70 -24.39
C ASN A 344 -33.62 22.70 -25.44
N GLU A 345 -32.79 23.64 -25.01
CA GLU A 345 -32.24 24.63 -25.94
C GLU A 345 -31.04 24.04 -26.66
N THR A 346 -30.81 24.50 -27.87
CA THR A 346 -29.61 24.12 -28.62
C THR A 346 -28.51 25.17 -28.38
N SER A 347 -27.29 24.74 -28.05
CA SER A 347 -26.21 25.71 -27.92
C SER A 347 -25.63 26.08 -29.29
N LYS A 348 -25.12 27.30 -29.42
CA LYS A 348 -24.48 27.72 -30.67
C LYS A 348 -23.21 26.91 -30.93
N ILE A 349 -22.55 26.51 -29.85
CA ILE A 349 -21.34 25.68 -29.95
C ILE A 349 -21.67 24.24 -29.57
N PRO A 350 -21.64 23.33 -30.57
CA PRO A 350 -22.04 21.93 -30.35
C PRO A 350 -21.30 21.26 -29.19
N GLU A 351 -20.06 21.66 -28.97
CA GLU A 351 -19.25 21.04 -27.93
C GLU A 351 -19.67 21.47 -26.53
N TYR A 352 -20.53 22.48 -26.45
CA TYR A 352 -21.12 22.85 -25.13
C TYR A 352 -22.60 22.48 -25.00
N GLN A 353 -23.11 21.64 -25.89
CA GLN A 353 -24.51 21.21 -25.80
C GLN A 353 -24.77 20.51 -24.48
N TRP A 354 -23.73 19.91 -23.91
CA TRP A 354 -23.93 19.19 -22.66
C TRP A 354 -24.26 20.10 -21.46
N LEU A 355 -24.14 21.41 -21.61
CA LEU A 355 -24.44 22.30 -20.49
C LEU A 355 -25.88 22.76 -20.48
N LYS A 356 -26.63 22.38 -21.51
CA LYS A 356 -27.99 22.87 -21.72
C LYS A 356 -28.97 22.00 -20.96
N PRO A 357 -29.77 22.60 -20.07
CA PRO A 357 -30.60 21.74 -19.23
C PRO A 357 -31.69 20.98 -20.01
N THR A 358 -31.97 19.76 -19.58
CA THR A 358 -33.03 18.95 -20.18
C THR A 358 -34.10 18.50 -19.16
N GLN A 359 -33.81 18.68 -17.87
CA GLN A 359 -34.78 18.45 -16.80
C GLN A 359 -34.41 19.39 -15.66
N ILE A 360 -35.39 20.01 -15.00
CA ILE A 360 -35.05 21.05 -14.06
C ILE A 360 -35.83 20.91 -12.76
N SER A 361 -35.32 21.49 -11.70
CA SER A 361 -36.05 21.58 -10.44
C SER A 361 -35.51 22.76 -9.65
N TYR A 362 -35.97 22.92 -8.42
CA TYR A 362 -35.38 23.92 -7.55
C TYR A 362 -35.33 23.34 -6.15
N GLY A 363 -34.55 23.98 -5.29
CA GLY A 363 -34.47 23.53 -3.91
C GLY A 363 -33.89 24.62 -3.08
N SER A 364 -33.69 24.34 -1.80
CA SER A 364 -33.16 25.34 -0.91
C SER A 364 -32.44 24.67 0.25
N ALA A 365 -31.52 25.41 0.85
CA ALA A 365 -30.89 25.01 2.08
C ALA A 365 -30.88 26.20 3.03
N SER A 366 -31.64 26.08 4.12
CA SER A 366 -31.64 27.10 5.15
C SER A 366 -30.57 26.87 6.18
N VAL A 367 -29.84 27.94 6.49
CA VAL A 367 -28.79 27.87 7.48
C VAL A 367 -29.01 28.95 8.52
N THR A 368 -28.97 28.55 9.78
CA THR A 368 -29.14 29.49 10.86
C THR A 368 -27.89 29.52 11.72
N PRO A 370 -26.80 30.82 16.10
CA PRO A 370 -27.41 31.32 17.33
C PRO A 370 -27.47 32.84 17.35
N ASP A 371 -28.53 33.38 17.94
CA ASP A 371 -28.68 34.81 18.15
C ASP A 371 -27.74 35.28 19.26
N PRO A 372 -26.78 36.16 18.92
CA PRO A 372 -25.82 36.73 19.87
C PRO A 372 -26.49 37.39 21.07
N SER A 373 -27.71 37.88 20.88
CA SER A 373 -28.47 38.52 21.96
C SER A 373 -29.23 37.50 22.81
N ASN A 374 -29.65 36.41 22.17
CA ASN A 374 -30.32 35.33 22.88
C ASN A 374 -29.95 33.98 22.29
N PRO A 375 -28.81 33.42 22.72
CA PRO A 375 -28.27 32.18 22.15
C PRO A 375 -29.18 30.96 22.27
N ASN A 376 -30.32 31.11 22.94
CA ASN A 376 -31.34 30.07 22.95
C ASN A 376 -32.14 30.05 21.66
N LYS A 377 -32.06 31.15 20.92
CA LYS A 377 -32.81 31.28 19.67
C LYS A 377 -31.86 31.39 18.49
N GLU A 378 -32.40 31.15 17.29
CA GLU A 378 -31.58 31.16 16.09
C GLU A 378 -31.91 32.37 15.22
N LEU A 379 -30.91 32.89 14.53
CA LEU A 379 -31.11 33.89 13.47
C LEU A 379 -30.80 33.29 12.11
N SER A 380 -31.38 33.86 11.06
CA SER A 380 -31.04 33.40 9.71
C SER A 380 -29.59 33.72 9.39
N ASN A 381 -28.91 32.80 8.71
CA ASN A 381 -27.66 33.14 8.04
C ASN A 381 -28.00 33.33 6.55
N LEU A 382 -28.19 34.58 6.15
CA LEU A 382 -28.74 34.81 4.82
C LEU A 382 -27.67 34.73 3.74
N ASP A 383 -26.41 34.62 4.16
CA ASP A 383 -25.28 34.50 3.24
C ASP A 383 -25.04 33.03 2.90
N ALA A 384 -25.17 32.18 3.90
CA ALA A 384 -24.92 30.74 3.73
C ALA A 384 -26.15 30.03 3.21
N SER A 385 -27.34 30.48 3.64
CA SER A 385 -28.58 29.92 3.11
C SER A 385 -28.66 30.06 1.59
N THR A 386 -29.01 28.96 0.93
CA THR A 386 -28.88 28.83 -0.52
C THR A 386 -30.19 28.52 -1.22
N PHE A 387 -30.50 29.32 -2.24
CA PHE A 387 -31.62 29.03 -3.15
C PHE A 387 -31.07 28.55 -4.47
N ALA A 388 -31.53 27.39 -4.92
CA ALA A 388 -30.90 26.74 -6.07
C ALA A 388 -31.89 26.33 -7.15
N ALA A 389 -31.45 26.53 -8.39
CA ALA A 389 -32.02 25.87 -9.55
C ALA A 389 -31.11 24.70 -9.94
N ALA A 391 -30.41 21.09 -12.47
CA ALA A 391 -30.83 20.51 -13.74
C ALA A 391 -30.09 19.23 -14.08
N VAL A 393 -28.68 17.35 -17.51
CA VAL A 393 -28.35 17.70 -18.89
C VAL A 393 -28.24 16.42 -19.69
N GLU A 394 -28.06 16.58 -21.00
CA GLU A 394 -27.77 15.46 -21.89
C GLU A 394 -28.89 14.42 -21.88
N ASN A 395 -30.08 14.87 -21.53
CA ASN A 395 -31.26 14.01 -21.45
C ASN A 395 -31.11 12.94 -20.37
N HIS A 396 -30.21 13.16 -19.42
CA HIS A 396 -30.12 12.28 -18.23
C HIS A 396 -31.44 12.32 -17.48
N LYS A 397 -31.97 11.17 -17.12
CA LYS A 397 -33.24 11.17 -16.38
C LYS A 397 -32.98 11.14 -14.88
N ASN A 398 -33.80 11.86 -14.12
CA ASN A 398 -33.70 11.79 -12.68
C ASN A 398 -35.07 11.48 -12.11
N ASP A 399 -35.25 10.22 -11.74
CA ASP A 399 -36.51 9.73 -11.22
C ASP A 399 -36.60 9.86 -9.72
N ARG A 400 -35.50 10.24 -9.08
CA ARG A 400 -35.47 10.45 -7.64
C ARG A 400 -34.90 11.81 -7.32
N PRO A 401 -35.62 12.88 -7.70
CA PRO A 401 -35.06 14.22 -7.52
C PRO A 401 -34.95 14.58 -6.04
N ASN A 402 -33.77 15.00 -5.62
CA ASN A 402 -33.53 15.43 -4.26
C ASN A 402 -33.55 16.95 -4.23
N HIS A 403 -34.40 17.54 -3.39
CA HIS A 403 -34.54 18.99 -3.41
C HIS A 403 -33.81 19.65 -2.27
N ALA A 404 -33.37 18.85 -1.30
CA ALA A 404 -32.72 19.42 -0.12
C ALA A 404 -31.24 19.56 -0.39
N VAL A 405 -30.88 20.60 -1.13
CA VAL A 405 -29.51 20.74 -1.63
C VAL A 405 -28.46 20.93 -0.53
N ASP A 406 -27.24 20.52 -0.86
CA ASP A 406 -26.07 20.73 -0.02
C ASP A 406 -26.04 22.16 0.52
N ASN A 407 -25.83 22.31 1.82
CA ASN A 407 -25.86 23.66 2.43
C ASN A 407 -24.47 24.26 2.58
N ARG A 408 -23.46 23.66 1.96
CA ARG A 408 -22.09 24.11 2.17
C ARG A 408 -21.47 24.95 1.04
N PHE A 409 -22.18 25.12 -0.08
CA PHE A 409 -21.51 25.70 -1.27
C PHE A 409 -21.07 27.15 -1.06
N LEU A 410 -22.01 28.00 -0.68
CA LEU A 410 -21.73 29.43 -0.57
C LEU A 410 -20.89 29.72 0.66
N GLU A 411 -21.03 28.89 1.70
CA GLU A 411 -20.17 28.99 2.88
C GLU A 411 -18.71 28.74 2.51
N LEU A 412 -18.48 27.80 1.59
CA LEU A 412 -17.13 27.49 1.18
C LEU A 412 -16.56 28.53 0.21
N SER A 413 -17.36 28.93 -0.79
CA SER A 413 -16.88 29.86 -1.81
C SER A 413 -16.76 31.29 -1.28
N LYS A 414 -17.48 31.58 -0.20
CA LYS A 414 -17.56 32.94 0.34
C LYS A 414 -18.06 33.93 -0.73
N THR A 415 -18.95 33.46 -1.59
CA THR A 415 -19.51 34.30 -2.66
C THR A 415 -21.03 34.34 -2.57
N PRO A 416 -21.67 35.41 -3.10
CA PRO A 416 -23.13 35.49 -3.05
C PRO A 416 -23.81 34.55 -4.05
N ALA A 417 -23.10 34.12 -5.08
CA ALA A 417 -23.67 33.22 -6.07
C ALA A 417 -22.67 32.16 -6.47
N ALA A 418 -23.17 31.05 -7.02
CA ALA A 418 -22.27 30.00 -7.47
C ALA A 418 -22.91 29.17 -8.57
N PHE A 419 -22.06 28.51 -9.36
CA PHE A 419 -22.52 27.53 -10.31
C PHE A 419 -21.70 26.27 -10.09
N ALA A 420 -22.35 25.12 -10.12
CA ALA A 420 -21.64 23.87 -9.79
C ALA A 420 -21.89 22.82 -10.84
N ILE A 421 -20.85 22.06 -11.17
CA ILE A 421 -20.94 20.94 -12.09
C ILE A 421 -20.57 19.64 -11.35
N SER A 422 -21.37 18.59 -11.52
CA SER A 422 -21.11 17.35 -10.78
C SER A 422 -19.75 16.78 -11.20
N PRO A 424 -19.01 13.68 -11.85
CA PRO A 424 -19.14 12.80 -13.02
C PRO A 424 -19.25 13.57 -14.34
N GLU A 425 -19.90 14.73 -14.33
CA GLU A 425 -19.98 15.54 -15.56
C GLU A 425 -18.61 16.12 -15.90
N PHE A 426 -17.86 16.53 -14.88
CA PHE A 426 -16.50 17.03 -15.09
C PHE A 426 -15.62 15.95 -15.71
N LEU A 427 -15.70 14.74 -15.16
CA LEU A 427 -15.00 13.57 -15.72
C LEU A 427 -15.31 13.33 -17.19
N LYS A 428 -16.59 13.40 -17.53
CA LYS A 428 -17.04 12.98 -18.85
C LYS A 428 -16.77 14.03 -19.92
N HIS A 429 -16.41 15.23 -19.52
CA HIS A 429 -16.19 16.27 -20.50
C HIS A 429 -14.80 16.91 -20.42
N PHE A 430 -14.32 17.18 -19.22
CA PHE A 430 -12.97 17.73 -19.10
C PHE A 430 -11.90 16.64 -19.17
N LEU A 431 -12.06 15.55 -18.42
CA LEU A 431 -11.07 14.47 -18.45
C LEU A 431 -11.08 13.74 -19.78
N VAL A 432 -12.25 13.56 -20.37
CA VAL A 432 -12.33 12.90 -21.67
C VAL A 432 -11.61 13.72 -22.75
N THR A 433 -11.70 15.05 -22.69
CA THR A 433 -11.00 15.87 -23.68
C THR A 433 -9.49 15.69 -23.44
N GLY A 434 -9.08 15.64 -22.18
CA GLY A 434 -7.69 15.36 -21.84
C GLY A 434 -7.23 14.03 -22.41
N LEU A 435 -8.09 13.02 -22.35
CA LEU A 435 -7.74 11.70 -22.85
C LEU A 435 -7.61 11.67 -24.37
N GLN A 436 -8.54 12.31 -25.06
CA GLN A 436 -8.45 12.41 -26.52
C GLN A 436 -7.14 13.08 -26.93
N ALA A 437 -6.79 14.15 -26.23
CA ALA A 437 -5.56 14.88 -26.52
C ALA A 437 -4.30 14.05 -26.30
N GLN A 439 -3.87 11.09 -27.09
CA GLN A 439 -3.70 10.24 -28.27
C GLN A 439 -3.07 8.87 -27.98
N ILE A 440 -3.64 8.19 -27.00
CA ILE A 440 -3.22 6.84 -26.64
C ILE A 440 -3.95 5.79 -27.46
N ASP A 441 -5.26 5.98 -27.61
CA ASP A 441 -6.08 5.05 -28.37
C ASP A 441 -7.47 5.63 -28.59
N ASN A 442 -8.27 4.97 -29.43
CA ASN A 442 -9.65 5.39 -29.66
C ASN A 442 -10.44 5.38 -28.35
N LEU A 443 -11.43 6.26 -28.26
CA LEU A 443 -12.23 6.41 -27.05
C LEU A 443 -12.91 5.09 -26.68
N ASP A 444 -13.18 4.26 -27.68
CA ASP A 444 -13.91 3.01 -27.45
C ASP A 444 -13.03 1.93 -26.85
N ALA A 445 -11.74 2.22 -26.68
CA ALA A 445 -10.85 1.30 -25.98
C ALA A 445 -10.88 1.58 -24.49
N PHE A 446 -11.65 2.59 -24.08
CA PHE A 446 -11.69 2.97 -22.67
C PHE A 446 -13.09 2.84 -22.08
N GLU A 447 -13.13 2.61 -20.78
CA GLU A 447 -14.38 2.59 -20.02
C GLU A 447 -14.42 3.82 -19.15
N VAL A 448 -15.47 4.62 -19.32
CA VAL A 448 -15.63 5.83 -18.52
C VAL A 448 -16.63 5.57 -17.38
N SER A 449 -16.13 5.51 -16.15
CA SER A 449 -16.98 5.18 -15.00
C SER A 449 -17.26 6.37 -14.08
N SER A 450 -18.50 6.89 -14.14
CA SER A 450 -18.93 7.99 -13.26
C SER A 450 -18.87 7.60 -11.80
N GLU A 451 -19.18 6.34 -11.53
CA GLU A 451 -19.31 5.83 -10.18
C GLU A 451 -17.96 5.78 -9.47
N ASN A 452 -16.91 5.48 -10.23
CA ASN A 452 -15.58 5.39 -9.64
C ASN A 452 -14.72 6.61 -9.97
N LEU A 453 -15.27 7.50 -10.80
CA LEU A 453 -14.56 8.70 -11.26
C LEU A 453 -13.24 8.33 -11.91
N VAL A 454 -13.26 7.32 -12.76
CA VAL A 454 -12.06 6.92 -13.46
C VAL A 454 -12.36 6.52 -14.91
N ILE A 455 -11.41 6.84 -15.78
CA ILE A 455 -11.38 6.33 -17.14
C ILE A 455 -10.25 5.30 -17.18
N THR A 456 -10.56 4.08 -17.61
CA THR A 456 -9.56 3.04 -17.66
C THR A 456 -9.66 2.31 -19.00
N ASN A 457 -8.56 1.71 -19.45
CA ASN A 457 -8.58 0.99 -20.72
C ASN A 457 -9.18 -0.40 -20.56
N LYS A 458 -10.17 -0.72 -21.37
CA LYS A 458 -10.76 -2.05 -21.31
C LYS A 458 -10.10 -2.98 -22.32
N LYS A 459 -9.28 -2.43 -23.20
CA LYS A 459 -8.51 -3.25 -24.14
C LYS A 459 -7.02 -3.07 -23.90
N LYS A 460 -6.25 -4.06 -24.30
CA LYS A 460 -4.79 -3.96 -24.24
C LYS A 460 -4.32 -2.75 -25.06
N ILE A 461 -3.42 -1.95 -24.49
CA ILE A 461 -2.87 -0.78 -25.16
C ILE A 461 -1.40 -0.98 -25.51
N ASN A 462 -1.00 -0.61 -26.72
CA ASN A 462 0.43 -0.50 -27.03
C ASN A 462 0.86 0.93 -26.77
N PHE A 463 1.61 1.15 -25.70
CA PHE A 463 1.96 2.49 -25.28
C PHE A 463 3.02 3.06 -26.23
N GLY A 464 3.70 2.17 -26.95
CA GLY A 464 4.64 2.57 -27.98
C GLY A 464 6.02 1.98 -27.81
N LYS A 465 6.83 2.05 -28.86
CA LYS A 465 8.20 1.55 -28.80
C LYS A 465 9.08 2.39 -27.88
N ILE A 466 9.89 1.71 -27.09
CA ILE A 466 10.76 2.34 -26.11
C ILE A 466 12.19 2.35 -26.63
N GLN A 467 12.85 3.50 -26.59
CA GLN A 467 14.19 3.66 -27.20
C GLN A 467 15.36 3.44 -26.23
N ASP A 468 15.10 3.54 -24.93
CA ASP A 468 16.17 3.47 -23.92
C ASP A 468 17.04 2.23 -24.14
N GLN A 469 18.35 2.42 -24.02
CA GLN A 469 19.35 1.38 -24.28
C GLN A 469 19.20 0.73 -25.66
N ASN A 470 18.67 1.51 -26.61
CA ASN A 470 18.53 1.06 -28.00
C ASN A 470 17.65 -0.15 -28.17
N ARG A 471 16.80 -0.44 -27.18
CA ARG A 471 16.01 -1.67 -27.19
C ARG A 471 14.95 -1.68 -28.29
N GLN A 472 14.18 -0.61 -28.39
CA GLN A 472 13.13 -0.48 -29.41
C GLN A 472 12.10 -1.61 -29.34
N VAL A 473 11.60 -1.87 -28.14
CA VAL A 473 10.51 -2.84 -27.97
C VAL A 473 9.23 -2.14 -27.51
N ASP A 474 8.09 -2.78 -27.72
CA ASP A 474 6.79 -2.22 -27.34
C ASP A 474 6.51 -2.23 -25.84
N ALA A 475 6.06 -1.10 -25.33
CA ALA A 475 5.55 -1.02 -23.97
C ALA A 475 4.07 -1.37 -23.97
N LEU A 476 3.71 -2.48 -23.33
CA LEU A 476 2.31 -2.94 -23.38
C LEU A 476 1.59 -2.76 -22.05
N ILE A 477 0.34 -2.31 -22.15
CA ILE A 477 -0.49 -2.09 -20.96
C ILE A 477 -1.76 -2.94 -21.03
N GLU A 478 -1.91 -3.83 -20.05
CA GLU A 478 -3.08 -4.70 -19.96
C GLU A 478 -4.32 -3.88 -19.59
N PRO A 479 -5.51 -4.42 -19.86
CA PRO A 479 -6.75 -3.77 -19.43
C PRO A 479 -6.71 -3.37 -17.96
N ASN A 480 -7.29 -2.22 -17.65
CA ASN A 480 -7.33 -1.64 -16.31
C ASN A 480 -5.98 -1.19 -15.76
N ASN A 481 -4.93 -1.22 -16.59
CA ASN A 481 -3.63 -0.77 -16.12
C ASN A 481 -3.21 0.62 -16.61
N PHE A 482 -4.13 1.31 -17.27
CA PHE A 482 -3.97 2.75 -17.48
C PHE A 482 -5.19 3.45 -16.89
N LYS A 483 -4.96 4.51 -16.13
CA LYS A 483 -6.05 5.21 -15.45
C LYS A 483 -5.92 6.72 -15.57
N LEU A 484 -7.05 7.37 -15.83
CA LEU A 484 -7.15 8.83 -15.77
C LEU A 484 -8.35 9.09 -14.87
N ALA A 485 -8.12 9.73 -13.74
CA ALA A 485 -9.17 9.75 -12.71
C ALA A 485 -9.23 11.05 -11.94
N ILE A 486 -10.32 11.22 -11.20
N ILE A 486 -10.34 11.21 -11.21
CA ILE A 486 -10.38 12.25 -10.17
CA ILE A 486 -10.43 12.21 -10.15
C ILE A 486 -10.25 11.55 -8.83
C ILE A 486 -10.23 11.51 -8.83
N GLN A 487 -9.20 11.89 -8.10
CA GLN A 487 -8.87 11.24 -6.83
C GLN A 487 -8.58 12.32 -5.82
N ASN A 488 -9.32 12.32 -4.71
CA ASN A 488 -9.13 13.33 -3.67
C ASN A 488 -9.09 14.73 -4.28
N ASN A 489 -10.01 14.97 -5.22
CA ASN A 489 -10.19 16.25 -5.89
C ASN A 489 -9.01 16.71 -6.74
N GLN A 490 -8.18 15.76 -7.15
CA GLN A 490 -7.09 16.02 -8.08
C GLN A 490 -7.33 15.21 -9.35
N VAL A 491 -6.82 15.72 -10.47
CA VAL A 491 -6.79 14.96 -11.71
C VAL A 491 -5.53 14.10 -11.68
N VAL A 492 -5.70 12.79 -11.80
CA VAL A 492 -4.56 11.89 -11.66
C VAL A 492 -4.38 11.03 -12.90
N VAL A 493 -3.16 11.02 -13.45
CA VAL A 493 -2.88 10.10 -14.53
C VAL A 493 -1.97 8.99 -13.96
N GLU A 494 -2.26 7.74 -14.32
CA GLU A 494 -1.50 6.65 -13.77
C GLU A 494 -1.30 5.51 -14.76
N ILE A 495 -0.03 5.17 -14.97
CA ILE A 495 0.30 3.91 -15.61
C ILE A 495 0.53 2.95 -14.46
N VAL A 496 -0.43 2.06 -14.22
CA VAL A 496 -0.30 1.05 -13.17
C VAL A 496 0.87 0.13 -13.50
N ASP A 497 0.89 -0.33 -14.74
CA ASP A 497 1.92 -1.27 -15.19
C ASP A 497 2.02 -1.24 -16.71
N ALA A 498 3.14 -0.70 -17.22
CA ALA A 498 3.48 -0.84 -18.62
C ALA A 498 4.59 -1.87 -18.68
N THR A 499 4.41 -2.90 -19.50
CA THR A 499 5.27 -4.08 -19.48
C THR A 499 6.13 -4.23 -20.75
N TRP A 500 7.42 -4.52 -20.58
CA TRP A 500 8.30 -4.88 -21.70
C TRP A 500 9.66 -5.39 -21.19
N GLN A 501 10.45 -5.98 -22.08
CA GLN A 501 11.76 -6.46 -21.65
C GLN A 501 12.83 -5.42 -21.90
N GLN A 502 13.09 -4.59 -20.90
CA GLN A 502 14.13 -3.59 -21.02
C GLN A 502 15.47 -4.31 -21.03
N VAL A 503 15.66 -5.17 -20.05
CA VAL A 503 16.75 -6.14 -20.08
C VAL A 503 16.24 -7.36 -20.84
N VAL A 504 16.99 -7.81 -21.85
CA VAL A 504 16.56 -8.94 -22.65
C VAL A 504 16.30 -10.14 -21.77
N GLY A 505 15.11 -10.71 -21.91
CA GLY A 505 14.76 -11.88 -21.15
C GLY A 505 14.17 -11.64 -19.76
N VAL A 506 14.08 -10.39 -19.30
CA VAL A 506 13.37 -10.20 -18.03
C VAL A 506 12.22 -9.20 -18.23
N THR A 507 11.05 -9.65 -17.82
CA THR A 507 9.85 -8.86 -17.98
C THR A 507 9.86 -7.80 -16.88
N GLY A 508 9.88 -6.55 -17.30
CA GLY A 508 9.85 -5.43 -16.37
C GLY A 508 8.48 -4.79 -16.34
N HIS A 509 8.09 -4.34 -15.14
CA HIS A 509 6.82 -3.70 -14.92
C HIS A 509 7.03 -2.28 -14.44
N PHE A 510 6.68 -1.34 -15.31
CA PHE A 510 6.95 0.08 -15.06
C PHE A 510 5.68 0.80 -14.65
N GLY A 511 5.75 1.57 -13.57
CA GLY A 511 4.62 2.35 -13.11
C GLY A 511 4.91 3.83 -12.98
N TYR A 512 3.87 4.64 -13.16
CA TYR A 512 4.00 6.09 -13.11
C TYR A 512 2.69 6.71 -12.61
N ARG A 513 2.78 7.60 -11.61
CA ARG A 513 1.59 8.33 -11.17
C ARG A 513 1.88 9.81 -11.00
N GLN A 514 1.09 10.64 -11.68
CA GLN A 514 1.19 12.08 -11.49
C GLN A 514 -0.18 12.66 -11.20
N ALA A 515 -0.28 13.45 -10.14
CA ALA A 515 -1.52 14.15 -9.82
C ALA A 515 -1.43 15.65 -10.16
N TYR A 516 -2.56 16.23 -10.55
CA TYR A 516 -2.65 17.66 -10.84
C TYR A 516 -3.71 18.37 -10.01
N ASN A 517 -3.44 19.62 -9.66
CA ASN A 517 -4.45 20.49 -9.07
C ASN A 517 -5.05 21.44 -10.11
N LEU A 518 -6.38 21.49 -10.18
CA LEU A 518 -7.07 22.48 -11.02
C LEU A 518 -7.32 23.74 -10.19
N ILE A 519 -6.59 24.81 -10.53
CA ILE A 519 -6.70 26.04 -9.77
C ILE A 519 -7.23 27.18 -10.66
N LEU A 520 -7.54 28.31 -10.04
CA LEU A 520 -7.98 29.51 -10.75
C LEU A 520 -6.93 30.57 -10.48
N LYS A 521 -6.22 30.97 -11.54
CA LYS A 521 -5.11 31.91 -11.41
C LYS A 521 -5.55 33.32 -11.79
N ASN A 522 -5.14 34.28 -10.97
CA ASN A 522 -5.53 35.67 -11.13
C ASN A 522 -4.36 36.52 -11.63
N GLU A 523 -4.45 36.97 -12.88
CA GLU A 523 -3.53 37.96 -13.42
C GLU A 523 -4.28 39.20 -13.88
N ASN A 524 -4.01 40.33 -13.25
CA ASN A 524 -4.65 41.60 -13.60
C ASN A 524 -6.17 41.51 -13.55
N ASN A 525 -6.65 40.79 -12.54
CA ASN A 525 -8.08 40.55 -12.35
C ASN A 525 -8.78 39.90 -13.54
N VAL A 526 -8.01 39.12 -14.30
CA VAL A 526 -8.57 38.15 -15.22
C VAL A 526 -8.30 36.77 -14.64
N TYR A 527 -9.37 36.00 -14.42
CA TYR A 527 -9.28 34.69 -13.80
C TYR A 527 -9.29 33.59 -14.84
N LYS A 528 -8.30 32.69 -14.76
CA LYS A 528 -8.16 31.61 -15.75
C LYS A 528 -7.80 30.29 -15.09
N PRO A 529 -8.43 29.20 -15.55
CA PRO A 529 -8.14 27.90 -14.93
C PRO A 529 -6.76 27.39 -15.34
N LEU A 531 -4.12 23.75 -14.85
CA LEU A 531 -3.93 22.41 -14.31
C LEU A 531 -2.47 22.27 -13.95
N GLU A 532 -2.17 22.34 -12.65
CA GLU A 532 -0.78 22.39 -12.18
C GLU A 532 -0.33 21.08 -11.57
N GLU A 533 0.91 20.69 -11.84
CA GLU A 533 1.44 19.49 -11.22
C GLU A 533 1.46 19.64 -9.71
N SER A 534 1.00 18.60 -9.03
CA SER A 534 1.17 18.51 -7.59
C SER A 534 2.24 17.46 -7.34
N GLY A 535 3.45 17.92 -7.02
CA GLY A 535 4.50 17.02 -6.61
C GLY A 535 3.95 16.22 -5.45
N ASP A 536 4.44 15.00 -5.26
CA ASP A 536 5.53 14.47 -6.06
C ASP A 536 5.03 13.48 -7.09
N VAL A 537 5.90 13.10 -8.00
CA VAL A 537 5.63 12.01 -8.90
C VAL A 537 5.84 10.70 -8.15
N THR A 538 5.21 9.62 -8.61
CA THR A 538 5.59 8.28 -8.17
C THR A 538 6.03 7.48 -9.38
N ILE A 539 7.21 6.89 -9.29
CA ILE A 539 7.74 6.04 -10.34
C ILE A 539 8.10 4.69 -9.75
N SER A 540 7.71 3.62 -10.41
CA SER A 540 8.05 2.29 -9.93
C SER A 540 8.59 1.39 -11.03
N TYR A 541 9.36 0.39 -10.61
CA TYR A 541 9.84 -0.65 -11.51
C TYR A 541 9.93 -1.95 -10.75
N VAL A 543 10.47 -6.40 -11.05
CA VAL A 543 10.81 -7.64 -11.73
C VAL A 543 10.58 -8.78 -10.76
N THR A 544 10.58 -10.03 -11.25
CA THR A 544 10.49 -11.16 -10.33
C THR A 544 11.76 -11.27 -9.49
N GLU A 545 11.65 -11.87 -8.30
CA GLU A 545 12.80 -12.07 -7.43
C GLU A 545 13.86 -12.90 -8.13
N GLU A 546 13.42 -13.92 -8.85
CA GLU A 546 14.35 -14.77 -9.61
C GLU A 546 15.11 -13.99 -10.69
N ALA A 547 14.42 -13.08 -11.37
CA ALA A 547 15.08 -12.25 -12.36
C ALA A 547 16.07 -11.34 -11.66
N TRP A 548 15.64 -10.78 -10.53
CA TRP A 548 16.46 -9.94 -9.68
C TRP A 548 17.75 -10.62 -9.22
N LYS A 549 17.66 -11.88 -8.81
CA LYS A 549 18.85 -12.55 -8.30
C LYS A 549 19.79 -12.97 -9.42
N THR A 550 19.22 -13.32 -10.57
CA THR A 550 20.03 -13.88 -11.65
C THR A 550 20.46 -12.86 -12.71
N THR A 551 19.97 -11.62 -12.60
CA THR A 551 20.32 -10.61 -13.60
C THR A 551 20.48 -9.22 -12.97
N GLN A 552 20.96 -9.20 -11.74
CA GLN A 552 20.88 -8.00 -10.90
C GLN A 552 21.56 -6.77 -11.48
N ASP A 553 22.82 -6.91 -11.90
CA ASP A 553 23.57 -5.76 -12.42
C ASP A 553 22.86 -5.10 -13.61
N ALA A 554 22.40 -5.93 -14.55
CA ALA A 554 21.76 -5.43 -15.75
C ALA A 554 20.42 -4.78 -15.43
N ILE A 555 19.72 -5.31 -14.42
CA ILE A 555 18.44 -4.75 -14.03
C ILE A 555 18.60 -3.40 -13.35
N ILE A 556 19.57 -3.30 -12.44
CA ILE A 556 19.85 -2.03 -11.79
C ILE A 556 20.29 -0.96 -12.81
N SER A 557 21.17 -1.32 -13.74
CA SER A 557 21.61 -0.38 -14.77
C SER A 557 20.46 0.07 -15.64
N ALA A 558 19.61 -0.86 -16.02
CA ALA A 558 18.40 -0.52 -16.77
C ALA A 558 17.45 0.36 -15.96
N THR A 559 17.36 0.10 -14.66
CA THR A 559 16.40 0.84 -13.81
C THR A 559 16.85 2.29 -13.66
N VAL A 560 18.15 2.50 -13.52
CA VAL A 560 18.73 3.84 -13.52
C VAL A 560 18.31 4.60 -14.77
N GLY A 561 18.36 3.92 -15.90
CA GLY A 561 18.00 4.52 -17.18
C GLY A 561 16.53 4.89 -17.27
N LEU A 562 15.65 3.97 -16.87
CA LEU A 562 14.21 4.22 -16.95
C LEU A 562 13.74 5.26 -15.95
N VAL A 563 14.29 5.21 -14.74
CA VAL A 563 13.80 6.06 -13.65
C VAL A 563 14.32 7.50 -13.76
N VAL A 564 15.63 7.67 -13.96
CA VAL A 564 16.18 9.00 -14.17
C VAL A 564 15.65 9.57 -15.48
N GLY A 565 15.50 8.70 -16.48
CA GLY A 565 14.94 9.10 -17.75
C GLY A 565 13.52 9.64 -17.61
N THR A 566 12.68 8.89 -16.91
CA THR A 566 11.32 9.34 -16.67
C THR A 566 11.32 10.69 -15.97
N ILE A 567 12.20 10.84 -15.00
CA ILE A 567 12.29 12.08 -14.23
C ILE A 567 12.70 13.28 -15.08
N ILE A 568 13.69 13.12 -15.94
CA ILE A 568 14.19 14.26 -16.70
C ILE A 568 13.48 14.46 -18.05
N GLY A 569 12.75 13.45 -18.52
CA GLY A 569 11.92 13.63 -19.70
C GLY A 569 12.56 13.19 -21.00
N THR A 570 13.68 12.50 -20.89
CA THR A 570 14.36 11.97 -22.07
C THR A 570 15.23 10.79 -21.63
N ALA A 571 16.04 10.25 -22.53
CA ALA A 571 16.90 9.13 -22.16
C ALA A 571 18.01 9.59 -21.23
N PHE A 572 18.44 8.70 -20.33
CA PHE A 572 19.57 8.95 -19.47
C PHE A 572 20.49 7.73 -19.49
N SER A 573 21.60 7.85 -20.19
CA SER A 573 22.47 6.71 -20.43
C SER A 573 23.81 6.85 -19.72
N LYS A 574 24.01 7.97 -19.03
CA LYS A 574 25.27 8.23 -18.34
C LYS A 574 25.51 7.21 -17.24
N LEU A 575 26.74 6.72 -17.14
CA LEU A 575 27.07 5.83 -16.03
C LEU A 575 27.13 6.68 -14.76
N SER A 576 26.57 6.15 -13.69
CA SER A 576 26.59 6.85 -12.41
C SER A 576 26.66 5.88 -11.24
N ASP A 577 27.79 5.90 -10.52
CA ASP A 577 27.95 5.04 -9.35
C ASP A 577 26.95 5.42 -8.27
N LYS A 578 26.80 6.71 -8.03
CA LYS A 578 25.87 7.19 -7.00
C LYS A 578 24.45 6.72 -7.27
N LEU A 579 24.02 6.81 -8.53
CA LEU A 579 22.63 6.49 -8.86
C LEU A 579 22.42 4.97 -8.86
N TYR A 580 23.43 4.24 -9.28
CA TYR A 580 23.38 2.79 -9.23
C TYR A 580 23.16 2.34 -7.79
N LYS A 581 24.05 2.81 -6.91
CA LYS A 581 23.98 2.47 -5.49
C LYS A 581 22.68 2.93 -4.85
N PHE A 582 22.27 4.16 -5.15
CA PHE A 582 21.06 4.74 -4.56
C PHE A 582 19.82 3.95 -4.95
N LEU A 583 19.67 3.68 -6.23
CA LEU A 583 18.47 3.03 -6.71
C LEU A 583 18.48 1.55 -6.34
N LYS A 584 19.65 0.93 -6.34
CA LYS A 584 19.74 -0.46 -5.90
C LYS A 584 19.16 -0.58 -4.49
N SER A 585 19.54 0.36 -3.63
CA SER A 585 19.13 0.33 -2.23
C SER A 585 17.64 0.57 -2.04
N LYS A 586 16.95 0.99 -3.10
CA LYS A 586 15.52 1.27 -2.98
C LYS A 586 14.69 0.05 -3.40
N PHE A 587 15.35 -0.98 -3.90
CA PHE A 587 14.64 -2.20 -4.27
C PHE A 587 14.24 -2.99 -3.04
N ILE A 588 12.99 -3.44 -3.01
CA ILE A 588 12.50 -4.26 -1.92
C ILE A 588 12.09 -5.62 -2.45
N VAL A 589 12.62 -6.68 -1.84
CA VAL A 589 12.25 -8.04 -2.23
C VAL A 589 11.20 -8.62 -1.27
N LYS A 590 10.03 -8.92 -1.79
CA LYS A 590 8.98 -9.56 -1.01
C LYS A 590 7.93 -10.14 -1.97
N ASN A 591 7.27 -11.22 -1.54
CA ASN A 591 6.30 -11.91 -2.37
C ASN A 591 6.84 -12.31 -3.75
N LYS A 592 8.09 -12.78 -3.77
CA LYS A 592 8.75 -13.25 -5.00
C LYS A 592 8.82 -12.18 -6.08
N LYS A 593 8.93 -10.92 -5.64
CA LYS A 593 9.07 -9.80 -6.56
C LYS A 593 10.09 -8.82 -6.02
N ALA A 594 10.86 -8.21 -6.91
CA ALA A 594 11.76 -7.14 -6.51
C ALA A 594 11.22 -5.85 -7.10
N SER A 595 10.85 -4.92 -6.24
CA SER A 595 10.22 -3.70 -6.73
C SER A 595 10.87 -2.47 -6.14
N LEU A 596 11.02 -1.47 -7.01
N LEU A 596 11.05 -1.48 -7.00
CA LEU A 596 11.50 -0.17 -6.62
CA LEU A 596 11.49 -0.17 -6.57
C LEU A 596 10.34 0.84 -6.73
C LEU A 596 10.32 0.80 -6.70
N LYS A 597 10.18 1.68 -5.72
CA LYS A 597 9.18 2.74 -5.81
C LYS A 597 9.74 3.99 -5.16
N ILE A 598 9.87 5.06 -5.92
CA ILE A 598 10.33 6.31 -5.32
C ILE A 598 9.37 7.46 -5.49
N SER A 599 9.37 8.33 -4.48
CA SER A 599 8.54 9.52 -4.42
C SER A 599 9.28 10.62 -3.66
N GLY A 600 8.63 11.78 -3.57
CA GLY A 600 9.06 12.84 -2.68
C GLY A 600 10.48 13.30 -2.83
N LYS A 601 11.16 13.43 -1.69
CA LYS A 601 12.53 13.93 -1.65
C LYS A 601 13.48 13.10 -2.52
N ASP A 602 13.14 11.83 -2.71
CA ASP A 602 14.00 10.94 -3.48
C ASP A 602 14.13 11.38 -4.94
N ILE A 603 13.06 11.92 -5.52
CA ILE A 603 13.12 12.39 -6.90
C ILE A 603 14.12 13.54 -7.02
N ASN A 604 14.10 14.47 -6.07
CA ASN A 604 15.05 15.58 -6.12
C ASN A 604 16.47 15.10 -5.83
N GLU A 605 16.60 14.10 -4.99
CA GLU A 605 17.90 13.47 -4.75
C GLU A 605 18.46 12.94 -6.07
N VAL A 606 17.59 12.27 -6.82
CA VAL A 606 17.97 11.72 -8.13
C VAL A 606 18.35 12.82 -9.13
N ILE A 607 17.54 13.87 -9.18
CA ILE A 607 17.82 15.00 -10.07
C ILE A 607 19.20 15.59 -9.77
N GLU A 608 19.50 15.69 -8.49
CA GLU A 608 20.77 16.23 -8.03
C GLU A 608 21.92 15.33 -8.49
N SER A 610 21.92 13.12 -10.88
CA SER A 610 21.99 13.08 -12.33
C SER A 610 22.90 14.18 -12.89
N ASP A 611 23.07 15.23 -12.09
CA ASP A 611 23.86 16.40 -12.45
C ASP A 611 23.29 17.13 -13.66
N ILE A 612 22.00 16.96 -13.88
CA ILE A 612 21.31 17.72 -14.93
C ILE A 612 20.91 19.09 -14.38
N SER A 613 21.02 20.11 -15.22
CA SER A 613 20.71 21.47 -14.81
C SER A 613 19.30 21.86 -15.19
N LYS A 614 18.77 22.89 -14.55
CA LYS A 614 17.42 23.37 -14.86
C LYS A 614 17.29 23.89 -16.30
N PRO A 615 18.32 24.60 -16.82
CA PRO A 615 18.25 24.92 -18.25
C PRO A 615 18.19 23.68 -19.16
N GLN A 616 18.95 22.64 -18.87
CA GLN A 616 18.87 21.40 -19.64
C GLN A 616 17.49 20.74 -19.50
N LEU A 617 16.89 20.84 -18.32
CA LEU A 617 15.56 20.30 -18.13
C LEU A 617 14.55 21.06 -18.97
N LEU A 618 14.75 22.37 -19.09
CA LEU A 618 13.79 23.20 -19.84
C LEU A 618 13.88 22.95 -21.33
N SER A 619 15.09 22.68 -21.81
CA SER A 619 15.30 22.42 -23.23
C SER A 619 14.64 21.10 -23.62
N ILE A 620 14.79 20.11 -22.75
CA ILE A 620 14.11 18.84 -22.92
C ILE A 620 12.60 19.03 -23.01
N LYS A 621 12.06 19.78 -22.06
CA LYS A 621 10.61 19.97 -21.99
C LYS A 621 10.13 20.74 -23.23
N LYS A 622 10.90 21.73 -23.65
CA LYS A 622 10.57 22.48 -24.87
C LYS A 622 10.58 21.58 -26.11
N ALA A 623 11.56 20.68 -26.19
CA ALA A 623 11.63 19.76 -27.32
C ALA A 623 10.44 18.79 -27.31
N ASN A 624 10.04 18.36 -26.13
CA ASN A 624 8.90 17.46 -26.01
C ASN A 624 7.57 18.17 -26.27
N ALA A 625 7.50 19.44 -25.89
CA ALA A 625 6.36 20.27 -26.26
C ALA A 625 6.26 20.42 -27.78
N LYS A 626 7.40 20.60 -28.45
CA LYS A 626 7.39 20.70 -29.91
C LYS A 626 6.84 19.44 -30.54
N ILE A 627 7.31 18.28 -30.07
CA ILE A 627 6.80 17.00 -30.51
C ILE A 627 5.30 16.87 -30.21
N SER A 628 4.87 17.35 -29.05
CA SER A 628 3.46 17.28 -28.67
C SER A 628 2.56 18.05 -29.63
N THR A 629 3.01 19.23 -30.07
CA THR A 629 2.21 20.07 -30.95
C THR A 629 2.07 19.39 -32.31
N GLU A 630 3.16 18.77 -32.76
CA GLU A 630 3.16 18.08 -34.04
C GLU A 630 2.18 16.91 -34.06
N GLU A 631 2.06 16.20 -32.94
CA GLU A 631 1.23 15.01 -32.90
C GLU A 631 -0.22 15.43 -32.78
N VAL A 632 -0.49 16.34 -31.85
CA VAL A 632 -1.85 16.80 -31.59
C VAL A 632 -2.32 17.61 -32.81
N GLY A 633 -1.36 18.10 -33.59
CA GLY A 633 -1.64 18.74 -34.85
C GLY A 633 -2.34 17.81 -35.83
N LEU A 634 -2.24 16.50 -35.58
CA LEU A 634 -2.89 15.54 -36.46
C LEU A 634 -4.25 15.07 -35.95
N ILE A 635 -4.73 15.63 -34.85
CA ILE A 635 -6.00 15.18 -34.31
C ILE A 635 -7.16 15.58 -35.24
N SER A 636 -8.15 14.70 -35.33
CA SER A 636 -9.36 14.99 -36.11
C SER A 636 -10.23 15.98 -35.36
N GLN A 637 -11.11 16.65 -36.08
CA GLN A 637 -11.96 17.66 -35.45
C GLN A 637 -12.84 17.10 -34.32
N ASN A 638 -13.23 15.83 -34.43
CA ASN A 638 -14.10 15.24 -33.40
C ASN A 638 -13.34 14.64 -32.21
N GLY A 639 -12.02 14.80 -32.20
CA GLY A 639 -11.23 14.37 -31.06
C GLY A 639 -10.52 13.04 -31.26
N SER A 640 -10.91 12.31 -32.30
CA SER A 640 -10.25 11.05 -32.62
C SER A 640 -8.95 11.25 -33.38
N THR A 641 -8.05 10.29 -33.26
CA THR A 641 -6.83 10.26 -34.04
C THR A 641 -6.88 9.00 -34.90
N SER A 642 -6.52 9.12 -36.16
CA SER A 642 -6.61 7.97 -37.07
C SER A 642 -5.69 6.83 -36.62
N LEU A 643 -6.05 5.61 -37.01
CA LEU A 643 -5.22 4.45 -36.69
C LEU A 643 -3.84 4.58 -37.33
N GLU A 644 -3.79 5.18 -38.52
CA GLU A 644 -2.52 5.38 -39.22
C GLU A 644 -1.61 6.31 -38.44
N ASN A 645 -2.18 7.37 -37.87
CA ASN A 645 -1.39 8.32 -37.11
C ASN A 645 -0.96 7.78 -35.75
N LEU A 646 -1.86 7.11 -35.03
CA LEU A 646 -1.51 6.45 -33.78
C LEU A 646 -0.36 5.47 -33.99
N ALA A 647 -0.43 4.73 -35.08
CA ALA A 647 0.61 3.75 -35.39
C ALA A 647 1.95 4.45 -35.63
N ILE A 648 1.94 5.60 -36.31
CA ILE A 648 3.19 6.35 -36.49
C ILE A 648 3.78 6.77 -35.15
N PHE A 649 2.92 7.25 -34.25
CA PHE A 649 3.36 7.73 -32.94
C PHE A 649 3.98 6.59 -32.15
N LYS A 650 3.40 5.40 -32.27
CA LYS A 650 3.82 4.27 -31.45
C LYS A 650 5.00 3.51 -32.07
N ASN A 651 5.01 3.41 -33.39
CA ASN A 651 6.09 2.68 -34.08
C ASN A 651 7.43 3.40 -34.09
N LYS A 652 7.42 4.71 -33.82
CA LYS A 652 8.69 5.42 -33.71
C LYS A 652 9.21 5.27 -32.28
N PRO A 653 10.37 4.63 -32.12
CA PRO A 653 10.85 4.47 -30.74
C PRO A 653 11.18 5.82 -30.11
N ARG A 654 10.83 5.97 -28.85
CA ARG A 654 11.14 7.15 -28.06
C ARG A 654 11.54 6.71 -26.65
N PRO A 655 12.40 7.51 -25.99
CA PRO A 655 12.71 7.21 -24.58
C PRO A 655 11.44 7.18 -23.76
N ILE A 656 11.38 6.32 -22.74
CA ILE A 656 10.17 6.24 -21.94
C ILE A 656 9.85 7.59 -21.29
N GLY A 657 10.88 8.33 -20.91
CA GLY A 657 10.68 9.62 -20.27
C GLY A 657 10.11 10.64 -21.22
N GLU A 658 10.47 10.52 -22.49
CA GLU A 658 9.88 11.34 -23.54
C GLU A 658 8.39 11.05 -23.67
N ARG A 659 8.04 9.78 -23.82
CA ARG A 659 6.64 9.39 -23.95
C ARG A 659 5.83 9.86 -22.76
N VAL A 660 6.38 9.69 -21.56
CA VAL A 660 5.61 10.05 -20.36
C VAL A 660 5.46 11.56 -20.24
N GLN A 661 6.52 12.32 -20.51
CA GLN A 661 6.40 13.78 -20.41
C GLN A 661 5.43 14.31 -21.46
N ILE A 662 5.46 13.74 -22.66
CA ILE A 662 4.58 14.17 -23.74
C ILE A 662 3.12 13.91 -23.34
N LEU A 663 2.87 12.75 -22.75
CA LEU A 663 1.55 12.40 -22.24
C LEU A 663 1.00 13.51 -21.32
N GLY A 664 1.83 14.00 -20.40
CA GLY A 664 1.41 15.03 -19.48
C GLY A 664 1.12 16.39 -20.14
N LEU A 665 1.96 16.75 -21.09
CA LEU A 665 1.79 18.02 -21.79
C LEU A 665 0.49 18.02 -22.56
N LYS A 666 0.18 16.90 -23.19
CA LYS A 666 -1.05 16.75 -23.96
C LYS A 666 -2.27 16.74 -23.04
N LEU A 667 -2.18 16.01 -21.93
CA LEU A 667 -3.26 15.96 -20.95
C LEU A 667 -3.66 17.35 -20.46
N VAL A 668 -2.66 18.13 -20.07
CA VAL A 668 -2.91 19.44 -19.52
C VAL A 668 -3.57 20.31 -20.58
N SER A 669 -3.07 20.23 -21.81
CA SER A 669 -3.64 21.05 -22.87
C SER A 669 -5.04 20.59 -23.22
N GLY A 670 -5.24 19.28 -23.28
CA GLY A 670 -6.56 18.74 -23.62
C GLY A 670 -7.63 19.16 -22.61
N LEU A 671 -7.33 19.00 -21.32
CA LEU A 671 -8.29 19.33 -20.29
C LEU A 671 -8.61 20.81 -20.37
N ILE A 672 -7.58 21.64 -20.42
CA ILE A 672 -7.76 23.09 -20.41
C ILE A 672 -8.51 23.59 -21.66
N THR A 673 -8.30 22.96 -22.81
CA THR A 673 -9.00 23.43 -24.01
C THR A 673 -10.53 23.33 -23.88
N THR A 674 -11.00 22.46 -23.00
CA THR A 674 -12.45 22.33 -22.74
C THR A 674 -13.10 23.65 -22.32
N PHE A 675 -12.31 24.51 -21.68
CA PHE A 675 -12.79 25.84 -21.27
C PHE A 675 -12.88 26.83 -22.42
N GLY A 676 -12.35 26.45 -23.58
CA GLY A 676 -12.10 27.45 -24.60
C GLY A 676 -12.68 27.28 -25.98
N TRP A 677 -13.65 26.37 -26.13
CA TRP A 677 -14.30 26.23 -27.44
C TRP A 677 -14.92 27.55 -27.89
N SER A 678 -14.99 27.75 -29.20
CA SER A 678 -15.63 28.93 -29.78
C SER A 678 -16.33 28.49 -31.05
N ILE A 679 -17.24 29.30 -31.58
CA ILE A 679 -17.89 28.94 -32.83
C ILE A 679 -16.86 28.75 -33.93
N GLY A 680 -16.88 27.56 -34.55
CA GLY A 680 -15.97 27.27 -35.63
C GLY A 680 -14.51 27.02 -35.26
N PHE A 681 -14.25 26.73 -34.00
CA PHE A 681 -12.88 26.44 -33.54
C PHE A 681 -12.33 25.19 -34.24
N VAL A 682 -11.01 25.17 -34.43
CA VAL A 682 -10.31 24.03 -35.02
C VAL A 682 -9.59 23.31 -33.90
N LEU A 683 -9.88 22.03 -33.68
CA LEU A 683 -9.35 21.34 -32.49
C LEU A 683 -7.81 21.23 -32.47
N PRO A 684 -7.18 20.77 -33.58
CA PRO A 684 -5.71 20.75 -33.57
C PRO A 684 -5.08 22.10 -33.20
N ASP A 685 -5.61 23.18 -33.78
CA ASP A 685 -5.06 24.50 -33.54
C ASP A 685 -5.12 24.93 -32.07
N ILE A 686 -6.27 24.76 -31.41
CA ILE A 686 -6.39 25.22 -30.03
C ILE A 686 -5.53 24.35 -29.10
N LEU A 687 -5.42 23.06 -29.37
CA LEU A 687 -4.55 22.22 -28.55
C LEU A 687 -3.09 22.66 -28.68
N LYS A 688 -2.66 22.97 -29.91
CA LYS A 688 -1.31 23.46 -30.12
C LYS A 688 -1.10 24.80 -29.42
N ASP A 689 -2.08 25.69 -29.54
CA ASP A 689 -2.03 27.01 -28.89
C ASP A 689 -1.86 26.90 -27.38
N VAL A 690 -2.65 26.04 -26.74
CA VAL A 690 -2.52 25.87 -25.30
C VAL A 690 -1.19 25.19 -24.90
N ILE A 691 -0.79 24.16 -25.62
CA ILE A 691 0.53 23.56 -25.38
C ILE A 691 1.61 24.65 -25.47
N ASN A 692 1.59 25.45 -26.54
CA ASN A 692 2.60 26.49 -26.71
C ASN A 692 2.51 27.58 -25.66
N ALA A 693 1.29 28.00 -25.33
CA ALA A 693 1.11 29.03 -24.31
C ALA A 693 1.70 28.57 -22.99
N ASN A 694 1.51 27.29 -22.67
CA ASN A 694 2.00 26.77 -21.39
C ASN A 694 3.51 26.75 -21.29
N ILE A 695 4.21 26.27 -22.33
CA ILE A 695 5.67 26.32 -22.27
C ILE A 695 6.16 27.77 -22.28
N ASN A 696 5.50 28.62 -23.06
CA ASN A 696 5.95 30.00 -23.22
C ASN A 696 5.50 30.90 -22.06
N ASN A 697 4.74 30.33 -21.14
CA ASN A 697 4.14 31.09 -20.04
C ASN A 697 3.34 32.29 -20.55
N ASN A 698 2.53 32.05 -21.57
CA ASN A 698 1.70 33.10 -22.16
C ASN A 698 0.29 33.03 -21.58
N PHE A 699 0.04 33.83 -20.55
CA PHE A 699 -1.23 33.82 -19.85
C PHE A 699 -2.37 34.37 -20.73
N GLU A 700 -2.05 35.39 -21.50
CA GLU A 700 -3.03 36.09 -22.34
C GLU A 700 -3.76 35.20 -23.34
N VAL A 701 -3.09 34.16 -23.83
CA VAL A 701 -3.64 33.29 -24.87
C VAL A 701 -4.53 32.17 -24.29
N LEU A 702 -4.29 31.81 -23.02
CA LEU A 702 -5.05 30.74 -22.36
C LEU A 702 -6.52 31.04 -22.21
N PRO A 703 -7.37 30.00 -22.21
CA PRO A 703 -8.81 30.15 -21.98
C PRO A 703 -9.12 30.79 -20.63
N GLY A 704 -10.16 31.63 -20.59
CA GLY A 704 -10.58 32.27 -19.36
C GLY A 704 -11.73 31.50 -18.74
N ILE A 705 -11.98 31.74 -17.46
CA ILE A 705 -13.09 31.05 -16.81
C ILE A 705 -14.40 31.70 -17.20
N GLN A 706 -14.33 32.98 -17.58
CA GLN A 706 -15.56 33.74 -17.76
C GLN A 706 -16.25 33.26 -19.02
N GLN A 707 -15.49 32.97 -20.08
CA GLN A 707 -16.11 32.54 -21.33
C GLN A 707 -16.82 31.20 -21.14
N PHE A 708 -16.26 30.32 -20.30
CA PHE A 708 -16.91 29.05 -20.04
C PHE A 708 -18.16 29.20 -19.16
N THR A 709 -18.06 30.11 -18.20
CA THR A 709 -19.17 30.41 -17.29
C THR A 709 -20.37 30.91 -18.07
N GLN A 710 -20.14 31.65 -19.15
CA GLN A 710 -21.27 32.17 -19.92
C GLN A 710 -22.03 31.01 -20.59
N GLN A 711 -21.34 29.91 -20.87
CA GLN A 711 -22.01 28.72 -21.38
C GLN A 711 -22.89 28.07 -20.32
N CYS A 712 -22.47 28.17 -19.07
CA CYS A 712 -23.21 27.57 -17.96
C CYS A 712 -24.48 28.33 -17.63
N ILE A 713 -24.36 29.65 -17.60
CA ILE A 713 -25.43 30.48 -17.05
C ILE A 713 -26.35 31.06 -18.11
N GLY A 714 -26.03 30.88 -19.39
CA GLY A 714 -26.86 31.45 -20.45
C GLY A 714 -28.30 30.97 -20.42
N SER A 715 -28.50 29.69 -20.09
CA SER A 715 -29.83 29.07 -20.08
C SER A 715 -30.54 29.14 -18.74
N ILE A 716 -29.82 29.53 -17.68
CA ILE A 716 -30.38 29.53 -16.32
C ILE A 716 -30.17 30.90 -15.72
N GLN A 717 -31.25 31.66 -15.62
CA GLN A 717 -31.16 33.07 -15.28
C GLN A 717 -31.96 33.43 -14.06
N TRP A 718 -31.64 34.60 -13.52
CA TRP A 718 -32.26 35.11 -12.31
C TRP A 718 -33.07 36.38 -12.64
N PRO A 719 -33.97 36.80 -11.73
CA PRO A 719 -34.70 38.05 -11.90
C PRO A 719 -33.80 39.24 -11.59
N ASP A 720 -32.86 39.47 -12.48
CA ASP A 720 -31.84 40.49 -12.27
C ASP A 720 -31.15 40.69 -13.60
N ASN A 721 -30.81 41.93 -13.93
CA ASN A 721 -30.10 42.17 -15.17
C ASN A 721 -28.60 42.11 -14.91
N SER A 722 -28.09 40.88 -14.82
CA SER A 722 -26.72 40.67 -14.38
C SER A 722 -26.13 39.35 -14.86
N GLU A 723 -24.82 39.21 -14.68
CA GLU A 723 -24.13 37.97 -15.01
C GLU A 723 -23.14 37.58 -13.91
N LEU A 724 -23.15 36.30 -13.57
CA LEU A 724 -22.19 35.73 -12.62
C LEU A 724 -20.76 35.90 -13.13
N LYS A 725 -19.97 36.69 -12.40
CA LYS A 725 -18.55 36.86 -12.70
C LYS A 725 -17.75 36.07 -11.68
N ILE A 726 -17.01 35.08 -12.16
CA ILE A 726 -16.32 34.14 -11.30
C ILE A 726 -14.99 34.64 -10.72
N ASP A 727 -14.83 34.53 -9.41
CA ASP A 727 -13.54 34.80 -8.79
C ASP A 727 -13.13 33.67 -7.85
N PHE A 728 -13.82 32.53 -7.97
CA PHE A 728 -13.54 31.36 -7.14
C PHE A 728 -13.86 30.11 -7.95
N ALA A 729 -12.95 29.15 -7.93
CA ALA A 729 -13.19 27.87 -8.58
C ALA A 729 -12.41 26.80 -7.84
N LYS A 730 -13.06 25.66 -7.61
CA LYS A 730 -12.41 24.59 -6.86
C LYS A 730 -13.05 23.25 -7.20
N LEU A 731 -12.23 22.24 -7.43
CA LEU A 731 -12.70 20.87 -7.40
C LEU A 731 -12.79 20.49 -5.94
N GLN A 732 -14.02 20.30 -5.46
CA GLN A 732 -14.22 20.00 -4.07
C GLN A 732 -15.52 19.22 -3.99
N GLY A 733 -15.46 17.92 -4.31
CA GLY A 733 -16.66 17.10 -4.34
C GLY A 733 -17.46 17.33 -5.60
N VAL A 734 -17.68 18.60 -5.92
CA VAL A 734 -18.19 19.02 -7.22
C VAL A 734 -17.21 20.03 -7.81
N TYR A 735 -17.39 20.43 -9.07
CA TYR A 735 -16.66 21.58 -9.60
C TYR A 735 -17.46 22.83 -9.25
N LEU A 736 -16.99 23.56 -8.25
CA LEU A 736 -17.72 24.71 -7.73
C LEU A 736 -17.15 26.02 -8.25
N LEU A 737 -17.97 26.78 -8.98
CA LEU A 737 -17.58 28.11 -9.43
C LEU A 737 -18.34 29.15 -8.61
N GLY A 738 -17.64 30.09 -8.01
CA GLY A 738 -18.31 31.10 -7.19
C GLY A 738 -17.98 32.51 -7.65
N GLY A 739 -18.92 33.44 -7.51
CA GLY A 739 -18.64 34.81 -7.90
C GLY A 739 -19.72 35.80 -7.57
N ASN A 740 -19.64 36.99 -8.16
CA ASN A 740 -20.62 38.02 -7.92
C ASN A 740 -21.50 38.22 -9.14
N LEU A 741 -22.72 38.66 -8.91
CA LEU A 741 -23.60 39.01 -10.01
C LEU A 741 -23.34 40.47 -10.37
N VAL A 742 -22.72 40.69 -11.53
CA VAL A 742 -22.38 42.03 -11.95
C VAL A 742 -23.36 42.52 -12.99
N LYS A 743 -23.88 43.73 -12.78
CA LYS A 743 -24.83 44.36 -13.70
C LYS A 743 -24.32 44.37 -15.14
N ILE A 744 -25.22 44.03 -16.06
CA ILE A 744 -24.93 44.14 -17.48
C ILE A 744 -25.06 45.61 -17.88
N PRO A 745 -23.99 46.18 -18.47
CA PRO A 745 -23.99 47.61 -18.83
C PRO A 745 -25.06 47.91 -19.89
N ASN B 3 24.47 -3.55 7.35
CA ASN B 3 23.85 -4.03 6.12
C ASN B 3 24.83 -4.82 5.27
N LEU B 4 24.43 -6.02 4.86
CA LEU B 4 25.33 -7.01 4.27
C LEU B 4 25.72 -6.76 2.82
N LYS B 5 26.99 -6.97 2.51
CA LYS B 5 27.42 -7.00 1.11
C LYS B 5 26.83 -8.25 0.50
N PRO B 6 26.57 -8.24 -0.80
CA PRO B 6 25.96 -9.44 -1.39
C PRO B 6 26.96 -10.58 -1.54
N TYR B 7 26.48 -11.81 -1.49
CA TYR B 7 27.31 -12.96 -1.86
C TYR B 7 26.93 -13.45 -3.24
N ILE B 8 27.91 -13.61 -4.10
CA ILE B 8 27.68 -13.98 -5.49
C ILE B 8 27.97 -15.46 -5.72
N ILE B 9 26.94 -16.17 -6.14
CA ILE B 9 27.05 -17.57 -6.50
C ILE B 9 27.41 -17.68 -7.96
N TYR B 10 28.42 -18.47 -8.28
CA TYR B 10 28.73 -18.74 -9.68
C TYR B 10 28.15 -20.08 -10.06
N ASP B 11 27.12 -20.06 -10.90
CA ASP B 11 26.39 -21.29 -11.20
C ASP B 11 26.92 -21.88 -12.50
N TRP B 12 28.02 -22.62 -12.39
CA TRP B 12 28.67 -23.19 -13.55
C TRP B 12 27.80 -24.25 -14.21
N LYS B 13 27.12 -25.03 -13.38
CA LYS B 13 26.21 -26.06 -13.89
C LYS B 13 25.14 -25.45 -14.80
N GLU B 14 24.46 -24.42 -14.30
CA GLU B 14 23.40 -23.77 -15.08
C GLU B 14 23.98 -23.06 -16.30
N THR B 15 25.17 -22.48 -16.16
CA THR B 15 25.81 -21.82 -17.30
C THR B 15 25.93 -22.81 -18.47
N ILE B 16 26.44 -24.00 -18.19
CA ILE B 16 26.61 -25.01 -19.24
C ILE B 16 25.25 -25.48 -19.78
N LEU B 17 24.31 -25.72 -18.89
CA LEU B 17 22.97 -26.16 -19.30
C LEU B 17 22.27 -25.11 -20.14
N LYS B 18 22.31 -23.86 -19.68
CA LYS B 18 21.65 -22.75 -20.36
C LYS B 18 22.31 -22.48 -21.72
N ASN B 19 23.63 -22.53 -21.76
CA ASN B 19 24.35 -22.34 -23.02
C ASN B 19 24.06 -23.45 -24.03
N SER B 20 23.94 -24.68 -23.54
CA SER B 20 23.59 -25.81 -24.39
C SER B 20 22.17 -25.69 -24.96
N LYS B 21 21.24 -25.30 -24.08
CA LYS B 21 19.85 -25.11 -24.47
C LYS B 21 19.72 -24.07 -25.59
N ASP B 22 20.54 -23.03 -25.52
CA ASP B 22 20.52 -21.94 -26.51
C ASP B 22 21.38 -22.25 -27.72
N ASN B 23 22.07 -23.38 -27.70
CA ASN B 23 23.06 -23.69 -28.71
C ASN B 23 24.05 -22.55 -28.87
N TYR B 24 24.52 -22.03 -27.75
CA TYR B 24 25.52 -20.98 -27.72
C TYR B 24 26.88 -21.55 -27.36
N SER B 25 27.84 -21.38 -28.25
CA SER B 25 29.17 -21.90 -27.98
C SER B 25 30.27 -21.05 -28.62
N ILE B 26 31.30 -20.75 -27.84
CA ILE B 26 32.47 -20.02 -28.31
C ILE B 26 33.72 -20.89 -28.21
N ASN B 27 33.53 -22.21 -28.04
CA ASN B 27 34.63 -23.15 -27.80
C ASN B 27 35.70 -23.16 -28.90
N GLU B 28 35.28 -22.84 -30.12
CA GLU B 28 36.20 -22.86 -31.26
C GLU B 28 36.51 -21.45 -31.77
N SER B 29 36.15 -20.44 -30.98
N SER B 29 36.15 -20.44 -30.98
CA SER B 29 36.36 -19.06 -31.38
CA SER B 29 36.36 -19.05 -31.39
C SER B 29 37.75 -18.53 -31.03
C SER B 29 37.73 -18.52 -31.00
N ILE B 30 38.51 -19.33 -30.27
CA ILE B 30 39.79 -18.88 -29.73
C ILE B 30 40.89 -18.73 -30.80
N PRO B 31 41.86 -17.84 -30.55
CA PRO B 31 43.02 -17.72 -31.44
C PRO B 31 43.78 -19.03 -31.45
N LYS B 32 43.86 -19.68 -32.60
CA LYS B 32 44.35 -21.05 -32.64
C LYS B 32 45.87 -21.17 -32.50
N ILE B 33 46.61 -20.22 -33.06
CA ILE B 33 48.08 -20.28 -33.05
C ILE B 33 48.65 -19.88 -31.70
N PHE B 34 49.45 -20.74 -31.08
CA PHE B 34 50.10 -20.38 -29.83
C PHE B 34 51.55 -20.82 -29.82
N SER B 35 52.39 -20.07 -29.13
CA SER B 35 53.75 -20.51 -28.90
C SER B 35 54.32 -19.82 -27.67
N LYS B 36 55.25 -20.48 -27.01
CA LYS B 36 55.88 -19.91 -25.84
C LYS B 36 57.26 -20.48 -25.66
N LYS B 37 58.18 -19.65 -25.22
CA LYS B 37 59.54 -20.13 -24.94
C LYS B 37 59.91 -19.80 -23.50
N ILE B 38 60.58 -20.73 -22.84
CA ILE B 38 61.17 -20.46 -21.55
C ILE B 38 62.67 -20.68 -21.63
N CYS B 39 63.43 -19.59 -21.47
CA CYS B 39 64.88 -19.60 -21.69
C CYS B 39 65.66 -19.12 -20.48
N GLY B 40 66.99 -19.28 -20.54
CA GLY B 40 67.85 -18.86 -19.46
C GLY B 40 68.16 -19.96 -18.46
N GLY B 41 67.55 -21.13 -18.66
CA GLY B 41 67.67 -22.24 -17.72
C GLY B 41 69.08 -22.79 -17.57
N ARG B 42 69.36 -23.37 -16.40
CA ARG B 42 70.68 -23.86 -16.07
C ARG B 42 71.09 -25.07 -16.91
N PHE B 43 70.17 -25.99 -17.14
CA PHE B 43 70.50 -27.21 -17.88
C PHE B 43 69.76 -27.33 -19.20
N PHE B 44 68.61 -26.68 -19.32
CA PHE B 44 67.86 -26.73 -20.56
C PHE B 44 66.84 -25.61 -20.65
N ASN B 45 66.47 -25.28 -21.87
CA ASN B 45 65.32 -24.42 -22.15
C ASN B 45 64.19 -25.27 -22.69
N SER B 46 63.03 -24.67 -22.89
CA SER B 46 61.87 -25.41 -23.37
C SER B 46 61.07 -24.50 -24.28
N THR B 47 60.36 -25.12 -25.22
N THR B 47 60.41 -25.11 -25.26
CA THR B 47 59.58 -24.38 -26.20
CA THR B 47 59.56 -24.35 -26.16
C THR B 47 58.26 -25.09 -26.47
C THR B 47 58.23 -25.08 -26.34
N LEU B 48 57.20 -24.31 -26.64
CA LEU B 48 55.88 -24.83 -26.86
C LEU B 48 55.39 -24.20 -28.17
N SER B 49 54.84 -25.00 -29.07
CA SER B 49 54.34 -24.43 -30.32
C SER B 49 53.25 -25.30 -30.88
N GLY B 50 52.14 -24.68 -31.26
CA GLY B 50 51.05 -25.47 -31.80
C GLY B 50 49.80 -24.71 -32.15
N ASN B 51 48.72 -25.47 -32.24
CA ASN B 51 47.41 -24.96 -32.62
C ASN B 51 46.36 -25.50 -31.67
N TRP B 52 45.63 -24.60 -31.03
CA TRP B 52 44.48 -24.99 -30.22
C TRP B 52 43.40 -25.65 -31.06
N LYS B 53 42.71 -26.63 -30.48
CA LYS B 53 41.50 -27.17 -31.09
C LYS B 53 40.28 -26.44 -30.50
N SER B 54 40.26 -26.33 -29.18
CA SER B 54 39.12 -25.74 -28.48
C SER B 54 39.43 -25.39 -27.04
N TRP B 55 38.70 -24.41 -26.50
CA TRP B 55 38.65 -24.20 -25.05
C TRP B 55 37.21 -24.44 -24.61
N THR B 56 37.04 -25.15 -23.50
CA THR B 56 35.69 -25.39 -23.03
C THR B 56 35.54 -24.99 -21.56
N LEU B 57 34.59 -24.12 -21.25
CA LEU B 57 34.27 -23.84 -19.86
C LEU B 57 33.53 -25.07 -19.33
N THR B 58 34.03 -25.66 -18.24
CA THR B 58 33.37 -26.81 -17.65
C THR B 58 32.51 -26.39 -16.47
N ASP B 59 31.63 -27.28 -16.01
CA ASP B 59 30.78 -26.97 -14.87
C ASP B 59 31.41 -27.39 -13.54
N GLU B 60 32.71 -27.66 -13.55
CA GLU B 60 33.38 -28.18 -12.34
C GLU B 60 33.85 -27.12 -11.37
N GLY B 61 33.74 -25.85 -11.75
CA GLY B 61 34.23 -24.77 -10.92
C GLY B 61 33.72 -24.79 -9.48
N GLU B 62 34.60 -24.46 -8.56
CA GLU B 62 34.27 -24.38 -7.13
C GLU B 62 34.43 -22.93 -6.70
N GLY B 63 33.32 -22.19 -6.66
CA GLY B 63 33.40 -20.78 -6.38
C GLY B 63 33.78 -19.99 -7.62
N PRO B 64 34.35 -18.79 -7.42
CA PRO B 64 34.69 -17.87 -8.52
C PRO B 64 35.98 -18.32 -9.21
N HIS B 65 35.99 -19.58 -9.65
CA HIS B 65 37.21 -20.21 -10.14
C HIS B 65 36.90 -21.06 -11.36
N PRO B 66 36.67 -20.41 -12.51
CA PRO B 66 36.29 -21.16 -13.71
C PRO B 66 37.35 -22.18 -14.12
N VAL B 67 36.90 -23.32 -14.62
CA VAL B 67 37.79 -24.35 -15.09
C VAL B 67 37.65 -24.40 -16.60
N LEU B 68 38.77 -24.19 -17.29
CA LEU B 68 38.81 -24.25 -18.76
C LEU B 68 39.53 -25.51 -19.22
N LYS B 69 38.83 -26.36 -19.95
CA LYS B 69 39.45 -27.53 -20.56
C LYS B 69 39.98 -27.14 -21.92
N CYS B 70 41.30 -27.05 -22.05
CA CYS B 70 41.91 -26.58 -23.29
C CYS B 70 42.53 -27.74 -24.03
N THR B 71 42.02 -27.98 -25.23
CA THR B 71 42.45 -29.11 -26.03
C THR B 71 43.35 -28.65 -27.15
N ILE B 72 44.53 -29.25 -27.23
CA ILE B 72 45.50 -28.94 -28.29
C ILE B 72 45.24 -29.78 -29.54
N ASP B 73 45.16 -29.13 -30.70
CA ASP B 73 44.90 -29.85 -31.94
C ASP B 73 46.17 -30.57 -32.40
N ASN B 74 47.25 -29.81 -32.47
CA ASN B 74 48.55 -30.35 -32.83
C ASN B 74 49.62 -29.42 -32.30
N GLY B 75 50.85 -29.90 -32.27
CA GLY B 75 51.94 -29.08 -31.82
C GLY B 75 53.04 -29.92 -31.21
N TYR B 76 54.05 -29.25 -30.68
CA TYR B 76 55.15 -29.98 -30.05
C TYR B 76 55.66 -29.26 -28.81
N LEU B 77 56.12 -30.07 -27.86
CA LEU B 77 56.89 -29.61 -26.72
C LEU B 77 58.34 -29.97 -26.98
N GLU B 78 59.24 -29.00 -26.92
CA GLU B 78 60.65 -29.28 -27.14
C GLU B 78 61.48 -28.84 -25.94
N ILE B 79 62.35 -29.74 -25.49
CA ILE B 79 63.26 -29.49 -24.38
C ILE B 79 64.67 -29.62 -24.92
N TYR B 80 65.50 -28.61 -24.71
CA TYR B 80 66.81 -28.64 -25.35
C TYR B 80 67.91 -27.99 -24.53
N SER B 81 69.10 -28.57 -24.63
CA SER B 81 70.30 -27.95 -24.11
C SER B 81 71.17 -27.60 -25.31
N ASN B 82 72.41 -27.23 -25.05
CA ASN B 82 73.32 -26.87 -26.12
C ASN B 82 73.77 -28.12 -26.89
N THR B 83 73.58 -29.30 -26.30
CA THR B 83 74.14 -30.52 -26.87
C THR B 83 73.10 -31.60 -27.16
N SER B 84 71.87 -31.42 -26.68
CA SER B 84 70.83 -32.41 -26.96
C SER B 84 69.44 -31.82 -26.85
N SER B 85 68.47 -32.53 -27.41
CA SER B 85 67.09 -32.07 -27.40
C SER B 85 66.12 -33.20 -27.66
N GLU B 86 64.88 -33.00 -27.26
CA GLU B 86 63.83 -33.96 -27.54
C GLU B 86 62.53 -33.23 -27.88
N LYS B 87 61.76 -33.84 -28.76
CA LYS B 87 60.56 -33.24 -29.31
C LYS B 87 59.38 -34.18 -29.05
N HIS B 88 58.28 -33.65 -28.50
CA HIS B 88 57.12 -34.48 -28.21
C HIS B 88 55.86 -33.87 -28.77
N SER B 89 55.11 -34.65 -29.53
CA SER B 89 53.85 -34.18 -30.11
C SER B 89 52.80 -33.91 -29.02
N LEU B 90 52.09 -32.81 -29.15
CA LEU B 90 51.05 -32.46 -28.17
C LEU B 90 49.65 -32.72 -28.72
N LYS B 91 49.57 -33.46 -29.83
CA LYS B 91 48.30 -33.72 -30.50
C LYS B 91 47.23 -34.28 -29.55
N ASP B 92 46.08 -33.60 -29.52
CA ASP B 92 44.91 -34.00 -28.69
C ASP B 92 45.11 -33.92 -27.18
N ILE B 93 46.21 -33.33 -26.73
CA ILE B 93 46.43 -33.22 -25.29
C ILE B 93 45.41 -32.25 -24.71
N GLU B 94 44.83 -32.61 -23.56
CA GLU B 94 43.87 -31.75 -22.88
C GLU B 94 44.46 -31.25 -21.57
N ILE B 95 44.39 -29.94 -21.37
CA ILE B 95 44.90 -29.33 -20.16
C ILE B 95 43.78 -28.57 -19.50
N LYS B 96 43.51 -28.88 -18.24
CA LYS B 96 42.47 -28.16 -17.53
C LYS B 96 43.11 -27.05 -16.72
N VAL B 97 42.77 -25.81 -17.07
CA VAL B 97 43.38 -24.67 -16.42
C VAL B 97 42.34 -23.99 -15.54
N CYS B 98 42.72 -23.63 -14.32
CA CYS B 98 41.81 -22.95 -13.41
C CYS B 98 42.42 -21.59 -13.08
N SER B 100 41.15 -17.42 -11.01
CA SER B 100 40.20 -16.72 -10.13
C SER B 100 39.62 -15.47 -10.79
N ILE B 101 38.33 -15.27 -10.64
CA ILE B 101 37.69 -14.05 -11.15
C ILE B 101 36.96 -13.31 -10.05
N LYS B 102 36.70 -12.04 -10.27
CA LYS B 102 35.89 -11.25 -9.36
C LYS B 102 34.89 -10.46 -10.18
N PRO B 103 33.64 -10.38 -9.70
CA PRO B 103 32.58 -9.76 -10.48
C PRO B 103 32.54 -8.25 -10.32
N ASN B 104 32.07 -7.57 -11.36
CA ASN B 104 31.86 -6.13 -11.28
C ASN B 104 30.38 -5.83 -11.38
N SER B 105 29.97 -4.69 -10.84
CA SER B 105 28.59 -4.21 -10.94
C SER B 105 28.25 -3.91 -12.39
N ASP B 106 29.32 -3.86 -13.18
CA ASP B 106 29.31 -3.74 -14.63
C ASP B 106 28.60 -4.93 -15.29
N GLY B 107 28.62 -6.07 -14.61
CA GLY B 107 28.13 -7.29 -15.21
C GLY B 107 29.28 -8.08 -15.77
N THR B 108 30.46 -7.46 -15.77
CA THR B 108 31.65 -8.13 -16.27
C THR B 108 32.41 -8.81 -15.15
N HIS B 109 33.36 -9.63 -15.54
CA HIS B 109 34.22 -10.33 -14.60
C HIS B 109 35.66 -9.91 -14.82
N SER B 110 36.38 -9.61 -13.74
CA SER B 110 37.80 -9.35 -13.85
C SER B 110 38.57 -10.61 -13.55
N LEU B 111 39.44 -10.98 -14.47
CA LEU B 111 40.31 -12.14 -14.29
C LEU B 111 41.53 -11.74 -13.49
N CYS B 112 41.75 -12.42 -12.37
CA CYS B 112 42.89 -12.07 -11.51
C CYS B 112 44.17 -12.55 -12.15
N LYS B 113 45.06 -11.62 -12.45
CA LYS B 113 46.36 -12.00 -12.98
C LYS B 113 47.08 -12.80 -11.91
N ASN B 114 47.96 -13.70 -12.35
CA ASN B 114 48.77 -14.52 -11.45
C ASN B 114 48.00 -15.62 -10.75
N SER B 115 46.74 -15.81 -11.14
CA SER B 115 45.92 -16.80 -10.44
C SER B 115 45.77 -18.12 -11.21
N PHE B 116 46.42 -18.24 -12.37
CA PHE B 116 46.34 -19.47 -13.16
C PHE B 116 47.01 -20.65 -12.48
N TYR B 117 46.38 -21.82 -12.58
CA TYR B 117 47.06 -23.06 -12.20
C TYR B 117 46.47 -24.21 -13.00
N ILE B 118 47.22 -25.30 -13.07
CA ILE B 118 46.81 -26.49 -13.80
C ILE B 118 46.20 -27.53 -12.86
N LYS B 119 45.00 -27.99 -13.18
CA LYS B 119 44.37 -29.04 -12.39
C LYS B 119 44.83 -30.41 -12.89
N THR B 120 44.82 -30.58 -14.21
CA THR B 120 45.17 -31.86 -14.84
C THR B 120 45.73 -31.60 -16.22
N ASN B 121 46.49 -32.55 -16.75
CA ASN B 121 46.69 -32.62 -18.20
C ASN B 121 46.76 -34.06 -18.70
N SER B 122 46.42 -34.23 -19.97
CA SER B 122 46.20 -35.52 -20.62
C SER B 122 47.29 -36.59 -20.50
N LEU B 123 48.55 -36.17 -20.38
CA LEU B 123 49.66 -37.13 -20.33
C LEU B 123 49.57 -38.04 -19.10
N ARG B 129 58.39 -39.26 -17.97
CA ARG B 129 57.16 -38.53 -18.31
C ARG B 129 56.83 -37.46 -17.28
N LEU B 130 57.51 -37.49 -16.13
CA LEU B 130 57.21 -36.54 -15.06
C LEU B 130 57.73 -35.15 -15.39
N ILE B 131 58.88 -35.09 -16.05
CA ILE B 131 59.48 -33.81 -16.36
C ILE B 131 58.80 -33.16 -17.58
N LEU B 132 58.34 -33.99 -18.50
CA LEU B 132 57.69 -33.50 -19.71
C LEU B 132 56.37 -32.80 -19.36
N SER B 133 55.62 -33.39 -18.44
CA SER B 133 54.31 -32.86 -18.04
C SER B 133 54.48 -31.56 -17.27
N HIS B 134 55.53 -31.51 -16.44
CA HIS B 134 55.90 -30.32 -15.70
C HIS B 134 56.31 -29.17 -16.63
N CYS B 135 57.07 -29.48 -17.67
CA CYS B 135 57.52 -28.46 -18.61
C CYS B 135 56.35 -27.91 -19.41
N LEU B 136 55.45 -28.79 -19.81
CA LEU B 136 54.24 -28.38 -20.50
C LEU B 136 53.38 -27.48 -19.61
N ASP B 137 53.25 -27.86 -18.35
CA ASP B 137 52.48 -27.06 -17.38
C ASP B 137 53.03 -25.63 -17.29
N LYS B 138 54.35 -25.53 -17.15
CA LYS B 138 55.05 -24.25 -17.05
C LYS B 138 54.86 -23.37 -18.28
N LEU B 139 55.01 -23.96 -19.46
CA LEU B 139 54.86 -23.20 -20.70
C LEU B 139 53.42 -22.72 -20.90
N ILE B 140 52.46 -23.61 -20.66
CA ILE B 140 51.04 -23.25 -20.77
C ILE B 140 50.68 -22.14 -19.79
N LEU B 141 51.20 -22.22 -18.58
CA LEU B 141 50.89 -21.21 -17.57
C LEU B 141 51.47 -19.86 -17.96
N ALA B 142 52.70 -19.90 -18.47
CA ALA B 142 53.35 -18.68 -18.92
C ALA B 142 52.59 -18.08 -20.09
N TRP B 143 52.09 -18.94 -20.97
CA TRP B 143 51.33 -18.48 -22.13
C TRP B 143 50.02 -17.85 -21.69
N PHE B 144 49.35 -18.50 -20.74
CA PHE B 144 48.10 -17.97 -20.20
C PHE B 144 48.29 -16.59 -19.56
N LYS B 145 49.36 -16.43 -18.79
CA LYS B 145 49.69 -15.12 -18.22
C LYS B 145 49.91 -14.05 -19.28
N ASP B 146 50.71 -14.37 -20.30
CA ASP B 146 50.96 -13.41 -21.38
C ASP B 146 49.68 -13.06 -22.13
N ASN B 147 48.75 -14.00 -22.18
CA ASN B 147 47.54 -13.81 -22.98
C ASN B 147 46.29 -13.62 -22.12
N HIS B 148 46.48 -13.14 -20.90
CA HIS B 148 45.40 -13.04 -19.92
C HIS B 148 44.24 -12.15 -20.41
N LYS B 149 44.56 -11.13 -21.20
CA LYS B 149 43.49 -10.24 -21.66
C LYS B 149 42.53 -11.02 -22.52
N TYR B 150 43.04 -11.96 -23.30
CA TYR B 150 42.13 -12.75 -24.10
C TYR B 150 41.36 -13.76 -23.25
N ILE B 151 42.00 -14.28 -22.21
CA ILE B 151 41.33 -15.26 -21.36
C ILE B 151 40.13 -14.59 -20.70
N GLU B 152 40.32 -13.34 -20.31
CA GLU B 152 39.29 -12.56 -19.67
C GLU B 152 38.14 -12.30 -20.64
N LEU B 153 38.46 -12.00 -21.89
CA LEU B 153 37.45 -11.81 -22.93
C LEU B 153 36.58 -13.05 -23.05
N PHE B 154 37.25 -14.20 -23.22
CA PHE B 154 36.59 -15.50 -23.30
C PHE B 154 35.64 -15.73 -22.10
N ILE B 155 36.16 -15.51 -20.90
CA ILE B 155 35.36 -15.60 -19.69
C ILE B 155 34.13 -14.69 -19.79
N ASN B 156 34.35 -13.46 -20.22
CA ASN B 156 33.27 -12.49 -20.31
C ASN B 156 32.33 -12.72 -21.48
N ARG B 157 32.67 -13.66 -22.36
CA ARG B 157 31.77 -14.03 -23.45
C ARG B 157 31.11 -15.38 -23.20
N SER B 158 31.36 -15.97 -22.05
CA SER B 158 30.80 -17.30 -21.74
C SER B 158 29.37 -17.28 -21.17
N ARG B 159 28.80 -16.08 -21.00
CA ARG B 159 27.45 -15.93 -20.42
C ARG B 159 27.34 -16.64 -19.07
N ILE B 160 28.33 -16.43 -18.23
CA ILE B 160 28.37 -17.11 -16.95
C ILE B 160 27.14 -16.73 -16.12
N GLN B 161 26.42 -17.73 -15.63
CA GLN B 161 25.24 -17.50 -14.80
C GLN B 161 25.63 -17.28 -13.35
N THR B 162 25.12 -16.20 -12.77
CA THR B 162 25.39 -15.88 -11.38
C THR B 162 24.07 -15.70 -10.63
N ARG B 163 24.15 -15.84 -9.31
CA ARG B 163 23.02 -15.66 -8.38
C ARG B 163 23.50 -14.78 -7.25
N VAL B 164 22.83 -13.66 -7.04
CA VAL B 164 23.20 -12.72 -6.00
C VAL B 164 22.34 -12.99 -4.79
N GLU B 165 22.96 -13.32 -3.66
CA GLU B 165 22.21 -13.55 -2.42
C GLU B 165 22.36 -12.32 -1.51
N GLY B 166 21.28 -11.59 -1.33
CA GLY B 166 21.31 -10.36 -0.56
C GLY B 166 21.41 -10.63 0.93
N ASP B 167 20.90 -11.78 1.36
CA ASP B 167 20.90 -12.17 2.76
C ASP B 167 21.64 -13.48 2.90
N LEU B 168 22.06 -13.83 4.11
N LEU B 168 22.05 -13.83 4.12
CA LEU B 168 22.77 -15.08 4.36
CA LEU B 168 22.79 -15.08 4.34
C LEU B 168 22.02 -16.28 3.82
C LEU B 168 22.02 -16.28 3.81
N SER B 169 22.76 -17.21 3.21
CA SER B 169 22.17 -18.39 2.62
C SER B 169 22.97 -19.65 2.97
N LEU B 170 22.26 -20.76 3.18
CA LEU B 170 22.89 -22.08 3.32
C LEU B 170 22.94 -22.83 1.98
N LEU B 171 22.49 -22.17 0.91
CA LEU B 171 22.67 -22.65 -0.46
C LEU B 171 22.06 -24.03 -0.71
N GLY B 172 20.94 -24.31 -0.05
CA GLY B 172 20.24 -25.56 -0.26
C GLY B 172 20.50 -26.60 0.82
N TRP B 173 21.48 -26.34 1.68
CA TRP B 173 21.72 -27.22 2.84
C TRP B 173 20.75 -26.88 3.98
N ASP B 174 20.48 -27.85 4.84
CA ASP B 174 19.57 -27.64 5.99
C ASP B 174 20.25 -27.02 7.22
N ILE B 175 21.47 -27.48 7.52
CA ILE B 175 22.24 -26.99 8.65
C ILE B 175 23.70 -26.91 8.27
N GLU B 176 24.47 -26.12 9.02
CA GLU B 176 25.89 -26.02 8.75
C GLU B 176 26.68 -25.69 10.00
N SER B 177 27.78 -26.41 10.21
CA SER B 177 28.67 -26.11 11.32
C SER B 177 29.97 -25.59 10.76
N SER B 178 30.47 -24.48 11.29
CA SER B 178 31.66 -23.87 10.71
C SER B 178 32.68 -23.38 11.73
N VAL B 179 33.95 -23.35 11.32
CA VAL B 179 35.00 -22.72 12.11
C VAL B 179 35.84 -21.81 11.19
N SER B 180 36.49 -20.80 11.75
CA SER B 180 37.35 -19.93 10.94
C SER B 180 38.62 -20.70 10.55
N TYR B 181 39.33 -20.24 9.51
CA TYR B 181 40.60 -20.89 9.14
C TYR B 181 41.57 -20.82 10.31
N LYS B 182 41.55 -19.70 11.01
CA LYS B 182 42.41 -19.50 12.16
C LYS B 182 42.16 -20.58 13.20
N THR B 183 40.88 -20.82 13.49
CA THR B 183 40.50 -21.86 14.46
C THR B 183 40.97 -23.25 14.01
N ASN B 185 43.38 -23.88 12.01
CA ASN B 185 44.85 -23.92 12.09
C ASN B 185 45.36 -24.19 13.50
N GLU B 186 44.59 -23.77 14.49
CA GLU B 186 44.92 -24.10 15.87
C GLU B 186 44.79 -25.60 16.10
N PHE B 187 43.72 -26.19 15.55
CA PHE B 187 43.52 -27.65 15.64
C PHE B 187 44.70 -28.37 15.00
N ILE B 188 45.05 -27.94 13.79
CA ILE B 188 46.11 -28.61 13.05
C ILE B 188 47.41 -28.54 13.82
N LYS B 189 47.74 -27.37 14.35
CA LYS B 189 49.00 -27.23 15.07
C LYS B 189 48.99 -28.09 16.34
N LYS B 190 47.87 -28.13 17.03
CA LYS B 190 47.74 -28.94 18.23
C LYS B 190 47.87 -30.43 17.93
N ASP B 191 47.13 -30.90 16.93
CA ASP B 191 47.11 -32.33 16.63
C ASP B 191 48.46 -32.81 16.13
N ASN B 192 49.21 -31.93 15.46
CA ASN B 192 50.60 -32.22 15.06
C ASN B 192 50.73 -33.48 14.20
N LEU B 193 49.84 -33.62 13.22
CA LEU B 193 49.83 -34.79 12.34
C LEU B 193 50.36 -34.46 10.96
N TYR B 194 50.80 -33.22 10.77
CA TYR B 194 51.43 -32.82 9.53
C TYR B 194 52.87 -33.32 9.55
N GLU B 195 53.45 -33.53 8.38
CA GLU B 195 54.84 -34.00 8.32
C GLU B 195 55.81 -32.83 8.47
N LYS B 196 56.78 -32.99 9.36
CA LYS B 196 57.75 -31.94 9.61
C LYS B 196 59.02 -32.10 8.77
N LYS B 197 59.72 -33.22 8.95
CA LYS B 197 60.93 -33.46 8.18
C LYS B 197 60.60 -33.94 6.77
N PHE B 198 61.27 -33.38 5.77
CA PHE B 198 61.11 -33.89 4.41
C PHE B 198 62.47 -34.15 3.75
N HIS B 199 62.48 -35.14 2.88
CA HIS B 199 63.68 -35.50 2.11
C HIS B 199 63.23 -36.15 0.81
N GLN B 200 63.79 -35.68 -0.30
CA GLN B 200 63.44 -36.24 -1.59
C GLN B 200 64.58 -36.07 -2.56
N TYR B 201 64.94 -37.15 -3.23
CA TYR B 201 65.95 -37.14 -4.28
C TYR B 201 65.32 -37.54 -5.61
N GLU B 203 66.42 -37.66 -10.18
CA GLU B 203 67.26 -37.31 -11.33
C GLU B 203 66.46 -36.69 -12.46
N VAL B 204 66.76 -35.43 -12.75
CA VAL B 204 66.18 -34.74 -13.89
C VAL B 204 67.19 -34.77 -15.01
N ARG B 205 66.81 -35.31 -16.15
CA ARG B 205 67.75 -35.51 -17.24
C ARG B 205 68.78 -36.44 -16.63
N ARG B 206 70.02 -36.00 -16.55
CA ARG B 206 71.09 -36.73 -15.89
C ARG B 206 71.62 -35.90 -14.71
N ASN B 207 70.81 -34.95 -14.25
CA ASN B 207 71.20 -34.06 -13.16
C ASN B 207 70.55 -34.44 -11.84
N GLU B 208 71.25 -34.19 -10.74
CA GLU B 208 70.84 -34.67 -9.42
C GLU B 208 70.23 -33.59 -8.53
N TYR B 209 68.98 -33.81 -8.11
CA TYR B 209 68.30 -32.88 -7.22
C TYR B 209 67.97 -33.53 -5.89
N THR B 210 68.30 -32.84 -4.80
CA THR B 210 67.92 -33.27 -3.47
C THR B 210 67.36 -32.11 -2.66
N ILE B 211 66.21 -32.33 -2.05
CA ILE B 211 65.69 -31.39 -1.07
C ILE B 211 65.70 -32.04 0.30
N ASP B 212 65.99 -31.26 1.34
CA ASP B 212 66.05 -31.79 2.69
C ASP B 212 65.83 -30.66 3.67
N GLY B 213 64.83 -30.81 4.53
CA GLY B 213 64.58 -29.75 5.49
C GLY B 213 63.43 -30.07 6.42
N GLU B 214 62.86 -29.03 7.00
CA GLU B 214 61.78 -29.19 7.95
C GLU B 214 60.67 -28.18 7.70
N PHE B 215 59.43 -28.65 7.66
CA PHE B 215 58.27 -27.77 7.55
C PHE B 215 57.88 -27.23 8.92
N GLY B 216 57.34 -26.02 8.95
CA GLY B 216 56.65 -25.52 10.13
C GLY B 216 55.22 -26.03 10.08
N PRO B 217 54.38 -25.62 11.05
CA PRO B 217 52.99 -26.09 11.05
C PRO B 217 52.28 -25.80 9.74
N TRP B 218 51.65 -26.81 9.13
CA TRP B 218 50.89 -26.57 7.91
C TRP B 218 49.67 -25.76 8.27
N GLN B 219 49.31 -24.80 7.43
CA GLN B 219 48.18 -23.91 7.71
C GLN B 219 47.17 -23.91 6.59
N THR B 221 44.90 -22.12 4.20
CA THR B 221 45.08 -20.77 3.70
C THR B 221 44.09 -20.47 2.56
N THR B 222 44.09 -19.22 2.12
CA THR B 222 43.15 -18.77 1.11
C THR B 222 43.66 -19.03 -0.32
N GLY B 223 42.88 -18.62 -1.32
CA GLY B 223 43.32 -18.77 -2.69
C GLY B 223 42.39 -19.61 -3.54
N ALA B 224 41.70 -20.55 -2.90
CA ALA B 224 40.68 -21.33 -3.58
C ALA B 224 39.42 -21.35 -2.73
N ASP B 225 38.40 -22.07 -3.17
CA ASP B 225 37.11 -22.07 -2.45
C ASP B 225 36.44 -23.44 -2.54
N GLY B 226 35.33 -23.62 -1.84
CA GLY B 226 34.59 -24.85 -1.97
C GLY B 226 35.39 -26.04 -1.46
N GLN B 227 35.30 -27.16 -2.17
CA GLN B 227 35.97 -28.36 -1.67
C GLN B 227 37.47 -28.32 -1.92
N ASN B 228 37.95 -27.36 -2.73
CA ASN B 228 39.40 -27.15 -2.92
C ASN B 228 40.02 -26.49 -1.69
N ILE B 229 40.84 -27.24 -0.96
CA ILE B 229 41.48 -26.75 0.27
C ILE B 229 42.96 -26.50 0.01
N ARG B 230 43.49 -25.37 0.46
CA ARG B 230 44.92 -25.13 0.32
C ARG B 230 45.64 -25.08 1.65
N PHE B 231 46.86 -25.62 1.67
CA PHE B 231 47.70 -25.58 2.86
C PHE B 231 49.01 -24.87 2.58
N LEU B 232 49.29 -23.86 3.40
CA LEU B 232 50.58 -23.22 3.41
C LEU B 232 51.53 -24.06 4.26
N CYS B 233 52.62 -24.50 3.63
CA CYS B 233 53.63 -25.29 4.29
C CYS B 233 54.94 -24.53 4.41
N PRO B 234 55.13 -23.79 5.51
CA PRO B 234 56.35 -23.01 5.66
C PRO B 234 57.56 -23.91 5.78
N ILE B 235 58.62 -23.54 5.07
CA ILE B 235 59.88 -24.27 5.19
C ILE B 235 60.68 -23.60 6.31
N LYS B 236 60.72 -24.27 7.45
CA LYS B 236 61.40 -23.72 8.61
C LYS B 236 62.89 -23.64 8.33
N SER B 237 63.40 -24.69 7.70
CA SER B 237 64.79 -24.72 7.25
C SER B 237 64.93 -25.79 6.16
N ALA B 238 65.91 -25.64 5.27
CA ALA B 238 66.13 -26.63 4.22
C ALA B 238 67.47 -26.44 3.56
N THR B 239 67.99 -27.52 2.97
CA THR B 239 69.09 -27.41 2.03
C THR B 239 68.63 -27.91 0.67
N TYR B 240 69.10 -27.27 -0.39
CA TYR B 240 68.81 -27.74 -1.74
C TYR B 240 70.14 -28.13 -2.37
N LYS B 241 70.19 -29.31 -2.97
CA LYS B 241 71.44 -29.78 -3.58
C LYS B 241 71.21 -30.08 -5.06
N ILE B 242 72.01 -29.43 -5.91
CA ILE B 242 71.94 -29.65 -7.35
C ILE B 242 73.34 -30.08 -7.78
N ASN B 243 73.46 -31.34 -8.13
CA ASN B 243 74.72 -31.97 -8.40
C ASN B 243 75.66 -31.78 -7.24
N ASP B 244 76.75 -31.04 -7.38
CA ASP B 244 77.74 -30.89 -6.32
C ASP B 244 77.49 -29.67 -5.45
N ASP B 245 76.59 -28.80 -5.90
CA ASP B 245 76.34 -27.53 -5.21
C ASP B 245 75.24 -27.63 -4.17
N VAL B 246 75.52 -27.15 -2.96
CA VAL B 246 74.55 -27.17 -1.87
C VAL B 246 74.10 -25.74 -1.53
N TYR B 247 72.79 -25.55 -1.52
CA TYR B 247 72.17 -24.25 -1.28
C TYR B 247 71.39 -24.25 0.03
N ILE B 248 71.57 -23.22 0.84
CA ILE B 248 70.82 -23.07 2.08
C ILE B 248 69.56 -22.21 1.86
N ALA B 249 68.39 -22.80 2.08
CA ALA B 249 67.12 -22.10 1.91
C ALA B 249 67.04 -20.85 2.79
N LYS B 250 66.44 -19.80 2.24
CA LYS B 250 66.15 -18.60 3.03
C LYS B 250 64.99 -18.89 3.98
N PRO B 251 64.96 -18.22 5.14
CA PRO B 251 63.92 -18.49 6.15
C PRO B 251 62.48 -18.24 5.67
N ASP B 252 62.29 -17.52 4.57
CA ASP B 252 60.96 -17.15 4.12
C ASP B 252 60.39 -18.14 3.09
N ASN B 253 61.09 -19.24 2.87
CA ASN B 253 60.67 -20.23 1.88
C ASN B 253 59.41 -20.98 2.30
N PHE B 254 58.63 -21.40 1.31
CA PHE B 254 57.38 -22.11 1.56
C PHE B 254 56.86 -22.81 0.33
N ILE B 255 55.94 -23.74 0.55
CA ILE B 255 55.17 -24.38 -0.49
C ILE B 255 53.67 -24.22 -0.14
N ILE B 256 52.85 -23.94 -1.15
CA ILE B 256 51.40 -23.99 -0.97
C ILE B 256 50.87 -25.11 -1.85
N ILE B 257 50.16 -26.03 -1.23
CA ILE B 257 49.58 -27.16 -1.92
C ILE B 257 48.07 -27.04 -1.97
N GLN B 258 47.46 -27.69 -2.95
CA GLN B 258 46.01 -27.78 -2.99
C GLN B 258 45.59 -29.24 -3.02
N VAL B 259 44.62 -29.58 -2.18
CA VAL B 259 44.11 -30.94 -2.08
C VAL B 259 42.58 -30.87 -1.96
N ASP B 260 41.92 -31.99 -2.22
CA ASP B 260 40.50 -32.19 -1.88
C ASP B 260 40.41 -33.07 -0.66
N LEU B 261 39.30 -32.95 0.10
CA LEU B 261 39.05 -33.82 1.25
C LEU B 261 37.92 -34.78 0.91
N LYS B 262 37.74 -35.78 1.75
CA LYS B 262 36.64 -36.72 1.58
C LYS B 262 36.21 -37.28 2.92
N TYR B 263 34.91 -37.48 3.11
CA TYR B 263 34.40 -38.18 4.28
C TYR B 263 34.57 -39.69 4.13
N PHE B 264 35.42 -40.30 4.95
CA PHE B 264 35.62 -41.75 4.93
C PHE B 264 34.85 -42.45 6.06
N ASP B 265 34.26 -43.61 5.75
CA ASP B 265 33.63 -44.46 6.78
C ASP B 265 34.64 -44.73 7.87
N SER B 266 34.23 -44.59 9.11
CA SER B 266 35.11 -44.87 10.24
C SER B 266 34.34 -45.57 11.34
N LYS B 267 35.04 -46.35 12.14
CA LYS B 267 34.41 -46.86 13.36
C LYS B 267 34.01 -45.68 14.23
N THR B 268 32.95 -45.85 15.01
CA THR B 268 32.46 -44.76 15.86
C THR B 268 33.40 -44.52 17.02
N THR B 269 33.86 -43.28 17.15
CA THR B 269 34.73 -42.91 18.26
C THR B 269 34.22 -41.67 18.99
N ILE B 270 33.41 -40.86 18.32
CA ILE B 270 32.94 -39.65 19.00
C ILE B 270 31.79 -39.96 19.95
N ILE B 271 31.61 -39.09 20.94
CA ILE B 271 30.52 -39.19 21.90
C ILE B 271 29.52 -38.09 21.64
N ASP B 272 28.28 -38.47 21.35
CA ASP B 272 27.21 -37.49 21.18
C ASP B 272 26.25 -37.59 22.35
N PRO B 273 26.34 -36.66 23.32
CA PRO B 273 25.46 -36.69 24.50
C PRO B 273 23.99 -36.56 24.13
N SER B 274 23.69 -35.99 22.96
CA SER B 274 22.30 -35.79 22.58
C SER B 274 21.71 -37.02 21.90
N GLY B 275 22.55 -38.01 21.62
CA GLY B 275 22.13 -39.12 20.78
C GLY B 275 22.43 -40.50 21.35
N LEU B 276 21.93 -41.52 20.66
CA LEU B 276 22.10 -42.90 21.11
C LEU B 276 23.49 -43.40 20.75
N ASN B 277 24.20 -42.60 19.95
CA ASN B 277 25.54 -42.92 19.45
C ASN B 277 25.52 -44.05 18.42
N ASN B 278 24.33 -44.35 17.90
CA ASN B 278 24.21 -45.24 16.77
C ASN B 278 24.50 -44.44 15.49
N GLY B 279 24.23 -45.03 14.34
CA GLY B 279 24.53 -44.38 13.09
C GLY B 279 25.92 -44.74 12.62
N GLN B 280 26.33 -44.13 11.51
CA GLN B 280 27.62 -44.43 10.91
C GLN B 280 28.50 -43.20 10.99
N GLN B 281 29.71 -43.37 11.52
CA GLN B 281 30.61 -42.22 11.61
C GLN B 281 31.36 -42.00 10.29
N PHE B 282 31.62 -40.74 9.99
CA PHE B 282 32.47 -40.36 8.86
C PHE B 282 33.52 -39.38 9.34
N ASN B 283 34.77 -39.62 8.94
CA ASN B 283 35.88 -38.74 9.27
C ASN B 283 36.37 -38.01 8.01
N LEU B 284 36.49 -36.69 8.07
CA LEU B 284 36.91 -35.92 6.92
C LEU B 284 38.44 -35.90 6.84
N LYS B 285 38.99 -36.46 5.76
CA LYS B 285 40.45 -36.58 5.63
C LYS B 285 40.88 -36.17 4.22
N VAL B 286 42.17 -35.96 4.03
CA VAL B 286 42.71 -35.61 2.72
C VAL B 286 42.53 -36.80 1.78
N LYS B 287 42.07 -36.54 0.56
CA LYS B 287 42.14 -37.55 -0.49
C LYS B 287 43.58 -37.68 -0.96
N THR B 288 44.14 -38.88 -0.83
CA THR B 288 45.59 -39.04 -1.03
C THR B 288 45.93 -39.88 -2.26
N ASP B 289 44.91 -40.46 -2.87
CA ASP B 289 45.12 -41.30 -4.05
C ASP B 289 45.37 -40.47 -5.31
N SER B 290 46.54 -40.65 -5.92
CA SER B 290 46.80 -40.12 -7.24
C SER B 290 46.29 -41.12 -8.26
N THR B 291 45.95 -40.64 -9.44
CA THR B 291 45.60 -41.52 -10.55
C THR B 291 46.53 -41.24 -11.70
N ASP B 292 46.22 -41.80 -12.86
CA ASP B 292 47.08 -41.65 -14.02
C ASP B 292 47.16 -40.20 -14.46
N GLU B 293 46.05 -39.48 -14.39
CA GLU B 293 45.99 -38.13 -14.96
C GLU B 293 45.73 -37.03 -13.93
N ILE B 294 45.54 -37.43 -12.68
CA ILE B 294 45.26 -36.47 -11.61
C ILE B 294 46.15 -36.71 -10.39
N ASN B 295 46.97 -35.73 -10.04
CA ASN B 295 47.73 -35.82 -8.80
C ASN B 295 46.83 -35.55 -7.61
N ALA B 296 47.06 -36.26 -6.51
CA ALA B 296 46.30 -35.99 -5.29
C ALA B 296 46.67 -34.61 -4.75
N VAL B 297 47.90 -34.20 -5.03
CA VAL B 297 48.43 -32.92 -4.55
C VAL B 297 48.92 -32.08 -5.72
N ILE B 298 48.44 -30.85 -5.80
CA ILE B 298 49.04 -29.96 -6.78
C ILE B 298 49.69 -28.79 -6.05
N LEU B 299 50.78 -28.31 -6.62
CA LEU B 299 51.53 -27.19 -6.06
C LEU B 299 51.09 -25.91 -6.73
N VAL B 300 50.52 -25.01 -5.94
CA VAL B 300 49.94 -23.79 -6.50
C VAL B 300 50.71 -22.56 -6.08
N GLY B 301 51.77 -22.76 -5.30
CA GLY B 301 52.57 -21.64 -4.85
C GLY B 301 53.88 -22.11 -4.26
N SER B 302 54.91 -21.28 -4.39
CA SER B 302 56.19 -21.61 -3.80
C SER B 302 57.08 -20.39 -3.72
N ARG B 303 57.93 -20.39 -2.71
CA ARG B 303 59.07 -19.51 -2.63
C ARG B 303 60.25 -20.39 -2.30
N ILE B 304 61.11 -20.61 -3.30
CA ILE B 304 62.27 -21.46 -3.16
C ILE B 304 63.50 -20.65 -3.54
N THR B 305 64.23 -20.18 -2.54
CA THR B 305 65.36 -19.30 -2.74
C THR B 305 66.48 -19.65 -1.78
N ASP B 306 67.72 -19.30 -2.13
CA ASP B 306 68.86 -19.62 -1.29
C ASP B 306 69.49 -18.37 -0.69
N VAL B 307 70.11 -18.54 0.47
CA VAL B 307 70.60 -17.42 1.27
C VAL B 307 71.68 -16.59 0.54
N ASN B 308 72.43 -17.22 -0.36
CA ASN B 308 73.50 -16.52 -1.09
C ASN B 308 73.05 -16.04 -2.45
N GLU B 309 71.83 -16.42 -2.83
CA GLU B 309 71.25 -16.08 -4.13
C GLU B 309 72.14 -16.60 -5.26
N ASP B 310 72.64 -17.82 -5.08
CA ASP B 310 73.47 -18.48 -6.07
C ASP B 310 72.67 -19.44 -6.94
N LEU B 311 71.40 -19.67 -6.58
CA LEU B 311 70.56 -20.51 -7.43
C LEU B 311 70.44 -19.88 -8.81
N TYR B 312 70.56 -20.69 -9.84
CA TYR B 312 70.42 -20.20 -11.21
C TYR B 312 68.96 -19.84 -11.48
N PRO B 313 68.74 -18.95 -12.45
CA PRO B 313 67.37 -18.66 -12.87
C PRO B 313 66.66 -19.95 -13.27
N GLY B 314 65.49 -20.20 -12.69
CA GLY B 314 64.71 -21.37 -13.05
C GLY B 314 64.97 -22.59 -12.19
N ASP B 315 66.00 -22.54 -11.35
CA ASP B 315 66.28 -23.66 -10.45
C ASP B 315 65.15 -23.84 -9.44
N ASP B 316 64.49 -22.73 -9.09
CA ASP B 316 63.37 -22.78 -8.17
C ASP B 316 62.25 -23.68 -8.73
N VAL B 317 62.01 -23.58 -10.03
CA VAL B 317 61.00 -24.39 -10.68
C VAL B 317 61.43 -25.85 -10.77
N SER B 318 62.73 -26.08 -10.98
CA SER B 318 63.25 -27.44 -11.00
C SER B 318 63.06 -28.10 -9.64
N LEU B 319 63.31 -27.34 -8.58
CA LEU B 319 63.17 -27.85 -7.22
C LEU B 319 61.70 -28.06 -6.89
N GLU B 320 60.86 -27.29 -7.56
CA GLU B 320 59.44 -27.35 -7.35
C GLU B 320 58.87 -28.73 -7.70
N ILE B 321 59.40 -29.33 -8.75
CA ILE B 321 58.86 -30.63 -9.17
C ILE B 321 59.35 -31.70 -8.20
N VAL B 322 60.50 -31.44 -7.56
CA VAL B 322 60.99 -32.34 -6.52
C VAL B 322 60.05 -32.30 -5.31
N PHE B 323 59.68 -31.10 -4.87
CA PHE B 323 58.68 -30.96 -3.81
C PHE B 323 57.37 -31.62 -4.19
N LYS B 324 56.93 -31.42 -5.43
CA LYS B 324 55.62 -31.94 -5.82
C LYS B 324 55.61 -33.46 -5.75
N THR B 325 56.73 -34.06 -6.13
CA THR B 325 56.89 -35.50 -6.08
C THR B 325 56.89 -35.99 -4.64
N TRP B 326 57.57 -35.25 -3.77
CA TRP B 326 57.57 -35.59 -2.36
C TRP B 326 56.13 -35.56 -1.80
N PHE B 327 55.40 -34.49 -2.08
CA PHE B 327 54.06 -34.36 -1.52
C PHE B 327 53.16 -35.49 -1.97
N ASN B 328 53.23 -35.85 -3.24
CA ASN B 328 52.35 -36.89 -3.72
C ASN B 328 52.74 -38.26 -3.21
N ALA B 329 53.97 -38.41 -2.76
CA ALA B 329 54.41 -39.68 -2.21
C ALA B 329 54.20 -39.75 -0.70
N ASN B 330 53.90 -38.62 -0.07
CA ASN B 330 53.87 -38.56 1.38
C ASN B 330 52.62 -37.94 2.01
N ILE B 331 51.70 -37.47 1.17
CA ILE B 331 50.54 -36.75 1.67
C ILE B 331 49.68 -37.65 2.58
N GLN B 332 49.74 -38.95 2.35
CA GLN B 332 48.97 -39.89 3.15
C GLN B 332 49.38 -39.89 4.64
N LYS B 333 50.56 -39.32 4.95
CA LYS B 333 51.01 -39.21 6.33
C LYS B 333 50.41 -38.00 7.07
N PHE B 334 49.71 -37.14 6.33
CA PHE B 334 48.95 -36.02 6.89
C PHE B 334 47.58 -36.59 7.30
N THR B 335 47.54 -37.17 8.50
CA THR B 335 46.42 -37.99 8.91
C THR B 335 45.41 -37.18 9.70
N GLN B 336 45.54 -35.87 9.65
CA GLN B 336 44.58 -34.96 10.27
C GLN B 336 43.13 -35.32 9.92
N ILE B 337 42.26 -35.30 10.93
CA ILE B 337 40.82 -35.37 10.67
C ILE B 337 40.25 -33.98 10.84
N PHE B 338 39.48 -33.51 9.86
CA PHE B 338 39.01 -32.13 9.84
C PHE B 338 37.59 -31.98 10.34
N SER B 339 36.91 -33.12 10.49
CA SER B 339 35.48 -33.14 10.81
C SER B 339 35.08 -34.56 11.10
N TYR B 340 34.32 -34.75 12.20
CA TYR B 340 33.77 -36.05 12.57
C TYR B 340 32.27 -35.91 12.59
N ILE B 341 31.56 -36.77 11.86
CA ILE B 341 30.12 -36.69 11.87
C ILE B 341 29.50 -38.08 12.08
N LEU B 342 28.47 -38.14 12.93
CA LEU B 342 27.64 -39.32 13.02
C LEU B 342 26.42 -39.15 12.14
N LEU B 343 26.31 -40.00 11.13
CA LEU B 343 25.21 -39.96 10.17
C LEU B 343 24.12 -40.94 10.56
N ASN B 344 22.86 -40.56 10.34
CA ASN B 344 21.71 -41.43 10.60
C ASN B 344 21.61 -41.80 12.08
N GLU B 345 22.02 -40.88 12.93
CA GLU B 345 21.98 -41.11 14.36
C GLU B 345 20.58 -40.84 14.90
N THR B 346 20.18 -41.57 15.93
CA THR B 346 18.94 -41.32 16.65
C THR B 346 19.21 -40.35 17.80
N SER B 347 18.40 -39.31 17.93
CA SER B 347 18.50 -38.43 19.10
C SER B 347 17.75 -39.01 20.30
N LYS B 348 18.21 -38.67 21.50
CA LYS B 348 17.55 -39.14 22.72
C LYS B 348 16.18 -38.48 22.91
N ILE B 349 16.08 -37.25 22.44
CA ILE B 349 14.83 -36.50 22.44
C ILE B 349 14.25 -36.50 21.02
N PRO B 350 13.16 -37.25 20.81
CA PRO B 350 12.54 -37.45 19.49
C PRO B 350 12.21 -36.12 18.81
N GLU B 351 11.86 -35.11 19.61
CA GLU B 351 11.51 -33.79 19.06
C GLU B 351 12.72 -33.04 18.52
N TYR B 352 13.92 -33.56 18.78
CA TYR B 352 15.14 -33.00 18.19
C TYR B 352 15.77 -33.93 17.15
N GLN B 353 15.01 -34.93 16.71
CA GLN B 353 15.49 -35.84 15.69
C GLN B 353 15.78 -35.08 14.38
N TRP B 354 15.08 -33.98 14.18
CA TRP B 354 15.24 -33.19 12.95
C TRP B 354 16.61 -32.50 12.85
N LEU B 355 17.37 -32.50 13.93
CA LEU B 355 18.70 -31.88 13.88
C LEU B 355 19.81 -32.86 13.52
N LYS B 356 19.47 -34.14 13.37
CA LYS B 356 20.46 -35.19 13.13
C LYS B 356 20.77 -35.34 11.64
N PRO B 357 22.05 -35.20 11.27
CA PRO B 357 22.37 -35.20 9.83
C PRO B 357 22.13 -36.54 9.13
N THR B 358 21.61 -36.47 7.91
CA THR B 358 21.34 -37.66 7.09
C THR B 358 22.04 -37.61 5.72
N GLN B 359 22.54 -36.44 5.33
CA GLN B 359 23.47 -36.35 4.19
C GLN B 359 24.46 -35.26 4.54
N ILE B 360 25.73 -35.44 4.19
CA ILE B 360 26.73 -34.48 4.62
C ILE B 360 27.69 -34.12 3.51
N SER B 361 28.31 -32.96 3.65
CA SER B 361 29.37 -32.53 2.75
C SER B 361 30.23 -31.54 3.49
N TYR B 362 31.25 -31.02 2.82
CA TYR B 362 32.05 -29.95 3.40
C TYR B 362 32.32 -28.92 2.30
N GLY B 363 32.70 -27.71 2.73
CA GLY B 363 33.02 -26.66 1.78
C GLY B 363 33.82 -25.60 2.49
N SER B 364 34.19 -24.56 1.76
CA SER B 364 35.01 -23.52 2.33
C SER B 364 34.76 -22.20 1.63
N ALA B 365 35.03 -21.10 2.34
CA ALA B 365 34.98 -19.78 1.78
C ALA B 365 36.24 -19.03 2.17
N SER B 366 37.13 -18.81 1.20
CA SER B 366 38.34 -18.08 1.45
C SER B 366 38.08 -16.60 1.32
N VAL B 367 38.46 -15.87 2.36
CA VAL B 367 38.26 -14.44 2.37
C VAL B 367 39.59 -13.79 2.54
N THR B 368 39.82 -12.81 1.69
CA THR B 368 41.08 -12.13 1.66
C THR B 368 40.75 -10.67 1.97
N PRO B 370 42.58 -6.42 1.89
CA PRO B 370 43.76 -5.66 1.48
C PRO B 370 44.78 -5.58 2.59
N ASP B 371 46.06 -5.75 2.25
CA ASP B 371 47.13 -5.47 3.18
C ASP B 371 47.08 -3.99 3.57
N PRO B 372 46.81 -3.71 4.86
CA PRO B 372 46.76 -2.31 5.32
C PRO B 372 48.02 -1.52 5.00
N SER B 373 49.16 -2.21 4.94
CA SER B 373 50.43 -1.57 4.61
C SER B 373 50.68 -1.51 3.10
N ASN B 374 50.05 -2.43 2.37
CA ASN B 374 50.22 -2.52 0.93
C ASN B 374 48.88 -2.75 0.22
N PRO B 375 48.07 -1.74 0.05
CA PRO B 375 46.72 -1.95 -0.50
C PRO B 375 46.57 -2.61 -1.85
N ASN B 376 47.60 -2.82 -2.62
CA ASN B 376 47.46 -3.50 -3.89
C ASN B 376 47.64 -5.00 -3.80
N LYS B 377 48.03 -5.47 -2.63
CA LYS B 377 48.21 -6.86 -2.35
C LYS B 377 47.13 -7.30 -1.36
N GLU B 378 46.76 -8.56 -1.41
CA GLU B 378 45.73 -9.08 -0.53
C GLU B 378 46.35 -10.03 0.48
N LEU B 379 45.85 -10.00 1.71
CA LEU B 379 46.28 -10.94 2.76
C LEU B 379 45.14 -11.88 3.07
N SER B 380 45.46 -13.07 3.55
CA SER B 380 44.42 -13.96 4.03
C SER B 380 43.69 -13.29 5.19
N ASN B 381 42.37 -13.37 5.18
CA ASN B 381 41.60 -12.99 6.37
C ASN B 381 41.20 -14.30 7.02
N LEU B 382 42.04 -14.78 7.92
CA LEU B 382 41.84 -16.10 8.52
C LEU B 382 40.72 -16.12 9.56
N ASP B 383 40.23 -14.94 9.94
CA ASP B 383 39.08 -14.84 10.83
C ASP B 383 37.77 -14.97 10.06
N ALA B 384 37.70 -14.31 8.90
CA ALA B 384 36.47 -14.33 8.11
C ALA B 384 36.39 -15.58 7.25
N SER B 385 37.54 -16.07 6.81
CA SER B 385 37.58 -17.32 6.04
C SER B 385 36.97 -18.47 6.81
N THR B 386 36.10 -19.22 6.13
CA THR B 386 35.22 -20.18 6.77
C THR B 386 35.39 -21.60 6.24
N PHE B 387 35.63 -22.54 7.15
CA PHE B 387 35.62 -23.96 6.81
C PHE B 387 34.35 -24.58 7.39
N ALA B 388 33.59 -25.29 6.56
CA ALA B 388 32.25 -25.70 6.94
C ALA B 388 31.97 -27.17 6.70
N ALA B 389 31.21 -27.76 7.62
CA ALA B 389 30.57 -29.04 7.39
C ALA B 389 29.09 -28.78 7.21
N ALA B 391 25.03 -30.23 6.17
CA ALA B 391 24.22 -31.42 6.17
C ALA B 391 22.78 -31.17 5.75
N VAL B 393 19.06 -32.80 6.76
CA VAL B 393 18.46 -33.53 7.87
C VAL B 393 17.15 -34.15 7.41
N GLU B 394 16.52 -34.95 8.28
CA GLU B 394 15.21 -35.54 8.01
C GLU B 394 15.14 -36.30 6.69
N ASN B 395 16.25 -36.92 6.28
CA ASN B 395 16.37 -37.65 5.01
C ASN B 395 16.05 -36.81 3.77
N HIS B 396 16.15 -35.49 3.89
CA HIS B 396 16.04 -34.60 2.73
C HIS B 396 17.17 -34.88 1.73
N LYS B 397 16.84 -35.01 0.45
CA LYS B 397 17.89 -35.28 -0.54
C LYS B 397 18.44 -33.97 -1.11
N ASN B 398 19.75 -33.93 -1.34
CA ASN B 398 20.37 -32.81 -2.02
C ASN B 398 21.15 -33.35 -3.22
N ASP B 399 20.52 -33.27 -4.39
CA ASP B 399 21.07 -33.81 -5.63
C ASP B 399 22.01 -32.84 -6.33
N ARG B 400 22.03 -31.59 -5.87
CA ARG B 400 22.90 -30.58 -6.46
C ARG B 400 23.67 -29.86 -5.36
N PRO B 401 24.61 -30.57 -4.71
CA PRO B 401 25.32 -29.99 -3.57
C PRO B 401 26.17 -28.78 -3.94
N ASN B 402 25.96 -27.66 -3.25
CA ASN B 402 26.78 -26.47 -3.45
C ASN B 402 27.85 -26.40 -2.37
N HIS B 403 29.12 -26.38 -2.76
CA HIS B 403 30.17 -26.44 -1.77
C HIS B 403 30.82 -25.10 -1.51
N ALA B 404 30.49 -24.12 -2.33
CA ALA B 404 31.13 -22.82 -2.20
C ALA B 404 30.30 -21.99 -1.23
N VAL B 405 30.48 -22.26 0.05
CA VAL B 405 29.58 -21.71 1.07
C VAL B 405 29.70 -20.18 1.18
N ASP B 406 28.59 -19.58 1.59
CA ASP B 406 28.49 -18.15 1.90
C ASP B 406 29.69 -17.73 2.74
N ASN B 407 30.29 -16.60 2.39
CA ASN B 407 31.51 -16.15 3.08
C ASN B 407 31.25 -15.07 4.13
N ARG B 408 29.98 -14.87 4.50
CA ARG B 408 29.66 -13.76 5.38
C ARG B 408 29.38 -14.13 6.85
N PHE B 409 29.34 -15.43 7.16
CA PHE B 409 28.82 -15.88 8.46
C PHE B 409 29.65 -15.38 9.64
N LEU B 410 30.95 -15.68 9.62
CA LEU B 410 31.81 -15.32 10.74
C LEU B 410 32.17 -13.84 10.73
N GLU B 411 32.15 -13.23 9.55
CA GLU B 411 32.34 -11.78 9.45
C GLU B 411 31.20 -11.06 10.17
N LEU B 412 30.00 -11.60 10.07
CA LEU B 412 28.84 -11.02 10.74
C LEU B 412 28.83 -11.32 12.23
N SER B 413 29.02 -12.58 12.59
CA SER B 413 28.94 -12.98 14.01
C SER B 413 30.12 -12.48 14.84
N LYS B 414 31.24 -12.24 14.16
CA LYS B 414 32.50 -11.89 14.80
C LYS B 414 32.91 -12.93 15.85
N THR B 415 32.63 -14.20 15.54
CA THR B 415 33.01 -15.33 16.40
C THR B 415 33.89 -16.32 15.63
N PRO B 416 34.71 -17.10 16.35
CA PRO B 416 35.58 -18.09 15.67
C PRO B 416 34.82 -19.30 15.14
N ALA B 417 33.61 -19.53 15.61
CA ALA B 417 32.82 -20.69 15.17
C ALA B 417 31.34 -20.35 15.14
N ALA B 418 30.60 -21.09 14.34
CA ALA B 418 29.16 -20.84 14.22
C ALA B 418 28.41 -22.11 13.85
N PHE B 419 27.10 -22.09 14.09
CA PHE B 419 26.21 -23.12 13.60
C PHE B 419 25.02 -22.41 12.97
N ALA B 420 24.53 -22.92 11.86
CA ALA B 420 23.45 -22.21 11.21
C ALA B 420 22.35 -23.18 10.85
N ILE B 421 21.12 -22.68 10.93
CA ILE B 421 19.95 -23.43 10.52
C ILE B 421 19.24 -22.66 9.40
N SER B 422 18.83 -23.35 8.35
CA SER B 422 18.17 -22.70 7.23
C SER B 422 16.84 -22.11 7.69
N PRO B 424 13.98 -22.17 6.15
CA PRO B 424 12.86 -23.10 6.03
C PRO B 424 12.79 -24.13 7.16
N GLU B 425 13.94 -24.61 7.66
CA GLU B 425 13.93 -25.48 8.83
C GLU B 425 13.44 -24.74 10.08
N PHE B 426 13.85 -23.49 10.21
CA PHE B 426 13.39 -22.67 11.34
C PHE B 426 11.88 -22.49 11.30
N LEU B 427 11.37 -22.29 10.09
CA LEU B 427 9.93 -22.22 9.88
C LEU B 427 9.21 -23.50 10.27
N LYS B 428 9.75 -24.62 9.81
CA LYS B 428 9.11 -25.91 10.01
C LYS B 428 9.12 -26.40 11.46
N HIS B 429 10.02 -25.87 12.27
CA HIS B 429 10.11 -26.40 13.63
C HIS B 429 9.89 -25.37 14.73
N PHE B 430 10.30 -24.12 14.50
CA PHE B 430 10.06 -23.10 15.51
C PHE B 430 8.71 -22.40 15.29
N LEU B 431 8.38 -22.02 14.07
CA LEU B 431 7.10 -21.37 13.85
C LEU B 431 5.96 -22.37 13.94
N VAL B 432 6.16 -23.59 13.47
CA VAL B 432 5.10 -24.59 13.53
C VAL B 432 4.72 -24.86 15.00
N THR B 433 5.70 -24.90 15.91
CA THR B 433 5.40 -25.08 17.33
C THR B 433 4.60 -23.89 17.86
N GLY B 434 4.95 -22.70 17.39
CA GLY B 434 4.21 -21.51 17.78
C GLY B 434 2.78 -21.55 17.30
N LEU B 435 2.58 -22.03 16.07
CA LEU B 435 1.24 -22.21 15.52
C LEU B 435 0.38 -23.21 16.33
N GLN B 436 0.92 -24.38 16.64
CA GLN B 436 0.24 -25.37 17.48
C GLN B 436 -0.20 -24.78 18.81
N ALA B 437 0.73 -24.06 19.44
CA ALA B 437 0.46 -23.43 20.72
C ALA B 437 -0.67 -22.39 20.66
N GLN B 439 -3.35 -22.65 19.03
CA GLN B 439 -4.61 -23.39 19.09
C GLN B 439 -5.72 -22.74 18.28
N ILE B 440 -5.41 -22.45 17.02
CA ILE B 440 -6.35 -21.87 16.08
C ILE B 440 -7.09 -22.98 15.36
N ASP B 441 -6.34 -23.97 14.91
CA ASP B 441 -6.90 -25.12 14.22
C ASP B 441 -5.81 -26.19 14.14
N ASN B 442 -6.15 -27.37 13.66
CA ASN B 442 -5.16 -28.43 13.46
C ASN B 442 -4.23 -28.09 12.27
N LEU B 443 -3.03 -28.69 12.26
CA LEU B 443 -2.06 -28.43 11.20
C LEU B 443 -2.63 -28.67 9.80
N ASP B 444 -3.60 -29.58 9.70
CA ASP B 444 -4.20 -29.92 8.40
C ASP B 444 -4.96 -28.75 7.79
N ALA B 445 -5.18 -27.71 8.58
CA ALA B 445 -5.89 -26.52 8.09
C ALA B 445 -4.94 -25.53 7.45
N PHE B 446 -3.65 -25.78 7.56
CA PHE B 446 -2.67 -24.81 7.08
C PHE B 446 -1.75 -25.38 6.01
N GLU B 447 -1.26 -24.50 5.15
CA GLU B 447 -0.19 -24.83 4.22
C GLU B 447 1.09 -24.23 4.77
N VAL B 448 2.09 -25.07 4.97
CA VAL B 448 3.39 -24.59 5.43
C VAL B 448 4.33 -24.47 4.23
N SER B 449 4.68 -23.24 3.86
CA SER B 449 5.46 -23.01 2.65
C SER B 449 6.91 -22.60 2.92
N SER B 450 7.86 -23.48 2.58
CA SER B 450 9.28 -23.17 2.70
C SER B 450 9.70 -22.10 1.70
N GLU B 451 9.14 -22.18 0.50
CA GLU B 451 9.48 -21.29 -0.59
C GLU B 451 9.20 -19.83 -0.22
N ASN B 452 8.09 -19.60 0.48
CA ASN B 452 7.73 -18.24 0.82
C ASN B 452 7.90 -17.94 2.31
N LEU B 453 8.44 -18.89 3.08
CA LEU B 453 8.61 -18.74 4.53
C LEU B 453 7.34 -18.29 5.24
N VAL B 454 6.23 -18.96 4.97
CA VAL B 454 4.97 -18.54 5.53
C VAL B 454 4.07 -19.75 5.78
N ILE B 455 3.32 -19.71 6.88
CA ILE B 455 2.25 -20.65 7.14
C ILE B 455 0.94 -19.90 7.01
N THR B 456 0.05 -20.41 6.16
CA THR B 456 -1.21 -19.73 5.90
C THR B 456 -2.34 -20.74 5.94
N ASN B 457 -3.55 -20.31 6.33
CA ASN B 457 -4.66 -21.24 6.39
C ASN B 457 -5.15 -21.58 4.99
N LYS B 458 -5.39 -22.86 4.73
CA LYS B 458 -5.96 -23.25 3.45
C LYS B 458 -7.44 -23.58 3.60
N LYS B 459 -7.89 -23.68 4.84
CA LYS B 459 -9.31 -23.87 5.11
C LYS B 459 -9.84 -22.62 5.81
N LYS B 460 -11.13 -22.36 5.66
CA LYS B 460 -11.73 -21.24 6.36
C LYS B 460 -11.65 -21.46 7.86
N ILE B 461 -11.27 -20.41 8.59
CA ILE B 461 -11.09 -20.52 10.03
C ILE B 461 -12.13 -19.70 10.76
N ASN B 462 -12.69 -20.26 11.82
CA ASN B 462 -13.43 -19.49 12.79
C ASN B 462 -12.47 -19.02 13.87
N PHE B 463 -12.19 -17.72 13.90
CA PHE B 463 -11.28 -17.16 14.88
C PHE B 463 -11.93 -17.17 16.26
N GLY B 464 -13.26 -17.22 16.29
CA GLY B 464 -13.97 -17.30 17.55
C GLY B 464 -15.10 -16.31 17.69
N LYS B 465 -15.94 -16.52 18.69
CA LYS B 465 -17.05 -15.61 18.95
C LYS B 465 -16.51 -14.32 19.54
N ILE B 466 -17.12 -13.20 19.13
CA ILE B 466 -16.65 -11.89 19.53
C ILE B 466 -17.62 -11.21 20.48
N GLN B 467 -17.12 -10.76 21.62
CA GLN B 467 -17.98 -10.26 22.70
C GLN B 467 -18.26 -8.76 22.65
N ASP B 468 -17.45 -7.99 21.91
CA ASP B 468 -17.56 -6.53 21.93
C ASP B 468 -18.97 -6.07 21.57
N GLN B 469 -19.48 -5.11 22.34
CA GLN B 469 -20.85 -4.60 22.19
C GLN B 469 -21.89 -5.71 22.29
N ASN B 470 -21.54 -6.81 22.96
CA ASN B 470 -22.45 -7.92 23.22
C ASN B 470 -22.97 -8.59 21.95
N ARG B 471 -22.25 -8.41 20.85
CA ARG B 471 -22.68 -8.96 19.57
C ARG B 471 -22.69 -10.49 19.60
N GLN B 472 -21.61 -11.08 20.09
CA GLN B 472 -21.48 -12.54 20.16
C GLN B 472 -21.67 -13.19 18.79
N VAL B 473 -20.92 -12.71 17.81
CA VAL B 473 -20.94 -13.33 16.49
C VAL B 473 -19.54 -13.82 16.14
N ASP B 474 -19.45 -14.67 15.12
CA ASP B 474 -18.19 -15.33 14.78
C ASP B 474 -17.28 -14.48 13.87
N ALA B 475 -16.00 -14.44 14.22
CA ALA B 475 -14.99 -13.78 13.40
C ALA B 475 -14.39 -14.79 12.44
N LEU B 476 -14.71 -14.65 11.16
CA LEU B 476 -14.34 -15.66 10.18
C LEU B 476 -13.19 -15.22 9.30
N ILE B 477 -12.25 -16.13 9.08
CA ILE B 477 -11.08 -15.83 8.26
C ILE B 477 -11.04 -16.77 7.07
N GLU B 478 -11.14 -16.20 5.87
CA GLU B 478 -11.06 -16.98 4.64
C GLU B 478 -9.67 -17.58 4.43
N PRO B 479 -9.56 -18.61 3.57
CA PRO B 479 -8.23 -19.12 3.19
C PRO B 479 -7.29 -18.00 2.77
N ASN B 480 -6.04 -18.13 3.17
CA ASN B 480 -4.96 -17.18 2.89
C ASN B 480 -5.10 -15.85 3.61
N ASN B 481 -5.98 -15.78 4.60
CA ASN B 481 -6.10 -14.52 5.33
C ASN B 481 -5.61 -14.57 6.78
N PHE B 482 -4.99 -15.68 7.14
CA PHE B 482 -4.20 -15.75 8.37
C PHE B 482 -2.78 -16.16 8.00
N LYS B 483 -1.79 -15.42 8.48
CA LYS B 483 -0.42 -15.72 8.16
C LYS B 483 0.49 -15.76 9.40
N LEU B 484 1.38 -16.75 9.43
CA LEU B 484 2.47 -16.79 10.39
C LEU B 484 3.76 -16.99 9.58
N ALA B 485 4.65 -16.02 9.64
CA ALA B 485 5.72 -16.01 8.67
C ALA B 485 7.02 -15.45 9.21
N ILE B 486 8.08 -15.67 8.44
CA ILE B 486 9.32 -14.95 8.61
C ILE B 486 9.39 -13.91 7.49
N GLN B 487 9.39 -12.64 7.87
CA GLN B 487 9.36 -11.55 6.89
C GLN B 487 10.39 -10.54 7.32
N ASN B 488 11.35 -10.25 6.45
CA ASN B 488 12.46 -9.36 6.81
C ASN B 488 13.13 -9.76 8.13
N ASN B 489 13.43 -11.05 8.27
CA ASN B 489 14.06 -11.61 9.47
C ASN B 489 13.32 -11.33 10.80
N GLN B 490 12.01 -11.12 10.72
CA GLN B 490 11.17 -11.02 11.92
C GLN B 490 10.12 -12.10 11.88
N VAL B 491 9.65 -12.54 13.05
CA VAL B 491 8.51 -13.44 13.14
C VAL B 491 7.25 -12.59 13.14
N VAL B 492 6.39 -12.83 12.16
CA VAL B 492 5.26 -11.96 11.93
C VAL B 492 3.95 -12.73 11.99
N VAL B 493 3.04 -12.30 12.86
CA VAL B 493 1.72 -12.90 12.82
C VAL B 493 0.80 -11.87 12.20
N GLU B 494 -0.03 -12.31 11.27
CA GLU B 494 -0.94 -11.38 10.59
C GLU B 494 -2.32 -11.98 10.38
N ILE B 495 -3.33 -11.29 10.87
CA ILE B 495 -4.71 -11.49 10.44
C ILE B 495 -4.93 -10.50 9.29
N VAL B 496 -4.97 -11.00 8.06
CA VAL B 496 -5.16 -10.13 6.91
C VAL B 496 -6.57 -9.55 6.94
N ASP B 497 -7.54 -10.42 7.12
CA ASP B 497 -8.94 -10.03 7.15
C ASP B 497 -9.72 -11.04 7.97
N ALA B 498 -10.22 -10.59 9.11
CA ALA B 498 -11.19 -11.37 9.86
C ALA B 498 -12.52 -10.64 9.75
N THR B 499 -13.55 -11.36 9.31
CA THR B 499 -14.81 -10.74 8.89
C THR B 499 -16.01 -11.07 9.79
N TRP B 500 -16.75 -10.04 10.23
CA TRP B 500 -18.04 -10.24 10.91
C TRP B 500 -18.84 -8.94 10.94
N GLN B 501 -20.10 -9.03 11.37
CA GLN B 501 -20.93 -7.83 11.44
C GLN B 501 -20.94 -7.29 12.87
N GLN B 502 -19.95 -6.46 13.18
CA GLN B 502 -19.92 -5.81 14.48
C GLN B 502 -21.13 -4.91 14.61
N VAL B 503 -21.40 -4.13 13.57
CA VAL B 503 -22.64 -3.36 13.41
C VAL B 503 -23.57 -4.22 12.56
N VAL B 504 -24.79 -4.47 13.05
CA VAL B 504 -25.68 -5.36 12.32
C VAL B 504 -25.94 -4.82 10.91
N GLY B 505 -25.86 -5.71 9.93
CA GLY B 505 -26.05 -5.31 8.55
C GLY B 505 -24.83 -4.68 7.91
N VAL B 506 -23.72 -4.61 8.62
CA VAL B 506 -22.48 -4.06 8.07
C VAL B 506 -21.32 -5.06 8.15
N THR B 507 -20.92 -5.59 7.01
CA THR B 507 -19.80 -6.51 7.00
C THR B 507 -18.50 -5.75 7.25
N GLY B 508 -17.86 -6.04 8.38
CA GLY B 508 -16.60 -5.40 8.73
C GLY B 508 -15.42 -6.32 8.48
N HIS B 509 -14.29 -5.72 8.10
CA HIS B 509 -13.06 -6.45 7.82
C HIS B 509 -11.92 -5.98 8.71
N PHE B 510 -11.48 -6.86 9.61
CA PHE B 510 -10.55 -6.50 10.67
C PHE B 510 -9.18 -7.09 10.37
N GLY B 511 -8.16 -6.26 10.50
CA GLY B 511 -6.80 -6.71 10.27
C GLY B 511 -5.88 -6.41 11.43
N TYR B 512 -4.89 -7.27 11.62
CA TYR B 512 -3.91 -7.12 12.67
C TYR B 512 -2.58 -7.66 12.18
N ARG B 513 -1.50 -6.94 12.44
CA ARG B 513 -0.15 -7.43 12.12
C ARG B 513 0.81 -7.05 13.23
N GLN B 514 1.54 -8.03 13.72
CA GLN B 514 2.51 -7.83 14.78
C GLN B 514 3.79 -8.56 14.43
N ALA B 515 4.90 -7.83 14.45
CA ALA B 515 6.20 -8.45 14.16
C ALA B 515 7.02 -8.58 15.44
N TYR B 516 7.82 -9.64 15.49
CA TYR B 516 8.67 -9.95 16.64
C TYR B 516 10.12 -10.10 16.24
N ASN B 517 11.02 -9.61 17.08
CA ASN B 517 12.44 -9.87 16.88
C ASN B 517 12.88 -11.05 17.73
N LEU B 518 13.58 -12.00 17.13
CA LEU B 518 14.17 -13.07 17.91
C LEU B 518 15.56 -12.64 18.31
N ILE B 519 15.74 -12.38 19.61
CA ILE B 519 17.01 -11.89 20.11
C ILE B 519 17.63 -12.87 21.10
N LEU B 520 18.88 -12.61 21.45
CA LEU B 520 19.59 -13.38 22.47
C LEU B 520 19.85 -12.44 23.63
N LYS B 521 19.28 -12.76 24.78
CA LYS B 521 19.40 -11.87 25.93
C LYS B 521 20.44 -12.43 26.88
N ASN B 522 21.24 -11.53 27.43
CA ASN B 522 22.30 -11.93 28.33
C ASN B 522 22.01 -11.46 29.76
N GLU B 523 21.87 -12.42 30.68
CA GLU B 523 21.83 -12.12 32.11
C GLU B 523 22.84 -13.00 32.85
N ASN B 524 23.78 -12.35 33.55
CA ASN B 524 24.79 -13.06 34.34
C ASN B 524 25.57 -14.07 33.50
N ASN B 525 25.92 -13.66 32.28
CA ASN B 525 26.66 -14.48 31.34
C ASN B 525 25.91 -15.77 30.94
N VAL B 526 24.60 -15.78 31.17
CA VAL B 526 23.74 -16.83 30.64
C VAL B 526 22.91 -16.27 29.48
N TYR B 527 23.05 -16.88 28.30
CA TYR B 527 22.39 -16.36 27.09
C TYR B 527 21.11 -17.13 26.79
N LYS B 528 20.00 -16.41 26.60
CA LYS B 528 18.72 -17.07 26.31
C LYS B 528 17.94 -16.36 25.20
N PRO B 529 17.31 -17.15 24.32
CA PRO B 529 16.53 -16.56 23.24
C PRO B 529 15.24 -15.93 23.75
N LEU B 531 11.60 -13.74 22.20
CA LEU B 531 10.85 -13.25 21.05
C LEU B 531 10.16 -11.97 21.50
N GLU B 532 10.72 -10.82 21.11
CA GLU B 532 10.26 -9.52 21.57
C GLU B 532 9.45 -8.78 20.51
N GLU B 533 8.39 -8.09 20.93
CA GLU B 533 7.57 -7.30 20.02
C GLU B 533 8.39 -6.19 19.36
N SER B 534 8.20 -6.00 18.05
CA SER B 534 9.04 -5.08 17.28
C SER B 534 8.62 -3.62 17.44
N GLY B 535 7.42 -3.42 17.93
CA GLY B 535 6.85 -2.09 18.04
C GLY B 535 6.10 -1.67 16.78
N ASP B 536 6.10 -2.55 15.77
CA ASP B 536 5.51 -2.22 14.48
C ASP B 536 4.06 -2.71 14.33
N VAL B 537 3.31 -2.72 15.42
CA VAL B 537 1.94 -3.23 15.38
C VAL B 537 1.02 -2.38 14.49
N THR B 538 0.27 -3.05 13.62
CA THR B 538 -0.68 -2.36 12.74
C THR B 538 -2.08 -2.93 12.95
N ILE B 539 -3.09 -2.06 13.02
CA ILE B 539 -4.47 -2.49 13.16
C ILE B 539 -5.33 -1.79 12.09
N SER B 540 -6.19 -2.55 11.42
CA SER B 540 -7.03 -1.96 10.37
C SER B 540 -8.49 -2.40 10.50
N TYR B 541 -9.38 -1.58 9.97
CA TYR B 541 -10.81 -1.90 9.90
C TYR B 541 -11.38 -1.26 8.64
N VAL B 543 -14.89 -1.11 5.82
CA VAL B 543 -16.27 -1.35 5.43
C VAL B 543 -16.44 -0.78 4.02
N THR B 544 -17.50 -1.17 3.32
CA THR B 544 -17.77 -0.60 2.00
C THR B 544 -18.06 0.89 2.13
N GLU B 545 -17.86 1.66 1.05
CA GLU B 545 -18.16 3.09 1.12
C GLU B 545 -19.63 3.31 1.42
N GLU B 546 -20.48 2.47 0.85
CA GLU B 546 -21.92 2.62 1.02
C GLU B 546 -22.35 2.44 2.46
N ALA B 547 -21.76 1.45 3.12
CA ALA B 547 -22.02 1.22 4.54
C ALA B 547 -21.53 2.42 5.34
N TRP B 548 -20.36 2.93 4.97
CA TRP B 548 -19.77 4.10 5.61
C TRP B 548 -20.68 5.32 5.54
N LYS B 549 -21.28 5.58 4.39
CA LYS B 549 -22.15 6.75 4.27
C LYS B 549 -23.51 6.57 4.94
N THR B 550 -24.03 5.33 4.92
CA THR B 550 -25.38 5.06 5.42
C THR B 550 -25.42 4.64 6.89
N THR B 551 -24.27 4.32 7.46
CA THR B 551 -24.23 3.85 8.85
C THR B 551 -23.03 4.39 9.61
N GLN B 552 -22.68 5.64 9.35
CA GLN B 552 -21.37 6.18 9.76
C GLN B 552 -21.17 6.23 11.27
N ASP B 553 -22.15 6.79 11.99
CA ASP B 553 -22.05 6.89 13.46
C ASP B 553 -21.77 5.54 14.11
N ALA B 554 -22.57 4.54 13.75
CA ALA B 554 -22.47 3.23 14.36
C ALA B 554 -21.14 2.58 14.05
N ILE B 555 -20.67 2.77 12.82
CA ILE B 555 -19.41 2.20 12.39
C ILE B 555 -18.23 2.82 13.13
N ILE B 556 -18.24 4.13 13.27
CA ILE B 556 -17.17 4.80 14.01
C ILE B 556 -17.14 4.33 15.46
N SER B 557 -18.31 4.26 16.09
CA SER B 557 -18.40 3.79 17.47
C SER B 557 -17.85 2.37 17.62
N ALA B 558 -18.30 1.48 16.74
CA ALA B 558 -17.84 0.10 16.77
C ALA B 558 -16.33 0.02 16.57
N THR B 559 -15.82 0.88 15.69
CA THR B 559 -14.39 0.86 15.37
C THR B 559 -13.56 1.28 16.56
N VAL B 560 -14.05 2.26 17.31
CA VAL B 560 -13.36 2.69 18.52
C VAL B 560 -13.24 1.52 19.48
N GLY B 561 -14.34 0.80 19.64
CA GLY B 561 -14.37 -0.40 20.47
C GLY B 561 -13.37 -1.46 20.03
N LEU B 562 -13.38 -1.79 18.74
CA LEU B 562 -12.51 -2.85 18.23
C LEU B 562 -11.05 -2.43 18.22
N VAL B 563 -10.78 -1.17 17.87
CA VAL B 563 -9.39 -0.73 17.73
C VAL B 563 -8.73 -0.48 19.08
N VAL B 564 -9.39 0.28 19.95
CA VAL B 564 -8.83 0.56 21.26
C VAL B 564 -8.78 -0.74 22.05
N GLY B 565 -9.79 -1.58 21.83
CA GLY B 565 -9.85 -2.89 22.45
C GLY B 565 -8.66 -3.76 22.09
N THR B 566 -8.35 -3.83 20.80
CA THR B 566 -7.22 -4.62 20.35
C THR B 566 -5.93 -4.08 20.95
N ILE B 567 -5.84 -2.76 21.06
CA ILE B 567 -4.65 -2.13 21.61
C ILE B 567 -4.42 -2.46 23.08
N ILE B 568 -5.48 -2.46 23.89
CA ILE B 568 -5.31 -2.66 25.33
C ILE B 568 -5.50 -4.10 25.76
N GLY B 569 -6.12 -4.92 24.90
CA GLY B 569 -6.19 -6.35 25.13
C GLY B 569 -7.47 -6.84 25.77
N THR B 570 -8.50 -6.02 25.73
CA THR B 570 -9.79 -6.40 26.28
C THR B 570 -10.85 -5.49 25.67
N ALA B 571 -12.09 -5.58 26.14
CA ALA B 571 -13.13 -4.70 25.61
C ALA B 571 -12.87 -3.25 26.00
N PHE B 572 -13.32 -2.33 25.16
CA PHE B 572 -13.27 -0.92 25.47
C PHE B 572 -14.61 -0.26 25.14
N SER B 573 -15.47 -0.12 26.14
CA SER B 573 -16.82 0.39 25.91
C SER B 573 -17.01 1.86 26.27
N LYS B 574 -16.00 2.46 26.89
CA LYS B 574 -16.11 3.86 27.32
C LYS B 574 -16.37 4.79 26.13
N LEU B 575 -17.26 5.75 26.32
CA LEU B 575 -17.52 6.74 25.30
C LEU B 575 -16.39 7.76 25.32
N SER B 576 -16.02 8.28 24.15
CA SER B 576 -14.89 9.18 24.04
C SER B 576 -14.97 10.05 22.80
N ASP B 577 -15.24 11.33 23.01
CA ASP B 577 -15.34 12.27 21.90
C ASP B 577 -14.02 12.37 21.14
N LYS B 578 -12.92 12.39 21.89
CA LYS B 578 -11.59 12.43 21.29
C LYS B 578 -11.39 11.25 20.36
N LEU B 579 -11.47 10.05 20.91
CA LEU B 579 -11.24 8.82 20.16
C LEU B 579 -12.19 8.68 18.97
N TYR B 580 -13.42 9.15 19.16
CA TYR B 580 -14.39 9.14 18.08
C TYR B 580 -13.91 10.03 16.94
N LYS B 581 -13.55 11.26 17.29
CA LYS B 581 -13.08 12.24 16.32
C LYS B 581 -11.77 11.79 15.67
N PHE B 582 -10.86 11.31 16.50
CA PHE B 582 -9.55 10.88 16.07
C PHE B 582 -9.63 9.72 15.08
N LEU B 583 -10.43 8.70 15.39
CA LEU B 583 -10.52 7.54 14.53
C LEU B 583 -11.33 7.82 13.28
N LYS B 584 -12.33 8.69 13.41
CA LYS B 584 -13.07 9.14 12.23
C LYS B 584 -12.09 9.77 11.27
N SER B 585 -11.23 10.63 11.80
CA SER B 585 -10.25 11.36 11.00
C SER B 585 -9.26 10.43 10.31
N LYS B 586 -9.14 9.22 10.81
CA LYS B 586 -8.16 8.29 10.27
C LYS B 586 -8.75 7.38 9.20
N PHE B 587 -10.06 7.49 8.99
CA PHE B 587 -10.70 6.74 7.93
C PHE B 587 -10.39 7.34 6.56
N ILE B 588 -10.01 6.49 5.62
CA ILE B 588 -9.76 6.92 4.24
C ILE B 588 -10.75 6.24 3.32
N VAL B 589 -11.35 7.04 2.45
CA VAL B 589 -12.32 6.54 1.48
C VAL B 589 -11.65 6.46 0.13
N LYS B 590 -11.63 5.26 -0.46
CA LYS B 590 -10.99 5.03 -1.75
C LYS B 590 -11.45 3.70 -2.30
N ASN B 591 -11.62 3.63 -3.62
CA ASN B 591 -12.05 2.40 -4.29
C ASN B 591 -13.29 1.78 -3.67
N LYS B 592 -14.25 2.64 -3.31
CA LYS B 592 -15.53 2.23 -2.72
C LYS B 592 -15.36 1.50 -1.39
N LYS B 593 -14.25 1.77 -0.70
CA LYS B 593 -14.03 1.21 0.62
C LYS B 593 -13.67 2.31 1.61
N ALA B 594 -14.17 2.18 2.83
CA ALA B 594 -13.78 3.09 3.88
C ALA B 594 -12.88 2.33 4.84
N SER B 595 -11.62 2.67 4.87
CA SER B 595 -10.72 1.89 5.67
C SER B 595 -9.87 2.70 6.57
N LEU B 596 -9.65 2.20 7.75
CA LEU B 596 -8.76 2.81 8.67
C LEU B 596 -7.58 1.88 8.95
N LYS B 597 -6.41 2.45 9.14
CA LYS B 597 -5.21 1.70 9.38
C LYS B 597 -4.38 2.52 10.30
N ILE B 598 -4.18 2.01 11.48
CA ILE B 598 -3.46 2.69 12.56
C ILE B 598 -2.16 1.97 12.89
N SER B 599 -1.09 2.75 13.08
CA SER B 599 0.21 2.21 13.47
C SER B 599 1.10 3.30 14.03
N GLY B 600 2.22 2.91 14.63
CA GLY B 600 3.21 3.85 15.11
C GLY B 600 2.77 4.73 16.27
N LYS B 601 2.90 6.03 16.07
CA LYS B 601 2.64 7.01 17.12
C LYS B 601 1.15 7.13 17.45
N ASP B 602 0.31 6.78 16.48
CA ASP B 602 -1.14 6.78 16.67
C ASP B 602 -1.54 5.86 17.81
N ILE B 603 -0.97 4.66 17.81
CA ILE B 603 -1.27 3.66 18.82
C ILE B 603 -0.92 4.15 20.21
N ASN B 604 0.26 4.76 20.35
CA ASN B 604 0.65 5.33 21.63
C ASN B 604 -0.26 6.47 22.05
N GLU B 605 -0.74 7.23 21.06
CA GLU B 605 -1.62 8.35 21.31
C GLU B 605 -3.01 7.87 21.73
N VAL B 606 -3.47 6.80 21.09
CA VAL B 606 -4.75 6.17 21.45
C VAL B 606 -4.75 5.68 22.90
N ILE B 607 -3.65 5.06 23.32
CA ILE B 607 -3.51 4.60 24.70
C ILE B 607 -3.67 5.78 25.67
N GLU B 608 -3.07 6.90 25.30
CA GLU B 608 -3.14 8.11 26.08
C GLU B 608 -4.59 8.57 26.20
N SER B 610 -7.23 6.87 25.76
CA SER B 610 -8.05 5.84 26.39
C SER B 610 -8.18 6.00 27.90
N ASP B 611 -7.27 6.79 28.49
CA ASP B 611 -7.18 7.05 29.92
C ASP B 611 -6.53 5.88 30.68
N ILE B 612 -6.40 4.73 30.03
CA ILE B 612 -5.93 3.53 30.72
C ILE B 612 -4.51 3.69 31.22
N SER B 613 -4.24 3.06 32.37
CA SER B 613 -2.93 3.16 33.01
C SER B 613 -2.11 1.91 32.77
N LYS B 614 -0.81 2.00 33.04
CA LYS B 614 0.08 0.86 32.84
C LYS B 614 -0.23 -0.31 33.79
N PRO B 615 -0.55 -0.04 35.07
CA PRO B 615 -0.96 -1.19 35.88
C PRO B 615 -2.27 -1.83 35.42
N GLN B 616 -3.17 -1.05 34.83
CA GLN B 616 -4.40 -1.61 34.28
C GLN B 616 -4.09 -2.45 33.05
N LEU B 617 -3.16 -1.99 32.23
CA LEU B 617 -2.73 -2.75 31.05
C LEU B 617 -2.09 -4.06 31.47
N LEU B 618 -1.34 -4.03 32.57
CA LEU B 618 -0.62 -5.21 33.05
C LEU B 618 -1.57 -6.24 33.66
N SER B 619 -2.62 -5.77 34.33
CA SER B 619 -3.62 -6.65 34.92
C SER B 619 -4.32 -7.45 33.84
N ILE B 620 -4.70 -6.75 32.78
CA ILE B 620 -5.30 -7.36 31.61
C ILE B 620 -4.38 -8.45 31.06
N LYS B 621 -3.10 -8.13 30.96
CA LYS B 621 -2.16 -9.07 30.35
C LYS B 621 -2.00 -10.32 31.22
N LYS B 622 -1.94 -10.12 32.54
CA LYS B 622 -1.94 -11.23 33.49
C LYS B 622 -3.17 -12.14 33.33
N ALA B 623 -4.35 -11.55 33.34
CA ALA B 623 -5.59 -12.31 33.19
C ALA B 623 -5.65 -13.08 31.86
N ASN B 624 -5.17 -12.46 30.79
CA ASN B 624 -5.09 -13.13 29.50
C ASN B 624 -4.07 -14.27 29.48
N ALA B 625 -2.98 -14.09 30.22
CA ALA B 625 -1.98 -15.14 30.35
C ALA B 625 -2.56 -16.32 31.16
N LYS B 626 -3.46 -16.04 32.08
CA LYS B 626 -4.10 -17.10 32.85
C LYS B 626 -4.96 -17.94 31.93
N ILE B 627 -5.78 -17.27 31.13
CA ILE B 627 -6.60 -17.93 30.12
C ILE B 627 -5.70 -18.74 29.18
N SER B 628 -4.63 -18.11 28.70
CA SER B 628 -3.67 -18.79 27.84
C SER B 628 -3.17 -20.10 28.47
N THR B 629 -2.86 -20.09 29.76
CA THR B 629 -2.32 -21.29 30.40
C THR B 629 -3.39 -22.36 30.52
N GLU B 630 -4.62 -21.93 30.78
CA GLU B 630 -5.75 -22.85 30.88
C GLU B 630 -5.96 -23.57 29.55
N GLU B 631 -5.90 -22.84 28.44
CA GLU B 631 -6.19 -23.44 27.15
C GLU B 631 -5.06 -24.34 26.65
N VAL B 632 -3.82 -23.88 26.81
CA VAL B 632 -2.68 -24.64 26.32
C VAL B 632 -2.49 -25.85 27.23
N GLY B 633 -3.01 -25.76 28.44
CA GLY B 633 -3.08 -26.91 29.32
C GLY B 633 -3.82 -28.10 28.72
N LEU B 634 -4.69 -27.86 27.74
CA LEU B 634 -5.46 -28.95 27.15
C LEU B 634 -4.83 -29.49 25.85
N ILE B 635 -3.70 -28.91 25.45
CA ILE B 635 -3.04 -29.34 24.21
C ILE B 635 -2.53 -30.78 24.39
N SER B 636 -2.60 -31.57 23.33
CA SER B 636 -2.11 -32.94 23.39
C SER B 636 -0.60 -32.95 23.29
N GLN B 637 -0.01 -34.07 23.70
CA GLN B 637 1.45 -34.21 23.69
C GLN B 637 2.06 -33.98 22.31
N ASN B 638 1.32 -34.33 21.26
CA ASN B 638 1.81 -34.16 19.89
C ASN B 638 1.49 -32.80 19.29
N GLY B 639 1.05 -31.87 20.14
CA GLY B 639 0.81 -30.50 19.72
C GLY B 639 -0.56 -30.23 19.11
N SER B 640 -1.37 -31.27 18.96
CA SER B 640 -2.71 -31.07 18.45
C SER B 640 -3.66 -30.73 19.59
N THR B 641 -4.74 -30.03 19.26
CA THR B 641 -5.84 -29.81 20.21
C THR B 641 -7.11 -30.40 19.60
N SER B 642 -7.96 -31.04 20.43
CA SER B 642 -9.10 -31.76 19.89
C SER B 642 -10.12 -30.79 19.28
N LEU B 643 -10.92 -31.28 18.34
CA LEU B 643 -11.94 -30.45 17.73
C LEU B 643 -12.94 -30.00 18.78
N GLU B 644 -13.20 -30.88 19.74
CA GLU B 644 -14.13 -30.55 20.83
C GLU B 644 -13.59 -29.37 21.65
N ASN B 645 -12.32 -29.42 22.02
CA ASN B 645 -11.73 -28.32 22.78
C ASN B 645 -11.61 -27.03 21.96
N LEU B 646 -11.26 -27.14 20.69
CA LEU B 646 -11.18 -25.96 19.83
C LEU B 646 -12.55 -25.29 19.68
N ALA B 647 -13.58 -26.09 19.52
CA ALA B 647 -14.93 -25.57 19.39
C ALA B 647 -15.31 -24.81 20.67
N ILE B 648 -14.86 -25.31 21.81
CA ILE B 648 -15.11 -24.67 23.09
C ILE B 648 -14.42 -23.30 23.17
N PHE B 649 -13.22 -23.18 22.59
CA PHE B 649 -12.47 -21.93 22.58
C PHE B 649 -13.14 -20.89 21.68
N LYS B 650 -13.70 -21.37 20.58
CA LYS B 650 -14.30 -20.51 19.58
C LYS B 650 -15.73 -20.13 19.97
N ASN B 651 -16.45 -21.05 20.60
CA ASN B 651 -17.84 -20.81 20.97
C ASN B 651 -18.01 -19.89 22.19
N LYS B 652 -16.98 -19.74 23.02
CA LYS B 652 -17.06 -18.79 24.13
C LYS B 652 -16.77 -17.37 23.65
N PRO B 653 -17.77 -16.47 23.76
CA PRO B 653 -17.57 -15.08 23.32
C PRO B 653 -16.49 -14.38 24.12
N ARG B 654 -15.51 -13.81 23.44
CA ARG B 654 -14.46 -13.03 24.08
C ARG B 654 -14.24 -11.76 23.27
N PRO B 655 -13.83 -10.67 23.94
CA PRO B 655 -13.53 -9.44 23.20
C PRO B 655 -12.40 -9.70 22.22
N ILE B 656 -12.43 -9.00 21.10
CA ILE B 656 -11.40 -9.21 20.08
C ILE B 656 -10.01 -8.95 20.68
N GLY B 657 -9.89 -7.94 21.55
CA GLY B 657 -8.61 -7.61 22.15
C GLY B 657 -8.04 -8.76 22.96
N GLU B 658 -8.92 -9.44 23.70
CA GLU B 658 -8.55 -10.68 24.40
C GLU B 658 -8.01 -11.74 23.46
N ARG B 659 -8.76 -12.06 22.42
CA ARG B 659 -8.39 -13.14 21.51
C ARG B 659 -7.05 -12.84 20.86
N VAL B 660 -6.89 -11.59 20.43
CA VAL B 660 -5.64 -11.19 19.75
C VAL B 660 -4.46 -11.22 20.71
N GLN B 661 -4.63 -10.69 21.91
CA GLN B 661 -3.52 -10.67 22.87
C GLN B 661 -3.15 -12.09 23.33
N ILE B 662 -4.15 -12.95 23.48
CA ILE B 662 -3.92 -14.35 23.87
C ILE B 662 -3.11 -15.08 22.82
N LEU B 663 -3.52 -14.85 21.58
CA LEU B 663 -2.82 -15.38 20.43
C LEU B 663 -1.31 -15.09 20.50
N GLY B 664 -0.96 -13.85 20.83
CA GLY B 664 0.43 -13.47 20.95
C GLY B 664 1.15 -14.14 22.10
N LEU B 665 0.50 -14.25 23.24
CA LEU B 665 1.08 -14.90 24.40
C LEU B 665 1.41 -16.35 24.09
N LYS B 666 0.49 -17.03 23.41
CA LYS B 666 0.71 -18.41 23.07
C LYS B 666 1.78 -18.58 21.98
N LEU B 667 1.77 -17.71 20.98
CA LEU B 667 2.81 -17.76 19.94
C LEU B 667 4.21 -17.69 20.54
N VAL B 668 4.44 -16.70 21.39
CA VAL B 668 5.75 -16.46 21.95
C VAL B 668 6.21 -17.69 22.73
N SER B 669 5.32 -18.22 23.55
CA SER B 669 5.62 -19.39 24.36
C SER B 669 5.90 -20.62 23.51
N GLY B 670 5.05 -20.85 22.49
CA GLY B 670 5.22 -22.00 21.63
C GLY B 670 6.55 -22.00 20.90
N LEU B 671 6.88 -20.89 20.27
CA LEU B 671 8.16 -20.80 19.54
C LEU B 671 9.34 -21.00 20.49
N ILE B 672 9.32 -20.33 21.63
CA ILE B 672 10.42 -20.41 22.58
C ILE B 672 10.56 -21.81 23.22
N THR B 673 9.46 -22.55 23.37
CA THR B 673 9.55 -23.88 23.98
C THR B 673 10.34 -24.84 23.12
N THR B 674 10.40 -24.56 21.83
CA THR B 674 11.21 -25.36 20.90
C THR B 674 12.68 -25.47 21.34
N PHE B 675 13.17 -24.42 22.00
CA PHE B 675 14.53 -24.41 22.56
C PHE B 675 14.66 -25.26 23.81
N GLY B 676 13.53 -25.72 24.36
CA GLY B 676 13.52 -26.25 25.70
C GLY B 676 13.05 -27.68 25.91
N TRP B 677 13.00 -28.48 24.85
CA TRP B 677 12.62 -29.89 25.02
C TRP B 677 13.63 -30.63 25.92
N SER B 678 13.13 -31.59 26.66
CA SER B 678 13.95 -32.47 27.50
C SER B 678 13.43 -33.88 27.38
N ILE B 679 14.23 -34.88 27.73
CA ILE B 679 13.73 -36.24 27.74
C ILE B 679 12.52 -36.36 28.69
N GLY B 680 11.42 -36.87 28.18
CA GLY B 680 10.21 -37.05 28.99
C GLY B 680 9.40 -35.78 29.28
N PHE B 681 9.65 -34.70 28.53
CA PHE B 681 8.94 -33.45 28.82
C PHE B 681 7.45 -33.59 28.55
N VAL B 682 6.66 -32.83 29.29
CA VAL B 682 5.22 -32.75 29.07
C VAL B 682 4.92 -31.43 28.36
N LEU B 683 4.32 -31.49 27.17
CA LEU B 683 4.17 -30.28 26.34
C LEU B 683 3.25 -29.20 26.97
N PRO B 684 2.05 -29.57 27.44
CA PRO B 684 1.24 -28.51 28.08
C PRO B 684 1.96 -27.86 29.25
N ASP B 685 2.73 -28.66 29.99
CA ASP B 685 3.44 -28.15 31.15
C ASP B 685 4.47 -27.10 30.75
N ILE B 686 5.31 -27.41 29.76
CA ILE B 686 6.37 -26.50 29.38
C ILE B 686 5.80 -25.22 28.73
N LEU B 687 4.70 -25.35 27.99
CA LEU B 687 4.05 -24.16 27.42
C LEU B 687 3.51 -23.25 28.53
N LYS B 688 2.85 -23.86 29.52
CA LYS B 688 2.36 -23.08 30.66
C LYS B 688 3.53 -22.40 31.38
N ASP B 689 4.59 -23.16 31.63
CA ASP B 689 5.76 -22.65 32.33
C ASP B 689 6.36 -21.42 31.64
N VAL B 690 6.44 -21.47 30.32
CA VAL B 690 7.04 -20.38 29.56
C VAL B 690 6.11 -19.16 29.53
N ILE B 691 4.83 -19.40 29.31
CA ILE B 691 3.83 -18.33 29.45
C ILE B 691 3.97 -17.65 30.82
N ASN B 692 4.02 -18.45 31.88
CA ASN B 692 4.07 -17.91 33.23
C ASN B 692 5.39 -17.21 33.54
N ALA B 693 6.50 -17.78 33.05
CA ALA B 693 7.82 -17.16 33.24
C ALA B 693 7.89 -15.81 32.52
N ASN B 694 7.27 -15.74 31.35
CA ASN B 694 7.33 -14.51 30.56
C ASN B 694 6.58 -13.40 31.24
N ILE B 695 5.38 -13.72 31.72
CA ILE B 695 4.55 -12.71 32.36
C ILE B 695 5.15 -12.31 33.70
N ASN B 696 5.87 -13.23 34.35
CA ASN B 696 6.44 -12.97 35.67
C ASN B 696 7.89 -12.49 35.60
N ASN B 697 8.38 -12.25 34.38
CA ASN B 697 9.77 -11.86 34.14
C ASN B 697 10.76 -12.81 34.82
N ASN B 698 10.50 -14.12 34.72
CA ASN B 698 11.35 -15.11 35.35
C ASN B 698 12.38 -15.66 34.36
N PHE B 699 13.54 -15.04 34.31
CA PHE B 699 14.60 -15.41 33.36
C PHE B 699 15.13 -16.83 33.61
N GLU B 700 15.36 -17.15 34.87
CA GLU B 700 16.00 -18.43 35.24
C GLU B 700 15.23 -19.67 34.76
N VAL B 701 13.92 -19.56 34.63
CA VAL B 701 13.08 -20.68 34.22
C VAL B 701 13.05 -20.87 32.69
N LEU B 702 13.30 -19.80 31.95
CA LEU B 702 13.22 -19.83 30.49
C LEU B 702 14.32 -20.70 29.85
N PRO B 703 14.03 -21.31 28.69
CA PRO B 703 15.01 -22.14 28.00
C PRO B 703 16.28 -21.36 27.63
N GLY B 704 17.44 -22.00 27.78
CA GLY B 704 18.70 -21.39 27.40
C GLY B 704 19.05 -21.69 25.95
N ILE B 705 19.98 -20.95 25.38
CA ILE B 705 20.43 -21.27 24.03
C ILE B 705 21.37 -22.48 24.05
N GLN B 706 22.05 -22.71 25.16
CA GLN B 706 23.12 -23.70 25.18
C GLN B 706 22.58 -25.13 25.09
N GLN B 707 21.45 -25.41 25.73
CA GLN B 707 20.87 -26.74 25.66
C GLN B 707 20.44 -27.09 24.25
N PHE B 708 19.86 -26.13 23.54
CA PHE B 708 19.51 -26.33 22.14
C PHE B 708 20.75 -26.52 21.26
N THR B 709 21.78 -25.73 21.53
CA THR B 709 23.02 -25.80 20.77
C THR B 709 23.64 -27.20 20.88
N GLN B 710 23.53 -27.78 22.06
CA GLN B 710 24.08 -29.12 22.28
C GLN B 710 23.39 -30.15 21.38
N GLN B 711 22.11 -29.95 21.06
CA GLN B 711 21.41 -30.79 20.10
C GLN B 711 22.00 -30.62 18.71
N CYS B 712 22.40 -29.39 18.37
CA CYS B 712 22.94 -29.08 17.07
C CYS B 712 24.35 -29.67 16.89
N ILE B 713 25.21 -29.53 17.90
CA ILE B 713 26.62 -29.85 17.70
C ILE B 713 27.00 -31.25 18.16
N GLY B 714 26.05 -31.98 18.75
CA GLY B 714 26.36 -33.31 19.26
C GLY B 714 26.89 -34.27 18.19
N SER B 715 26.30 -34.20 17.01
CA SER B 715 26.56 -35.15 15.93
C SER B 715 27.63 -34.66 14.98
N ILE B 716 27.99 -33.39 15.10
CA ILE B 716 28.94 -32.79 14.16
C ILE B 716 30.08 -32.16 14.96
N GLN B 717 31.23 -32.83 14.96
CA GLN B 717 32.30 -32.43 15.86
C GLN B 717 33.57 -32.03 15.14
N TRP B 718 34.46 -31.39 15.88
CA TRP B 718 35.76 -30.93 15.37
C TRP B 718 36.90 -31.69 16.03
N PRO B 719 38.10 -31.63 15.42
CA PRO B 719 39.27 -32.23 16.04
C PRO B 719 39.74 -31.42 17.24
N ASP B 720 38.90 -31.34 18.26
CA ASP B 720 39.17 -30.51 19.41
C ASP B 720 38.30 -31.01 20.55
N ASN B 721 38.85 -31.00 21.76
CA ASN B 721 38.08 -31.41 22.94
C ASN B 721 37.32 -30.22 23.52
N SER B 722 36.33 -29.78 22.78
CA SER B 722 35.64 -28.55 23.10
C SER B 722 34.21 -28.61 22.63
N GLU B 723 33.39 -27.66 23.08
CA GLU B 723 32.11 -27.49 22.45
C GLU B 723 31.77 -26.00 22.27
N LEU B 724 31.02 -25.74 21.22
CA LEU B 724 30.56 -24.41 20.88
C LEU B 724 29.71 -23.79 21.99
N LYS B 725 30.16 -22.64 22.51
CA LYS B 725 29.40 -21.90 23.52
C LYS B 725 28.90 -20.59 22.88
N ILE B 726 27.59 -20.48 22.74
CA ILE B 726 26.96 -19.39 21.97
C ILE B 726 26.87 -18.04 22.70
N ASP B 727 27.38 -16.98 22.07
CA ASP B 727 27.18 -15.65 22.63
C ASP B 727 26.62 -14.68 21.60
N PHE B 728 26.16 -15.26 20.48
CA PHE B 728 25.63 -14.49 19.37
C PHE B 728 24.56 -15.30 18.66
N ALA B 729 23.41 -14.68 18.40
CA ALA B 729 22.35 -15.36 17.69
C ALA B 729 21.52 -14.34 16.92
N LYS B 730 21.16 -14.66 15.69
CA LYS B 730 20.42 -13.71 14.86
C LYS B 730 19.68 -14.41 13.71
N LEU B 731 18.45 -13.99 13.47
CA LEU B 731 17.75 -14.32 12.24
C LEU B 731 18.27 -13.32 11.22
N GLN B 732 18.97 -13.83 10.21
CA GLN B 732 19.53 -12.99 9.19
C GLN B 732 19.70 -13.89 7.97
N GLY B 733 18.64 -14.09 7.21
CA GLY B 733 18.67 -15.00 6.08
C GLY B 733 18.69 -16.47 6.47
N VAL B 734 19.55 -16.80 7.43
CA VAL B 734 19.49 -18.09 8.12
C VAL B 734 19.35 -17.79 9.62
N TYR B 735 19.13 -18.81 10.46
CA TYR B 735 19.25 -18.61 11.91
C TYR B 735 20.72 -18.94 12.25
N LEU B 736 21.46 -17.91 12.62
CA LEU B 736 22.91 -18.01 12.81
C LEU B 736 23.27 -17.95 14.28
N LEU B 737 23.94 -19.00 14.78
CA LEU B 737 24.39 -19.08 16.17
C LEU B 737 25.91 -19.02 16.18
N GLY B 738 26.48 -18.00 16.83
CA GLY B 738 27.93 -17.85 16.83
C GLY B 738 28.49 -17.93 18.24
N GLY B 739 29.72 -18.42 18.37
CA GLY B 739 30.34 -18.47 19.68
C GLY B 739 31.77 -18.95 19.68
N ASN B 740 32.30 -19.23 20.86
CA ASN B 740 33.67 -19.74 20.99
C ASN B 740 33.66 -21.23 21.30
N LEU B 741 34.70 -21.92 20.88
CA LEU B 741 34.88 -23.30 21.28
C LEU B 741 35.58 -23.33 22.63
N VAL B 742 34.88 -23.82 23.64
CA VAL B 742 35.42 -23.88 25.00
C VAL B 742 35.80 -25.31 25.35
N LYS B 743 36.99 -25.48 25.93
CA LYS B 743 37.50 -26.79 26.29
C LYS B 743 36.57 -27.50 27.26
N ILE B 744 36.27 -28.76 26.98
CA ILE B 744 35.56 -29.61 27.93
C ILE B 744 36.47 -29.93 29.10
N PRO B 745 36.05 -29.60 30.34
CA PRO B 745 36.88 -29.71 31.55
C PRO B 745 37.39 -31.13 31.83
#